data_6FHT
#
_entry.id   6FHT
#
_cell.length_a   286.190
_cell.length_b   108.820
_cell.length_c   67.990
_cell.angle_alpha   90.000
_cell.angle_beta   100.840
_cell.angle_gamma   90.000
#
_symmetry.space_group_name_H-M   'C 1 2 1'
#
loop_
_entity.id
_entity.type
_entity.pdbx_description
1 polymer 'Bacteriophytochrome,Adenylate cyclase'
2 non-polymer '3-[2-[(Z)-[3-(2-carboxyethyl)-5-[(Z)-(4-ethenyl-3-methyl-5-oxidanylidene-pyrrol-2-ylidene)methyl]-4-methyl-pyrrol-1-ium -2-ylidene]methyl]-5-[(Z)-[(3E)-3-ethylidene-4-methyl-5-oxidanylidene-pyrrolidin-2-ylidene]methyl]-4-methyl-1H-pyrrol-3- yl]propanoic acid'
3 non-polymer 'SULFATE ION'
4 non-polymer 'DODECAETHYLENE GLYCOL'
5 water water
#
_entity_poly.entity_id   1
_entity_poly.type   'polypeptide(L)'
_entity_poly.pdbx_seq_one_letter_code
;GAMARDPLPFFPPLYLGGPEITTENCEREPIHIPGSIQPHGALLTADGHSGEVLQMSLNAATFLGQEPTVLRGQTLAALL
PEQWPALQAALPPGCPDALQYRATLDWPAAGHLSLTVHRVGELLILEFEPTEAWDSTGPHALRNAMFALESAPNLRALAE
VATQTVRELTGFDRVMLYKFAPDATGEVIAEARREGLHAFLGHRFPASDIPAQARALYTRHLLRLTADTRAAAVPLDPVL
NPQTNAPTPLGGAVLRATSPMHMQYLRNMGVGSSLSVSVVVGGQLWGLIACHHQTPYVLPPDLRTTLEYLGRLLSLQVQV
KEAADVAAFRQSLREHHARVALAAAHSLSPHDTLSDPALDLLGLMRAGGLILRFEGRWQTLGEVPPAPAVDALLAWLETQ
PGALVQTDALGQLWPAGADLAPSAAGLLAISVGEGWSECLVWLRPELRLEVAWGGATPDQAKDDLGPRHSFDTYLEEKRG
YAEPWHPGEIEEAQDLRDTLTGALGERLSVIRVRNTFGRYLTDQVVATLLENPEGLKMGGDRRPITILTSDLRGFTSTSE
GLNPEEVVKVLNIYFGKMADVITHHGGTIDKFMGDGILVLFGAPTSQQDDALRAVACGVEMQLALREVNQQVTGLGLQPL
EMGIGINTGEVVVGNIGSEKRTKYGVVGAQVNLTYRIESYTTGGQIFISSTTLEAAGDRVHVNGNRTVQPKGVKDPVVIW
DVAGVGEPYNLSLAVEEQKYV
;
_entity_poly.pdbx_strand_id   A,B
#
# COMPACT_ATOMS: atom_id res chain seq x y z
N GLY A 1 -10.30 20.50 0.37
CA GLY A 1 -10.91 19.78 1.46
C GLY A 1 -10.81 20.55 2.77
N ALA A 2 -11.91 21.23 3.13
CA ALA A 2 -11.90 22.15 4.25
C ALA A 2 -11.61 21.47 5.59
N MET A 3 -11.78 20.15 5.68
CA MET A 3 -11.53 19.45 6.94
C MET A 3 -10.04 19.38 7.25
N ALA A 4 -9.22 18.96 6.28
CA ALA A 4 -7.77 18.91 6.43
C ALA A 4 -7.07 20.20 6.01
N ARG A 5 -7.71 21.35 6.23
CA ARG A 5 -7.10 22.67 6.04
C ARG A 5 -7.04 23.38 7.38
N ASP A 6 -5.84 23.87 7.75
CA ASP A 6 -5.61 24.61 8.98
C ASP A 6 -6.56 25.79 9.01
N PRO A 7 -6.94 26.25 10.19
CA PRO A 7 -7.67 27.52 10.28
C PRO A 7 -6.81 28.65 9.72
N LEU A 8 -7.49 29.71 9.31
CA LEU A 8 -6.82 30.96 8.98
C LEU A 8 -6.24 31.58 10.25
N PRO A 9 -5.26 32.49 10.11
CA PRO A 9 -4.78 33.23 11.29
C PRO A 9 -5.94 33.97 11.95
N PHE A 10 -6.04 33.85 13.27
CA PHE A 10 -7.11 34.59 13.93
C PHE A 10 -6.79 36.08 13.91
N PHE A 11 -7.85 36.89 14.07
CA PHE A 11 -7.75 38.32 14.30
C PHE A 11 -7.51 38.60 15.78
N PRO A 12 -7.01 39.78 16.14
CA PRO A 12 -6.85 40.09 17.57
C PRO A 12 -8.20 40.15 18.25
N PRO A 13 -8.30 39.76 19.52
CA PRO A 13 -9.60 39.79 20.21
C PRO A 13 -10.08 41.22 20.45
N LEU A 14 -11.38 41.32 20.78
CA LEU A 14 -12.02 42.62 20.85
C LEU A 14 -11.35 43.53 21.88
N TYR A 15 -11.01 42.99 23.06
CA TYR A 15 -10.42 43.77 24.13
C TYR A 15 -8.99 44.22 23.84
N LEU A 16 -8.40 43.78 22.72
CA LEU A 16 -7.14 44.34 22.23
C LEU A 16 -7.35 45.18 20.98
N GLY A 17 -8.60 45.54 20.66
CA GLY A 17 -8.90 46.39 19.54
C GLY A 17 -9.24 45.68 18.25
N GLY A 18 -9.51 44.38 18.29
CA GLY A 18 -9.81 43.61 17.10
C GLY A 18 -11.16 43.97 16.51
N PRO A 19 -11.44 43.45 15.32
CA PRO A 19 -12.69 43.81 14.65
C PRO A 19 -13.86 43.07 15.25
N GLU A 20 -15.06 43.66 15.10
CA GLU A 20 -16.27 42.96 15.47
C GLU A 20 -16.48 41.77 14.55
N ILE A 21 -17.04 40.71 15.10
CA ILE A 21 -17.18 39.46 14.38
C ILE A 21 -18.50 39.45 13.63
N THR A 22 -18.45 39.11 12.35
CA THR A 22 -19.63 38.92 11.51
C THR A 22 -19.46 37.65 10.69
N THR A 23 -20.48 37.29 9.93
CA THR A 23 -20.33 36.16 9.02
C THR A 23 -19.27 36.39 7.92
N GLU A 24 -18.75 37.60 7.79
CA GLU A 24 -17.66 37.86 6.85
C GLU A 24 -16.31 37.36 7.34
N ASN A 25 -16.13 37.22 8.66
CA ASN A 25 -14.79 36.94 9.16
C ASN A 25 -14.80 35.97 10.33
N CYS A 26 -15.86 35.22 10.52
CA CYS A 26 -15.98 34.50 11.78
C CYS A 26 -15.02 33.32 11.89
N GLU A 27 -14.45 32.86 10.78
CA GLU A 27 -13.37 31.87 10.84
C GLU A 27 -12.09 32.46 11.43
N ARG A 28 -12.05 33.77 11.66
CA ARG A 28 -10.91 34.40 12.29
C ARG A 28 -11.17 34.84 13.74
N GLU A 29 -12.34 34.52 14.30
CA GLU A 29 -12.58 34.85 15.69
C GLU A 29 -11.62 34.05 16.55
N PRO A 30 -10.84 34.70 17.44
CA PRO A 30 -9.96 33.95 18.34
C PRO A 30 -10.74 33.42 19.55
N ILE A 31 -11.56 32.40 19.29
CA ILE A 31 -12.43 31.83 20.31
C ILE A 31 -11.66 31.23 21.48
N HIS A 32 -10.36 30.96 21.33
CA HIS A 32 -9.63 30.38 22.45
C HIS A 32 -9.19 31.42 23.49
N ILE A 33 -9.35 32.71 23.25
CA ILE A 33 -8.84 33.72 24.18
C ILE A 33 -9.90 34.79 24.46
N PRO A 34 -11.08 34.40 24.95
CA PRO A 34 -12.13 35.40 25.15
C PRO A 34 -11.93 36.32 26.35
N GLY A 35 -10.96 36.04 27.22
CA GLY A 35 -10.78 36.85 28.41
C GLY A 35 -11.89 36.75 29.42
N SER A 36 -12.75 35.73 29.32
CA SER A 36 -13.94 35.68 30.15
C SER A 36 -14.45 34.26 30.24
N ILE A 37 -15.32 33.99 31.21
CA ILE A 37 -15.79 32.65 31.50
C ILE A 37 -17.30 32.65 31.65
N GLN A 38 -17.87 31.46 31.69
CA GLN A 38 -19.30 31.30 31.97
C GLN A 38 -19.57 31.42 33.47
N PRO A 39 -20.73 31.93 33.87
CA PRO A 39 -20.95 32.29 35.28
C PRO A 39 -21.30 31.15 36.23
N HIS A 40 -21.36 29.89 35.81
CA HIS A 40 -21.63 28.82 36.78
C HIS A 40 -20.34 28.26 37.37
N GLY A 41 -19.21 28.89 37.09
CA GLY A 41 -18.02 28.54 37.84
C GLY A 41 -17.13 29.74 38.05
N ALA A 42 -15.92 29.52 38.56
CA ALA A 42 -14.95 30.57 38.82
C ALA A 42 -13.58 30.08 38.37
N LEU A 43 -12.71 31.03 38.00
CA LEU A 43 -11.43 30.64 37.42
C LEU A 43 -10.32 31.52 37.97
N LEU A 44 -9.21 30.89 38.35
CA LEU A 44 -7.97 31.57 38.74
C LEU A 44 -6.87 31.18 37.78
N THR A 45 -5.89 32.06 37.60
CA THR A 45 -4.62 31.68 36.98
C THR A 45 -3.49 32.01 37.96
N ALA A 46 -2.49 31.14 38.02
CA ALA A 46 -1.39 31.33 38.94
C ALA A 46 -0.08 31.03 38.25
N ASP A 47 0.99 31.60 38.80
CA ASP A 47 2.32 31.31 38.30
C ASP A 47 2.66 29.85 38.54
N GLY A 48 3.26 29.21 37.53
CA GLY A 48 3.48 27.78 37.56
C GLY A 48 4.56 27.33 38.53
N HIS A 49 5.41 28.24 38.97
CA HIS A 49 6.48 27.90 39.91
C HIS A 49 6.21 28.41 41.32
N SER A 50 5.81 29.67 41.49
CA SER A 50 5.60 30.22 42.82
C SER A 50 4.19 30.03 43.33
N GLY A 51 3.25 29.72 42.45
CA GLY A 51 1.87 29.64 42.86
C GLY A 51 1.22 30.97 43.14
N GLU A 52 1.87 32.09 42.83
CA GLU A 52 1.25 33.39 43.02
C GLU A 52 0.02 33.50 42.12
N VAL A 53 -1.09 33.96 42.69
CA VAL A 53 -2.32 34.11 41.93
C VAL A 53 -2.24 35.38 41.11
N LEU A 54 -2.53 35.26 39.81
CA LEU A 54 -2.29 36.31 38.81
C LEU A 54 -3.57 36.88 38.22
N GLN A 55 -4.57 36.06 37.91
CA GLN A 55 -5.86 36.55 37.46
C GLN A 55 -6.96 35.77 38.17
N MET A 56 -8.10 36.43 38.34
CA MET A 56 -9.31 35.83 38.85
C MET A 56 -10.47 36.31 38.00
N SER A 57 -11.45 35.44 37.80
CA SER A 57 -12.71 35.92 37.24
C SER A 57 -13.39 36.82 38.27
N LEU A 58 -14.24 37.73 37.78
CA LEU A 58 -14.78 38.75 38.66
C LEU A 58 -15.72 38.18 39.72
N ASN A 59 -16.16 36.93 39.55
CA ASN A 59 -17.09 36.32 40.47
C ASN A 59 -16.38 35.42 41.47
N ALA A 60 -15.04 35.48 41.54
CA ALA A 60 -14.28 34.46 42.25
C ALA A 60 -14.53 34.50 43.75
N ALA A 61 -14.83 35.68 44.30
CA ALA A 61 -15.08 35.80 45.72
C ALA A 61 -16.39 35.12 46.12
N THR A 62 -17.48 35.47 45.44
CA THR A 62 -18.74 34.78 45.61
C THR A 62 -18.59 33.26 45.56
N PHE A 63 -17.69 32.76 44.71
CA PHE A 63 -17.54 31.32 44.59
C PHE A 63 -16.66 30.72 45.66
N LEU A 64 -15.50 31.33 45.90
CA LEU A 64 -14.53 30.72 46.78
C LEU A 64 -14.77 31.07 48.23
N GLY A 65 -15.60 32.08 48.51
CA GLY A 65 -15.86 32.50 49.87
C GLY A 65 -14.82 33.42 50.46
N GLN A 66 -14.05 34.12 49.63
CA GLN A 66 -13.03 35.05 50.12
C GLN A 66 -12.96 36.26 49.21
N GLU A 67 -12.94 37.47 49.81
CA GLU A 67 -12.91 38.70 49.04
C GLU A 67 -11.69 38.74 48.11
N PRO A 68 -11.73 39.56 47.06
CA PRO A 68 -10.66 39.45 46.04
C PRO A 68 -9.26 39.74 46.56
N THR A 69 -9.08 40.71 47.47
CA THR A 69 -7.72 41.06 47.88
C THR A 69 -7.05 39.94 48.68
N VAL A 70 -7.82 39.17 49.46
CA VAL A 70 -7.19 38.05 50.14
C VAL A 70 -6.86 36.93 49.15
N LEU A 71 -7.59 36.84 48.03
CA LEU A 71 -7.28 35.84 47.01
C LEU A 71 -6.13 36.29 46.11
N ARG A 72 -6.23 37.51 45.57
CA ARG A 72 -5.21 38.04 44.70
C ARG A 72 -3.90 38.19 45.45
N GLY A 73 -2.79 37.83 44.78
CA GLY A 73 -1.49 37.90 45.39
C GLY A 73 -1.26 36.95 46.54
N GLN A 74 -2.25 36.15 46.92
CA GLN A 74 -1.99 35.00 47.78
C GLN A 74 -1.35 33.88 46.95
N THR A 75 -0.80 32.90 47.64
CA THR A 75 -0.10 31.81 46.99
C THR A 75 -0.95 30.55 47.07
N LEU A 76 -0.93 29.76 45.99
CA LEU A 76 -1.66 28.49 45.99
C LEU A 76 -1.20 27.57 47.11
N ALA A 77 0.07 27.69 47.51
CA ALA A 77 0.55 26.94 48.66
C ALA A 77 -0.30 27.23 49.89
N ALA A 78 -0.61 28.51 50.13
CA ALA A 78 -1.41 28.84 51.30
C ALA A 78 -2.89 28.51 51.06
N LEU A 79 -3.35 28.69 49.83
CA LEU A 79 -4.77 28.51 49.55
C LEU A 79 -5.17 27.05 49.35
N LEU A 80 -4.29 26.22 48.78
CA LEU A 80 -4.56 24.81 48.52
C LEU A 80 -3.48 23.99 49.22
N PRO A 81 -3.47 23.96 50.55
CA PRO A 81 -2.32 23.35 51.24
C PRO A 81 -2.17 21.86 51.00
N GLU A 82 -3.26 21.13 50.76
CA GLU A 82 -3.11 19.76 50.32
C GLU A 82 -2.95 19.64 48.81
N GLN A 83 -3.69 20.45 48.03
CA GLN A 83 -3.73 20.26 46.59
C GLN A 83 -2.53 20.87 45.88
N TRP A 84 -1.83 21.82 46.49
CA TRP A 84 -0.70 22.43 45.80
C TRP A 84 0.41 21.44 45.52
N PRO A 85 0.90 20.65 46.49
CA PRO A 85 1.90 19.63 46.13
C PRO A 85 1.37 18.59 45.15
N ALA A 86 0.09 18.25 45.23
CA ALA A 86 -0.46 17.25 44.31
C ALA A 86 -0.50 17.76 42.88
N LEU A 87 -1.10 18.94 42.66
CA LEU A 87 -1.24 19.43 41.30
C LEU A 87 0.11 19.76 40.69
N GLN A 88 1.12 20.13 41.49
CA GLN A 88 2.46 20.29 40.93
C GLN A 88 3.02 18.96 40.46
N ALA A 89 2.79 17.90 41.22
CA ALA A 89 3.31 16.60 40.80
C ALA A 89 2.59 16.10 39.55
N ALA A 90 1.29 16.37 39.43
CA ALA A 90 0.53 15.92 38.28
C ALA A 90 0.79 16.78 37.04
N LEU A 91 1.18 18.04 37.19
CA LEU A 91 1.29 19.00 36.08
C LEU A 91 2.70 19.60 36.03
N PRO A 92 3.70 18.79 35.69
CA PRO A 92 5.08 19.27 35.78
C PRO A 92 5.39 20.25 34.67
N PRO A 93 6.36 21.15 34.87
CA PRO A 93 6.71 22.12 33.82
C PRO A 93 6.98 21.43 32.49
N GLY A 94 6.34 21.94 31.44
CA GLY A 94 6.52 21.40 30.11
C GLY A 94 5.45 20.43 29.64
N CYS A 95 4.57 19.97 30.53
CA CYS A 95 3.55 19.00 30.16
C CYS A 95 2.56 19.59 29.16
N PRO A 96 1.88 18.73 28.39
CA PRO A 96 0.87 19.22 27.43
C PRO A 96 -0.23 20.02 28.12
N ASP A 97 -0.77 21.00 27.39
CA ASP A 97 -1.90 21.73 27.96
C ASP A 97 -3.19 20.90 27.97
N ALA A 98 -3.23 19.82 27.19
CA ALA A 98 -4.35 18.88 27.26
C ALA A 98 -4.44 18.19 28.61
N LEU A 99 -3.30 17.99 29.28
CA LEU A 99 -3.24 17.23 30.53
C LEU A 99 -4.01 17.95 31.63
N GLN A 100 -5.00 17.28 32.21
CA GLN A 100 -5.82 17.86 33.27
C GLN A 100 -5.67 17.08 34.58
N TYR A 101 -5.73 17.79 35.69
CA TYR A 101 -5.78 17.17 37.00
C TYR A 101 -6.99 17.72 37.73
N ARG A 102 -7.70 16.83 38.44
CA ARG A 102 -8.91 17.24 39.14
C ARG A 102 -8.88 16.71 40.56
N ALA A 103 -9.43 17.50 41.48
CA ALA A 103 -9.61 17.12 42.88
C ALA A 103 -10.91 17.73 43.39
N THR A 104 -11.38 17.23 44.54
CA THR A 104 -12.52 17.80 45.21
C THR A 104 -12.08 18.60 46.41
N LEU A 105 -12.69 19.76 46.62
CA LEU A 105 -12.44 20.61 47.79
C LEU A 105 -13.68 20.71 48.65
N ASP A 106 -13.48 20.85 49.95
CA ASP A 106 -14.58 21.08 50.88
C ASP A 106 -14.33 22.40 51.60
N TRP A 107 -15.06 23.45 51.23
CA TRP A 107 -14.77 24.75 51.82
C TRP A 107 -15.99 25.37 52.48
N PRO A 108 -15.80 26.19 53.53
CA PRO A 108 -16.93 26.86 54.16
C PRO A 108 -17.48 28.01 53.32
N ALA A 109 -18.80 28.19 53.39
CA ALA A 109 -19.55 29.08 52.50
C ALA A 109 -19.40 28.68 51.03
N ALA A 110 -18.97 27.43 50.77
CA ALA A 110 -18.66 27.00 49.42
C ALA A 110 -19.05 25.56 49.09
N GLY A 111 -19.50 24.75 50.05
CA GLY A 111 -19.86 23.35 49.85
C GLY A 111 -18.70 22.51 49.31
N HIS A 112 -19.03 21.47 48.56
CA HIS A 112 -18.00 20.73 47.82
C HIS A 112 -17.77 21.41 46.49
N LEU A 113 -16.49 21.64 46.17
CA LEU A 113 -16.07 22.22 44.90
C LEU A 113 -15.23 21.22 44.13
N SER A 114 -15.47 21.16 42.82
CA SER A 114 -14.58 20.49 41.90
C SER A 114 -13.51 21.47 41.43
N LEU A 115 -12.26 21.06 41.53
CA LEU A 115 -11.13 21.88 41.09
C LEU A 115 -10.47 21.16 39.92
N THR A 116 -10.49 21.78 38.73
CA THR A 116 -9.81 21.23 37.55
C THR A 116 -8.65 22.15 37.16
N VAL A 117 -7.46 21.56 37.03
CA VAL A 117 -6.23 22.31 36.82
C VAL A 117 -5.56 21.82 35.53
N HIS A 118 -4.94 22.76 34.81
CA HIS A 118 -4.06 22.41 33.71
C HIS A 118 -3.07 23.54 33.51
N ARG A 119 -1.99 23.24 32.76
CA ARG A 119 -0.84 24.12 32.62
C ARG A 119 -0.69 24.58 31.18
N VAL A 120 -0.65 25.90 30.98
CA VAL A 120 -0.32 26.51 29.70
C VAL A 120 0.97 27.30 29.89
N GLY A 121 2.06 26.79 29.33
CA GLY A 121 3.34 27.46 29.48
C GLY A 121 3.76 27.52 30.92
N GLU A 122 4.00 28.74 31.41
CA GLU A 122 4.40 28.95 32.80
C GLU A 122 3.21 29.31 33.68
N LEU A 123 2.00 29.05 33.21
CA LEU A 123 0.78 29.47 33.86
C LEU A 123 -0.05 28.23 34.24
N LEU A 124 -0.56 28.21 35.48
CA LEU A 124 -1.56 27.21 35.89
C LEU A 124 -2.94 27.82 35.81
N ILE A 125 -3.90 27.08 35.26
CA ILE A 125 -5.28 27.52 35.15
C ILE A 125 -6.18 26.62 36.02
N LEU A 126 -6.88 27.24 36.96
CA LEU A 126 -7.68 26.54 37.96
C LEU A 126 -9.14 26.88 37.75
N GLU A 127 -9.98 25.85 37.61
CA GLU A 127 -11.41 26.02 37.45
C GLU A 127 -12.12 25.42 38.67
N PHE A 128 -13.07 26.18 39.21
CA PHE A 128 -13.81 25.80 40.40
C PHE A 128 -15.28 25.67 40.00
N GLU A 129 -15.90 24.56 40.42
CA GLU A 129 -17.31 24.32 40.14
C GLU A 129 -17.97 23.67 41.34
N PRO A 130 -19.21 24.02 41.62
CA PRO A 130 -20.02 23.20 42.53
C PRO A 130 -20.04 21.76 42.03
N THR A 131 -19.85 20.82 42.94
CA THR A 131 -19.95 19.41 42.63
C THR A 131 -20.76 18.71 43.74
N GLU A 132 -20.83 17.39 43.69
CA GLU A 132 -21.73 16.63 44.55
C GLU A 132 -20.96 15.85 45.62
N ALA A 133 -21.62 15.65 46.76
CA ALA A 133 -21.10 14.68 47.71
C ALA A 133 -21.02 13.32 47.04
N TRP A 134 -19.83 12.72 47.03
CA TRP A 134 -19.64 11.45 46.34
C TRP A 134 -20.46 10.33 46.99
N ASP A 135 -21.37 9.73 46.21
CA ASP A 135 -22.20 8.65 46.77
C ASP A 135 -22.49 7.55 45.76
N SER A 136 -21.70 7.44 44.69
CA SER A 136 -21.99 6.46 43.65
C SER A 136 -21.80 5.03 44.15
N THR A 137 -22.68 4.13 43.70
CA THR A 137 -22.51 2.71 44.04
C THR A 137 -21.54 1.99 43.11
N GLY A 138 -20.95 2.69 42.13
CA GLY A 138 -20.08 2.08 41.16
C GLY A 138 -20.42 2.55 39.76
N PRO A 139 -19.48 2.44 38.84
CA PRO A 139 -19.73 2.98 37.48
C PRO A 139 -20.51 2.02 36.59
N HIS A 140 -21.74 1.67 37.03
CA HIS A 140 -22.58 0.68 36.33
C HIS A 140 -23.07 1.18 34.99
N ALA A 141 -23.45 2.46 34.89
CA ALA A 141 -23.94 2.98 33.61
C ALA A 141 -22.82 2.97 32.58
N LEU A 142 -21.61 3.32 33.01
CA LEU A 142 -20.46 3.26 32.13
C LEU A 142 -20.19 1.84 31.64
N ARG A 143 -20.11 0.88 32.57
CA ARG A 143 -19.82 -0.51 32.19
C ARG A 143 -20.85 -1.04 31.21
N ASN A 144 -22.13 -0.79 31.49
CA ASN A 144 -23.20 -1.25 30.59
C ASN A 144 -23.11 -0.57 29.23
N ALA A 145 -22.89 0.76 29.21
CA ALA A 145 -22.69 1.47 27.95
C ALA A 145 -21.50 0.89 27.17
N MET A 146 -20.38 0.70 27.87
CA MET A 146 -19.17 0.20 27.25
C MET A 146 -19.42 -1.11 26.50
N PHE A 147 -20.08 -2.08 27.15
CA PHE A 147 -20.32 -3.34 26.43
C PHE A 147 -21.36 -3.15 25.33
N ALA A 148 -22.31 -2.25 25.52
CA ALA A 148 -23.34 -2.06 24.50
C ALA A 148 -22.74 -1.46 23.23
N LEU A 149 -21.79 -0.53 23.37
CA LEU A 149 -21.08 0.01 22.20
C LEU A 149 -20.25 -1.06 21.51
N GLU A 150 -19.54 -1.87 22.30
CA GLU A 150 -18.69 -2.88 21.67
C GLU A 150 -19.50 -3.91 20.88
N SER A 151 -20.73 -4.22 21.30
CA SER A 151 -21.51 -5.24 20.62
C SER A 151 -22.37 -4.71 19.48
N ALA A 152 -22.38 -3.39 19.26
CA ALA A 152 -23.14 -2.82 18.16
C ALA A 152 -22.73 -3.48 16.85
N PRO A 153 -23.67 -3.97 16.03
CA PRO A 153 -23.28 -4.74 14.82
C PRO A 153 -22.73 -3.89 13.69
N ASN A 154 -22.99 -2.59 13.65
CA ASN A 154 -22.56 -1.77 12.54
C ASN A 154 -22.47 -0.33 13.01
N LEU A 155 -22.00 0.54 12.12
CA LEU A 155 -21.75 1.92 12.50
C LEU A 155 -23.05 2.64 12.81
N ARG A 156 -24.10 2.43 12.00
CA ARG A 156 -25.41 3.01 12.31
C ARG A 156 -25.88 2.59 13.70
N ALA A 157 -25.78 1.29 14.01
CA ALA A 157 -26.24 0.81 15.31
C ALA A 157 -25.39 1.37 16.45
N LEU A 158 -24.08 1.50 16.22
CA LEU A 158 -23.19 2.11 17.20
C LEU A 158 -23.63 3.53 17.53
N ALA A 159 -23.93 4.31 16.49
CA ALA A 159 -24.42 5.67 16.66
C ALA A 159 -25.72 5.71 17.45
N GLU A 160 -26.57 4.70 17.27
CA GLU A 160 -27.84 4.67 17.96
C GLU A 160 -27.65 4.40 19.46
N VAL A 161 -26.79 3.44 19.81
CA VAL A 161 -26.46 3.20 21.22
C VAL A 161 -25.88 4.45 21.88
N ALA A 162 -24.98 5.15 21.18
CA ALA A 162 -24.27 6.27 21.77
C ALA A 162 -25.23 7.39 22.15
N THR A 163 -26.09 7.80 21.20
CA THR A 163 -27.04 8.87 21.46
C THR A 163 -28.08 8.44 22.47
N GLN A 164 -28.59 7.21 22.33
CA GLN A 164 -29.55 6.69 23.29
C GLN A 164 -28.99 6.72 24.71
N THR A 165 -27.76 6.22 24.88
CA THR A 165 -27.15 6.13 26.20
C THR A 165 -26.87 7.50 26.80
N VAL A 166 -26.36 8.43 25.98
CA VAL A 166 -26.03 9.77 26.45
C VAL A 166 -27.29 10.50 26.88
N ARG A 167 -28.36 10.37 26.10
CA ARG A 167 -29.64 10.96 26.52
C ARG A 167 -30.14 10.34 27.84
N GLU A 168 -30.03 9.02 28.00
CA GLU A 168 -30.44 8.41 29.28
C GLU A 168 -29.56 8.87 30.44
N LEU A 169 -28.26 9.05 30.19
CA LEU A 169 -27.37 9.44 31.28
C LEU A 169 -27.60 10.87 31.72
N THR A 170 -27.98 11.75 30.77
CA THR A 170 -27.97 13.20 30.96
C THR A 170 -29.34 13.81 31.05
N GLY A 171 -30.34 13.24 30.39
CA GLY A 171 -31.63 13.88 30.32
C GLY A 171 -31.77 14.93 29.23
N PHE A 172 -30.71 15.18 28.45
CA PHE A 172 -30.74 16.15 27.37
C PHE A 172 -31.92 15.93 26.43
N ASP A 173 -32.60 17.03 26.09
CA ASP A 173 -33.73 17.00 25.20
C ASP A 173 -33.35 16.53 23.80
N ARG A 174 -32.10 16.69 23.41
CA ARG A 174 -31.66 16.23 22.11
C ARG A 174 -30.20 15.82 22.21
N VAL A 175 -29.90 14.64 21.69
CA VAL A 175 -28.53 14.14 21.60
C VAL A 175 -28.33 13.60 20.19
N MET A 176 -27.26 14.05 19.53
CA MET A 176 -26.99 13.69 18.15
C MET A 176 -25.59 13.10 18.02
N LEU A 177 -25.39 12.27 16.99
CA LEU A 177 -24.06 11.94 16.51
C LEU A 177 -23.89 12.71 15.20
N TYR A 178 -22.87 13.55 15.12
CA TYR A 178 -22.68 14.47 14.01
C TYR A 178 -21.37 14.09 13.33
N LYS A 179 -21.45 13.63 12.08
CA LYS A 179 -20.32 13.05 11.37
C LYS A 179 -19.87 13.99 10.27
N PHE A 180 -18.58 14.35 10.28
CA PHE A 180 -18.05 15.26 9.27
C PHE A 180 -17.71 14.53 7.98
N ALA A 181 -18.00 15.17 6.85
CA ALA A 181 -17.53 14.77 5.53
C ALA A 181 -16.17 15.39 5.27
N PRO A 182 -15.45 14.95 4.24
CA PRO A 182 -14.14 15.56 3.96
C PRO A 182 -14.20 17.04 3.60
N ASP A 183 -15.35 17.55 3.11
CA ASP A 183 -15.51 18.98 2.85
C ASP A 183 -15.92 19.77 4.09
N ALA A 184 -15.95 19.12 5.25
CA ALA A 184 -16.30 19.69 6.55
C ALA A 184 -17.79 20.03 6.68
N THR A 185 -18.64 19.74 5.70
CA THR A 185 -20.05 19.66 6.04
C THR A 185 -20.27 18.45 6.95
N GLY A 186 -21.37 18.48 7.71
CA GLY A 186 -21.67 17.44 8.64
C GLY A 186 -23.10 16.95 8.46
N GLU A 187 -23.34 15.74 8.97
CA GLU A 187 -24.65 15.11 8.85
C GLU A 187 -25.00 14.46 10.18
N VAL A 188 -26.25 14.64 10.61
CA VAL A 188 -26.76 14.02 11.84
C VAL A 188 -27.12 12.58 11.46
N ILE A 189 -26.26 11.62 11.84
CA ILE A 189 -26.49 10.23 11.47
C ILE A 189 -27.22 9.45 12.56
N ALA A 190 -27.34 9.98 13.78
CA ALA A 190 -28.24 9.41 14.76
C ALA A 190 -28.77 10.51 15.68
N GLU A 191 -29.96 10.28 16.22
CA GLU A 191 -30.62 11.29 17.04
C GLU A 191 -31.53 10.63 18.07
N ALA A 192 -31.41 11.06 19.32
CA ALA A 192 -32.38 10.74 20.37
C ALA A 192 -32.92 12.06 20.94
N ARG A 193 -34.24 12.24 20.92
CA ARG A 193 -34.80 13.55 21.16
C ARG A 193 -36.21 13.44 21.75
N ARG A 194 -36.60 14.51 22.45
CA ARG A 194 -37.99 14.77 22.84
C ARG A 194 -38.92 14.70 21.64
N GLU A 195 -40.15 14.22 21.88
CA GLU A 195 -41.10 14.05 20.78
C GLU A 195 -41.52 15.39 20.19
N GLY A 196 -41.54 16.46 20.99
CA GLY A 196 -41.98 17.74 20.49
C GLY A 196 -40.92 18.52 19.76
N LEU A 197 -39.69 18.01 19.70
CA LEU A 197 -38.61 18.66 18.99
C LEU A 197 -38.56 18.20 17.53
N HIS A 198 -38.44 19.16 16.64
CA HIS A 198 -38.21 18.90 15.22
C HIS A 198 -36.96 18.05 15.04
N ALA A 199 -37.05 17.05 14.17
CA ALA A 199 -35.95 16.13 13.95
C ALA A 199 -34.89 16.72 13.02
N PHE A 200 -33.63 16.57 13.40
CA PHE A 200 -32.51 16.88 12.54
C PHE A 200 -31.90 15.66 11.87
N LEU A 201 -32.34 14.45 12.24
CA LEU A 201 -31.76 13.22 11.70
C LEU A 201 -31.76 13.27 10.18
N GLY A 202 -30.63 12.89 9.59
CA GLY A 202 -30.51 12.82 8.14
C GLY A 202 -30.20 14.14 7.46
N HIS A 203 -30.12 15.24 8.22
CA HIS A 203 -29.88 16.54 7.64
C HIS A 203 -28.39 16.82 7.55
N ARG A 204 -27.97 17.46 6.45
CA ARG A 204 -26.62 17.97 6.33
C ARG A 204 -26.60 19.45 6.68
N PHE A 205 -25.47 19.89 7.25
CA PHE A 205 -25.28 21.26 7.67
C PHE A 205 -24.01 21.81 7.06
N PRO A 206 -23.98 23.10 6.70
CA PRO A 206 -22.80 23.66 6.04
C PRO A 206 -21.55 23.60 6.92
N ALA A 207 -20.40 23.50 6.26
CA ALA A 207 -19.11 23.50 6.97
C ALA A 207 -18.99 24.71 7.87
N SER A 208 -19.49 25.87 7.43
CA SER A 208 -19.33 27.09 8.19
C SER A 208 -20.09 27.08 9.51
N ASP A 209 -21.01 26.15 9.75
CA ASP A 209 -21.69 26.13 11.04
C ASP A 209 -20.73 25.81 12.17
N ILE A 210 -19.69 25.03 11.91
CA ILE A 210 -18.60 24.83 12.85
C ILE A 210 -17.31 25.23 12.15
N PRO A 211 -16.84 26.45 12.37
CA PRO A 211 -15.74 26.98 11.56
C PRO A 211 -14.43 26.26 11.84
N ALA A 212 -13.46 26.49 10.95
CA ALA A 212 -12.24 25.69 10.97
C ALA A 212 -11.47 25.83 12.28
N GLN A 213 -11.57 26.99 12.95
CA GLN A 213 -10.79 27.11 14.17
C GLN A 213 -11.53 26.50 15.36
N ALA A 214 -12.85 26.39 15.30
CA ALA A 214 -13.53 25.54 16.28
C ALA A 214 -13.21 24.07 16.06
N ARG A 215 -13.14 23.62 14.80
CA ARG A 215 -12.85 22.20 14.53
C ARG A 215 -11.42 21.86 14.99
N ALA A 216 -10.46 22.76 14.73
CA ALA A 216 -9.09 22.55 15.19
C ALA A 216 -9.02 22.47 16.70
N LEU A 217 -9.64 23.42 17.39
CA LEU A 217 -9.64 23.39 18.85
C LEU A 217 -10.33 22.13 19.36
N TYR A 218 -11.40 21.69 18.68
CA TYR A 218 -12.12 20.49 19.13
C TYR A 218 -11.33 19.21 18.91
N THR A 219 -10.19 19.28 18.24
CA THR A 219 -9.36 18.10 18.01
C THR A 219 -8.36 17.90 19.13
N ARG A 220 -8.17 18.92 19.96
CA ARG A 220 -7.22 18.85 21.04
C ARG A 220 -7.90 18.80 22.40
N HIS A 221 -8.97 19.57 22.58
CA HIS A 221 -9.73 19.68 23.81
C HIS A 221 -11.12 19.13 23.53
N LEU A 222 -11.46 18.00 24.15
CA LEU A 222 -12.46 17.11 23.58
C LEU A 222 -13.87 17.37 24.08
N LEU A 223 -14.07 18.35 24.96
CA LEU A 223 -15.39 18.69 25.47
C LEU A 223 -15.51 20.21 25.63
N ARG A 224 -16.66 20.76 25.24
CA ARG A 224 -16.99 22.15 25.48
C ARG A 224 -18.50 22.26 25.60
N LEU A 225 -18.97 23.30 26.29
CA LEU A 225 -20.39 23.44 26.56
C LEU A 225 -20.77 24.92 26.63
N THR A 226 -22.08 25.18 26.43
CA THR A 226 -22.74 26.42 26.83
C THR A 226 -23.88 26.06 27.76
N ALA A 227 -23.71 26.32 29.06
CA ALA A 227 -24.63 25.82 30.09
C ALA A 227 -25.98 26.52 30.04
N ASP A 228 -25.97 27.83 29.79
CA ASP A 228 -27.14 28.68 29.63
C ASP A 228 -26.80 29.62 28.48
N THR A 229 -27.55 29.51 27.37
CA THR A 229 -27.27 30.32 26.17
C THR A 229 -27.70 31.78 26.32
N ARG A 230 -28.26 32.19 27.45
CA ARG A 230 -28.53 33.60 27.71
C ARG A 230 -27.68 34.14 28.86
N ALA A 231 -26.75 33.34 29.38
CA ALA A 231 -25.96 33.78 30.52
C ALA A 231 -24.81 34.65 30.04
N ALA A 232 -24.56 35.73 30.78
CA ALA A 232 -23.52 36.67 30.42
C ALA A 232 -22.16 36.17 30.87
N ALA A 233 -21.15 36.40 30.04
CA ALA A 233 -19.77 36.08 30.38
C ALA A 233 -19.30 36.90 31.58
N VAL A 234 -18.30 36.36 32.28
CA VAL A 234 -17.70 36.99 33.44
C VAL A 234 -16.24 37.27 33.11
N PRO A 235 -15.84 38.54 33.08
CA PRO A 235 -14.45 38.88 32.69
C PRO A 235 -13.40 38.25 33.61
N LEU A 236 -12.25 37.97 33.03
CA LEU A 236 -11.06 37.74 33.84
C LEU A 236 -10.46 39.07 34.27
N ASP A 237 -9.89 39.11 35.46
CA ASP A 237 -9.26 40.34 35.97
C ASP A 237 -7.88 40.08 36.55
N PRO A 238 -6.81 40.69 36.01
CA PRO A 238 -6.83 41.46 34.76
C PRO A 238 -7.04 40.53 33.58
N VAL A 239 -7.43 41.09 32.44
CA VAL A 239 -7.78 40.26 31.30
C VAL A 239 -6.55 39.64 30.69
N LEU A 240 -5.42 40.36 30.70
CA LEU A 240 -4.17 39.86 30.15
C LEU A 240 -3.37 39.20 31.26
N ASN A 241 -2.73 38.09 30.93
CA ASN A 241 -1.77 37.45 31.82
C ASN A 241 -0.61 38.40 32.07
N PRO A 242 -0.34 38.80 33.32
CA PRO A 242 0.80 39.69 33.59
C PRO A 242 2.17 39.08 33.30
N GLN A 243 2.30 37.75 33.23
CA GLN A 243 3.58 37.16 32.87
C GLN A 243 4.02 37.59 31.48
N THR A 244 3.05 37.73 30.58
CA THR A 244 3.30 37.94 29.16
C THR A 244 2.73 39.26 28.64
N ASN A 245 1.89 39.95 29.40
CA ASN A 245 1.07 41.06 28.87
C ASN A 245 0.35 40.65 27.58
N ALA A 246 -0.14 39.41 27.54
CA ALA A 246 -0.78 38.81 26.39
C ALA A 246 -1.99 38.00 26.84
N PRO A 247 -2.90 37.68 25.93
CA PRO A 247 -4.14 36.99 26.33
C PRO A 247 -3.89 35.65 27.01
N THR A 248 -4.84 35.23 27.83
CA THR A 248 -4.70 33.96 28.54
C THR A 248 -5.35 32.86 27.72
N PRO A 249 -4.62 31.83 27.32
CA PRO A 249 -5.23 30.78 26.49
C PRO A 249 -6.20 29.95 27.34
N LEU A 250 -7.48 29.93 26.93
CA LEU A 250 -8.54 29.26 27.67
C LEU A 250 -9.13 28.08 26.91
N GLY A 251 -8.53 27.69 25.78
CA GLY A 251 -9.06 26.60 24.98
C GLY A 251 -9.29 25.33 25.77
N GLY A 252 -8.43 25.05 26.75
CA GLY A 252 -8.44 23.90 27.62
C GLY A 252 -9.24 24.03 28.89
N ALA A 253 -10.00 25.10 29.06
CA ALA A 253 -10.85 25.27 30.22
C ALA A 253 -12.29 25.11 29.78
N VAL A 254 -13.04 24.24 30.48
CA VAL A 254 -14.45 24.04 30.15
C VAL A 254 -15.24 25.31 30.43
N LEU A 255 -14.75 26.16 31.35
CA LEU A 255 -15.50 27.37 31.69
C LEU A 255 -15.32 28.48 30.67
N ARG A 256 -14.49 28.27 29.65
CA ARG A 256 -14.26 29.30 28.63
C ARG A 256 -15.57 29.82 28.07
N ALA A 257 -15.72 31.14 28.05
CA ALA A 257 -16.91 31.73 27.46
C ALA A 257 -17.05 31.31 26.00
N THR A 258 -18.28 31.01 25.60
CA THR A 258 -18.59 30.56 24.25
C THR A 258 -18.62 31.73 23.30
N SER A 259 -18.17 31.50 22.07
CA SER A 259 -18.20 32.53 21.05
C SER A 259 -19.58 33.18 20.98
N PRO A 260 -19.66 34.52 21.03
CA PRO A 260 -20.96 35.18 20.87
C PRO A 260 -21.69 34.80 19.58
N MET A 261 -20.98 34.67 18.47
CA MET A 261 -21.63 34.23 17.24
C MET A 261 -22.37 32.92 17.44
N HIS A 262 -21.77 31.98 18.17
CA HIS A 262 -22.39 30.67 18.36
C HIS A 262 -23.56 30.76 19.33
N MET A 263 -23.41 31.55 20.41
CA MET A 263 -24.53 31.81 21.31
C MET A 263 -25.77 32.27 20.56
N GLN A 264 -25.59 33.17 19.58
CA GLN A 264 -26.72 33.65 18.80
C GLN A 264 -27.30 32.55 17.92
N TYR A 265 -26.43 31.71 17.35
CA TYR A 265 -26.90 30.54 16.60
C TYR A 265 -27.77 29.63 17.47
N LEU A 266 -27.30 29.31 18.68
CA LEU A 266 -28.08 28.47 19.60
C LEU A 266 -29.41 29.10 19.96
N ARG A 267 -29.41 30.40 20.27
CA ARG A 267 -30.67 31.09 20.54
C ARG A 267 -31.59 31.04 19.33
N ASN A 268 -31.05 31.35 18.15
CA ASN A 268 -31.86 31.28 16.93
C ASN A 268 -32.43 29.89 16.69
N MET A 269 -31.70 28.87 17.08
CA MET A 269 -32.15 27.49 16.98
C MET A 269 -33.09 27.10 18.12
N GLY A 270 -33.31 28.00 19.10
CA GLY A 270 -34.16 27.70 20.23
C GLY A 270 -33.54 26.79 21.26
N VAL A 271 -32.22 26.80 21.40
CA VAL A 271 -31.49 25.98 22.35
C VAL A 271 -31.16 26.77 23.61
N GLY A 272 -31.35 26.14 24.78
CA GLY A 272 -31.14 26.77 26.08
C GLY A 272 -29.82 26.33 26.67
N SER A 273 -29.35 25.14 26.28
CA SER A 273 -28.08 24.64 26.77
C SER A 273 -27.46 23.71 25.74
N SER A 274 -26.13 23.65 25.74
CA SER A 274 -25.41 22.96 24.69
C SER A 274 -24.17 22.32 25.27
N LEU A 275 -23.77 21.22 24.64
CA LEU A 275 -22.60 20.46 25.03
C LEU A 275 -22.31 19.51 23.90
N SER A 276 -21.03 19.37 23.57
CA SER A 276 -20.63 18.39 22.57
C SER A 276 -19.34 17.78 23.04
N VAL A 277 -19.12 16.55 22.58
CA VAL A 277 -17.94 15.76 22.86
C VAL A 277 -17.34 15.34 21.53
N SER A 278 -16.03 15.49 21.40
CA SER A 278 -15.32 15.15 20.18
C SER A 278 -15.19 13.63 20.00
N VAL A 279 -15.39 13.18 18.77
CA VAL A 279 -14.96 11.85 18.34
C VAL A 279 -13.73 12.04 17.47
N VAL A 280 -12.60 11.57 17.96
CA VAL A 280 -11.33 11.77 17.31
C VAL A 280 -10.78 10.41 16.93
N VAL A 281 -10.55 10.22 15.64
CA VAL A 281 -10.09 8.95 15.09
C VAL A 281 -8.82 9.22 14.32
N GLY A 282 -7.75 8.50 14.67
CA GLY A 282 -6.47 8.73 14.00
C GLY A 282 -6.03 10.18 14.00
N GLY A 283 -6.31 10.90 15.08
CA GLY A 283 -5.86 12.27 15.16
C GLY A 283 -6.71 13.26 14.40
N GLN A 284 -7.79 12.81 13.78
CA GLN A 284 -8.67 13.67 13.00
C GLN A 284 -10.01 13.79 13.70
N LEU A 285 -10.67 14.94 13.53
CA LEU A 285 -12.01 15.09 14.05
C LEU A 285 -12.97 14.26 13.17
N TRP A 286 -13.48 13.15 13.72
CA TRP A 286 -14.42 12.34 12.98
C TRP A 286 -15.83 12.89 13.11
N GLY A 287 -16.20 13.35 14.30
CA GLY A 287 -17.52 13.91 14.50
C GLY A 287 -17.70 14.39 15.92
N LEU A 288 -18.94 14.73 16.24
CA LEU A 288 -19.33 15.22 17.56
C LEU A 288 -20.54 14.47 18.06
N ILE A 289 -20.52 14.12 19.35
CA ILE A 289 -21.75 13.90 20.08
C ILE A 289 -22.25 15.28 20.47
N ALA A 290 -23.37 15.71 19.91
CA ALA A 290 -23.87 17.07 20.07
C ALA A 290 -25.21 17.05 20.80
N CYS A 291 -25.30 17.85 21.89
CA CYS A 291 -26.42 17.83 22.83
C CYS A 291 -27.07 19.20 22.98
N HIS A 292 -28.40 19.23 22.99
CA HIS A 292 -29.22 20.41 23.24
C HIS A 292 -30.19 20.17 24.38
N HIS A 293 -30.37 21.19 25.22
CA HIS A 293 -31.49 21.25 26.13
C HIS A 293 -32.27 22.52 25.81
N GLN A 294 -33.61 22.44 25.88
CA GLN A 294 -34.43 23.62 25.61
C GLN A 294 -34.35 24.67 26.72
N THR A 295 -33.97 24.28 27.94
CA THR A 295 -33.86 25.20 29.07
C THR A 295 -32.42 25.10 29.58
N PRO A 296 -31.98 25.98 30.50
CA PRO A 296 -30.58 25.94 30.96
C PRO A 296 -30.29 24.69 31.76
N TYR A 297 -29.03 24.30 31.73
CA TYR A 297 -28.62 23.04 32.33
C TYR A 297 -27.12 23.10 32.57
N VAL A 298 -26.73 23.08 33.84
CA VAL A 298 -25.34 22.98 34.28
C VAL A 298 -25.10 21.52 34.62
N LEU A 299 -24.39 20.81 33.75
CA LEU A 299 -24.04 19.42 33.99
C LEU A 299 -23.01 19.37 35.10
N PRO A 300 -23.28 18.69 36.21
CA PRO A 300 -22.24 18.52 37.21
C PRO A 300 -21.00 17.91 36.58
N PRO A 301 -19.83 18.22 37.12
CA PRO A 301 -18.57 17.67 36.58
C PRO A 301 -18.49 16.14 36.55
N ASP A 302 -19.03 15.44 37.55
CA ASP A 302 -18.86 13.99 37.54
C ASP A 302 -19.62 13.36 36.39
N LEU A 303 -20.70 13.97 35.98
CA LEU A 303 -21.48 13.44 34.89
C LEU A 303 -20.82 13.77 33.55
N ARG A 304 -20.21 14.97 33.44
CA ARG A 304 -19.39 15.29 32.26
C ARG A 304 -18.27 14.27 32.08
N THR A 305 -17.71 13.79 33.18
CA THR A 305 -16.61 12.84 33.06
C THR A 305 -17.08 11.52 32.43
N THR A 306 -18.31 11.12 32.71
CA THR A 306 -18.85 9.93 32.05
C THR A 306 -19.01 10.17 30.55
N LEU A 307 -19.47 11.36 30.17
CA LEU A 307 -19.51 11.72 28.75
C LEU A 307 -18.12 11.68 28.15
N GLU A 308 -17.13 12.29 28.82
CA GLU A 308 -15.76 12.21 28.32
C GLU A 308 -15.30 10.76 28.15
N TYR A 309 -15.63 9.88 29.11
CA TYR A 309 -15.26 8.46 28.94
C TYR A 309 -15.90 7.87 27.70
N LEU A 310 -17.20 8.15 27.46
CA LEU A 310 -17.89 7.58 26.33
C LEU A 310 -17.33 8.09 25.01
N GLY A 311 -16.91 9.36 24.98
CA GLY A 311 -16.24 9.89 23.79
C GLY A 311 -15.00 9.10 23.41
N ARG A 312 -14.15 8.77 24.40
CA ARG A 312 -12.96 7.95 24.14
C ARG A 312 -13.34 6.56 23.61
N LEU A 313 -14.29 5.88 24.27
CA LEU A 313 -14.71 4.55 23.81
C LEU A 313 -15.27 4.60 22.40
N LEU A 314 -15.99 5.68 22.10
CA LEU A 314 -16.63 5.81 20.81
C LEU A 314 -15.61 6.17 19.73
N SER A 315 -14.55 6.89 20.08
CA SER A 315 -13.46 7.05 19.13
C SER A 315 -12.88 5.70 18.73
N LEU A 316 -12.75 4.77 19.69
CA LEU A 316 -12.18 3.47 19.35
C LEU A 316 -13.15 2.67 18.49
N GLN A 317 -14.43 2.58 18.90
CA GLN A 317 -15.39 1.71 18.23
C GLN A 317 -15.82 2.22 16.86
N VAL A 318 -15.79 3.55 16.64
CA VAL A 318 -16.08 4.09 15.31
C VAL A 318 -15.09 3.52 14.30
N GLN A 319 -13.82 3.43 14.69
CA GLN A 319 -12.79 2.78 13.90
C GLN A 319 -13.13 1.31 13.63
N VAL A 320 -13.41 0.55 14.69
CA VAL A 320 -13.74 -0.87 14.57
C VAL A 320 -14.98 -1.07 13.70
N LYS A 321 -16.01 -0.24 13.88
CA LYS A 321 -17.28 -0.47 13.19
C LYS A 321 -17.18 -0.09 11.71
N GLU A 322 -16.46 0.99 11.38
CA GLU A 322 -16.35 1.39 9.98
C GLU A 322 -15.56 0.35 9.17
N ALA A 323 -14.48 -0.19 9.75
CA ALA A 323 -13.73 -1.26 9.09
C ALA A 323 -14.62 -2.46 8.84
N ALA A 324 -15.37 -2.89 9.86
CA ALA A 324 -16.23 -4.05 9.71
C ALA A 324 -17.33 -3.81 8.67
N ASP A 325 -17.84 -2.58 8.60
CA ASP A 325 -18.86 -2.28 7.59
C ASP A 325 -18.27 -2.38 6.17
N VAL A 326 -17.03 -1.89 5.99
CA VAL A 326 -16.34 -1.99 4.70
C VAL A 326 -16.04 -3.44 4.37
N ALA A 327 -15.53 -4.19 5.36
CA ALA A 327 -15.25 -5.60 5.12
C ALA A 327 -16.52 -6.37 4.73
N ALA A 328 -17.68 -6.00 5.28
CA ALA A 328 -18.91 -6.71 4.93
C ALA A 328 -19.38 -6.35 3.53
N PHE A 329 -19.14 -5.11 3.10
CA PHE A 329 -19.41 -4.73 1.73
C PHE A 329 -18.57 -5.55 0.77
N ARG A 330 -17.26 -5.69 1.06
CA ARG A 330 -16.37 -6.40 0.13
C ARG A 330 -16.59 -7.90 0.17
N GLN A 331 -17.03 -8.43 1.31
CA GLN A 331 -17.26 -9.86 1.40
C GLN A 331 -18.25 -10.34 0.34
N SER A 332 -19.25 -9.51 0.01
CA SER A 332 -20.18 -9.88 -1.06
C SER A 332 -19.48 -9.99 -2.41
N LEU A 333 -18.43 -9.20 -2.62
CA LEU A 333 -17.73 -9.12 -3.89
C LEU A 333 -16.56 -10.10 -3.97
N ARG A 334 -16.40 -10.99 -3.00
CA ARG A 334 -15.17 -11.76 -2.89
C ARG A 334 -14.90 -12.59 -4.13
N GLU A 335 -15.83 -13.48 -4.51
CA GLU A 335 -15.59 -14.33 -5.67
C GLU A 335 -15.27 -13.50 -6.90
N HIS A 336 -16.01 -12.42 -7.11
CA HIS A 336 -15.73 -11.51 -8.22
C HIS A 336 -14.35 -10.88 -8.07
N HIS A 337 -13.99 -10.49 -6.85
CA HIS A 337 -12.68 -9.89 -6.61
C HIS A 337 -11.56 -10.87 -6.95
N ALA A 338 -11.61 -12.07 -6.36
CA ALA A 338 -10.64 -13.12 -6.70
C ALA A 338 -10.57 -13.35 -8.21
N ARG A 339 -11.72 -13.35 -8.88
CA ARG A 339 -11.74 -13.60 -10.32
C ARG A 339 -10.94 -12.53 -11.07
N VAL A 340 -11.18 -11.26 -10.76
CA VAL A 340 -10.41 -10.18 -11.39
C VAL A 340 -8.96 -10.21 -10.94
N ALA A 341 -8.71 -10.53 -9.66
CA ALA A 341 -7.34 -10.53 -9.15
C ALA A 341 -6.49 -11.55 -9.88
N LEU A 342 -7.04 -12.74 -10.17
CA LEU A 342 -6.29 -13.73 -10.92
C LEU A 342 -6.00 -13.26 -12.34
N ALA A 343 -7.01 -12.74 -13.03
CA ALA A 343 -6.81 -12.31 -14.42
C ALA A 343 -5.77 -11.21 -14.53
N ALA A 344 -5.87 -10.19 -13.66
CA ALA A 344 -4.99 -9.04 -13.80
C ALA A 344 -3.56 -9.36 -13.41
N ALA A 345 -3.36 -10.34 -12.53
CA ALA A 345 -2.02 -10.62 -12.03
C ALA A 345 -1.13 -11.20 -13.13
N HIS A 346 -1.62 -12.19 -13.87
CA HIS A 346 -0.79 -12.94 -14.79
C HIS A 346 -0.94 -12.49 -16.24
N SER A 347 -1.61 -11.38 -16.49
CA SER A 347 -1.86 -10.94 -17.86
C SER A 347 -0.63 -10.21 -18.42
N LEU A 348 -0.17 -10.63 -19.59
CA LEU A 348 0.89 -9.94 -20.32
C LEU A 348 0.33 -9.06 -21.43
N SER A 349 -0.95 -9.22 -21.77
CA SER A 349 -1.67 -8.30 -22.64
C SER A 349 -2.95 -7.92 -21.91
N PRO A 350 -2.89 -6.93 -21.03
CA PRO A 350 -4.06 -6.58 -20.23
C PRO A 350 -5.24 -6.06 -21.04
N HIS A 351 -5.00 -5.52 -22.24
CA HIS A 351 -6.09 -4.97 -23.04
C HIS A 351 -7.14 -6.03 -23.36
N ASP A 352 -6.68 -7.25 -23.69
CA ASP A 352 -7.60 -8.32 -24.04
C ASP A 352 -8.20 -8.99 -22.81
N THR A 353 -7.50 -8.93 -21.67
CA THR A 353 -8.00 -9.56 -20.45
C THR A 353 -9.07 -8.70 -19.78
N LEU A 354 -8.82 -7.39 -19.65
CA LEU A 354 -9.72 -6.52 -18.90
C LEU A 354 -10.98 -6.14 -19.67
N SER A 355 -10.90 -6.04 -21.00
CA SER A 355 -12.08 -5.74 -21.79
C SER A 355 -13.06 -6.91 -21.84
N ASP A 356 -12.67 -8.07 -21.35
CA ASP A 356 -13.55 -9.23 -21.35
C ASP A 356 -14.82 -8.96 -20.54
N PRO A 357 -16.00 -9.04 -21.14
CA PRO A 357 -17.24 -8.80 -20.37
C PRO A 357 -17.47 -9.85 -19.29
N ALA A 358 -16.98 -11.08 -19.49
CA ALA A 358 -17.07 -12.10 -18.45
C ALA A 358 -16.22 -11.76 -17.22
N LEU A 359 -15.30 -10.80 -17.34
CA LEU A 359 -14.57 -10.30 -16.17
C LEU A 359 -15.35 -9.22 -15.44
N ASP A 360 -16.10 -8.40 -16.18
CA ASP A 360 -17.13 -7.55 -15.60
C ASP A 360 -16.52 -6.48 -14.69
N LEU A 361 -15.47 -5.81 -15.18
CA LEU A 361 -14.92 -4.68 -14.45
C LEU A 361 -15.95 -3.56 -14.25
N LEU A 362 -16.96 -3.48 -15.12
CA LEU A 362 -18.01 -2.49 -14.92
C LEU A 362 -18.87 -2.85 -13.70
N GLY A 363 -19.32 -4.10 -13.62
CA GLY A 363 -20.17 -4.50 -12.51
C GLY A 363 -19.47 -4.53 -11.17
N LEU A 364 -18.15 -4.75 -11.17
CA LEU A 364 -17.41 -4.80 -9.92
C LEU A 364 -17.50 -3.48 -9.17
N MET A 365 -17.55 -2.37 -9.92
CA MET A 365 -17.60 -1.04 -9.37
C MET A 365 -18.95 -0.38 -9.52
N ARG A 366 -19.92 -1.07 -10.12
CA ARG A 366 -21.25 -0.53 -10.39
C ARG A 366 -21.14 0.81 -11.11
N ALA A 367 -20.54 0.75 -12.30
CA ALA A 367 -20.25 1.90 -13.14
C ALA A 367 -21.00 1.82 -14.47
N GLY A 368 -21.15 2.98 -15.12
CA GLY A 368 -21.79 3.06 -16.42
C GLY A 368 -20.84 3.08 -17.59
N GLY A 369 -19.55 3.30 -17.33
CA GLY A 369 -18.56 3.35 -18.39
C GLY A 369 -17.18 3.10 -17.84
N LEU A 370 -16.32 2.49 -18.67
CA LEU A 370 -14.97 2.13 -18.25
C LEU A 370 -14.00 2.44 -19.37
N ILE A 371 -12.94 3.20 -19.03
CA ILE A 371 -11.84 3.47 -19.95
C ILE A 371 -10.66 2.60 -19.55
N LEU A 372 -9.95 2.06 -20.54
CA LEU A 372 -8.83 1.17 -20.33
C LEU A 372 -7.69 1.60 -21.23
N ARG A 373 -6.67 2.23 -20.65
CA ARG A 373 -5.48 2.64 -21.40
C ARG A 373 -4.30 1.76 -20.98
N PHE A 374 -3.75 1.03 -21.94
CA PHE A 374 -2.61 0.15 -21.73
C PHE A 374 -1.66 0.24 -22.91
N GLU A 375 -0.37 0.25 -22.60
CA GLU A 375 0.69 0.35 -23.60
C GLU A 375 0.42 1.62 -24.42
N GLY A 376 0.31 1.55 -25.74
CA GLY A 376 0.18 2.75 -26.54
C GLY A 376 -1.22 3.31 -26.58
N ARG A 377 -2.22 2.45 -26.73
CA ARG A 377 -3.58 2.88 -27.04
C ARG A 377 -4.49 2.81 -25.81
N TRP A 378 -5.73 3.25 -25.99
CA TRP A 378 -6.80 3.09 -25.01
C TRP A 378 -8.00 2.42 -25.68
N GLN A 379 -8.93 1.94 -24.85
CA GLN A 379 -10.19 1.37 -25.31
C GLN A 379 -11.21 1.50 -24.20
N THR A 380 -12.49 1.44 -24.57
CA THR A 380 -13.58 1.77 -23.65
C THR A 380 -14.71 0.74 -23.70
N LEU A 381 -15.24 0.43 -22.52
CA LEU A 381 -16.40 -0.43 -22.36
C LEU A 381 -17.56 0.38 -21.78
N GLY A 382 -18.78 -0.04 -22.13
CA GLY A 382 -19.97 0.58 -21.56
C GLY A 382 -20.20 1.98 -22.11
N GLU A 383 -20.86 2.80 -21.29
CA GLU A 383 -21.26 4.14 -21.70
C GLU A 383 -20.14 5.13 -21.42
N VAL A 384 -19.42 5.52 -22.47
CA VAL A 384 -18.32 6.45 -22.38
C VAL A 384 -18.61 7.65 -23.29
N PRO A 385 -18.35 8.87 -22.83
CA PRO A 385 -18.41 10.04 -23.72
C PRO A 385 -17.41 9.91 -24.85
N PRO A 386 -17.49 10.76 -25.90
CA PRO A 386 -16.85 10.43 -27.17
C PRO A 386 -15.33 10.40 -27.09
N ALA A 387 -14.73 9.97 -28.20
CA ALA A 387 -13.27 9.89 -28.27
C ALA A 387 -12.56 11.22 -28.05
N PRO A 388 -13.11 12.39 -28.42
CA PRO A 388 -12.48 13.64 -27.96
C PRO A 388 -12.49 13.82 -26.45
N ALA A 389 -13.60 13.46 -25.79
CA ALA A 389 -13.69 13.61 -24.35
C ALA A 389 -12.82 12.59 -23.60
N VAL A 390 -12.61 11.41 -24.20
CA VAL A 390 -11.74 10.39 -23.59
C VAL A 390 -10.27 10.75 -23.76
N ASP A 391 -9.88 11.21 -24.95
CA ASP A 391 -8.51 11.68 -25.15
C ASP A 391 -8.25 12.95 -24.33
N ALA A 392 -9.29 13.73 -24.05
CA ALA A 392 -9.15 14.92 -23.22
C ALA A 392 -9.15 14.56 -21.72
N LEU A 393 -9.95 13.57 -21.33
CA LEU A 393 -9.93 13.10 -19.95
C LEU A 393 -8.61 12.42 -19.64
N LEU A 394 -8.14 11.54 -20.54
CA LEU A 394 -6.87 10.86 -20.34
C LEU A 394 -5.70 11.84 -20.30
N ALA A 395 -5.79 12.96 -21.03
CA ALA A 395 -4.75 13.98 -20.94
C ALA A 395 -4.80 14.71 -19.61
N TRP A 396 -6.01 15.04 -19.14
CA TRP A 396 -6.15 15.75 -17.87
C TRP A 396 -5.81 14.86 -16.68
N LEU A 397 -6.05 13.56 -16.78
CA LEU A 397 -5.72 12.68 -15.67
C LEU A 397 -4.21 12.64 -15.41
N GLU A 398 -3.40 12.96 -16.42
CA GLU A 398 -1.97 13.12 -16.19
C GLU A 398 -1.67 14.32 -15.31
N THR A 399 -2.59 15.28 -15.22
CA THR A 399 -2.42 16.42 -14.32
C THR A 399 -2.46 15.99 -12.86
N GLN A 400 -3.34 15.05 -12.53
CA GLN A 400 -3.68 14.81 -11.14
C GLN A 400 -2.51 14.17 -10.37
N PRO A 401 -2.32 14.54 -9.11
CA PRO A 401 -1.28 13.90 -8.30
C PRO A 401 -1.73 12.55 -7.77
N GLY A 402 -0.75 11.69 -7.50
CA GLY A 402 -1.06 10.41 -6.90
C GLY A 402 -1.47 9.37 -7.92
N ALA A 403 -1.85 8.21 -7.41
CA ALA A 403 -2.22 7.07 -8.24
C ALA A 403 -3.71 6.77 -8.22
N LEU A 404 -4.50 7.50 -7.44
CA LEU A 404 -5.93 7.26 -7.38
C LEU A 404 -6.66 8.59 -7.31
N VAL A 405 -7.64 8.75 -8.19
CA VAL A 405 -8.45 9.96 -8.29
C VAL A 405 -9.90 9.53 -8.19
N GLN A 406 -10.61 10.09 -7.23
CA GLN A 406 -11.96 9.64 -6.91
C GLN A 406 -12.86 10.85 -6.65
N THR A 407 -13.95 10.94 -7.40
CA THR A 407 -14.92 12.02 -7.27
C THR A 407 -16.28 11.50 -7.67
N ASP A 408 -17.33 12.04 -7.05
CA ASP A 408 -18.70 11.79 -7.49
C ASP A 408 -19.28 12.96 -8.27
N ALA A 409 -18.50 14.02 -8.50
CA ALA A 409 -18.92 15.20 -9.27
C ALA A 409 -17.74 15.66 -10.14
N LEU A 410 -17.54 14.98 -11.27
CA LEU A 410 -16.36 15.27 -12.08
C LEU A 410 -16.39 16.68 -12.64
N GLY A 411 -17.60 17.23 -12.84
CA GLY A 411 -17.69 18.61 -13.30
C GLY A 411 -16.99 19.61 -12.40
N GLN A 412 -16.95 19.32 -11.09
CA GLN A 412 -16.30 20.22 -10.14
C GLN A 412 -14.79 20.08 -10.15
N LEU A 413 -14.29 18.85 -10.16
CA LEU A 413 -12.85 18.63 -10.26
C LEU A 413 -12.30 19.12 -11.60
N TRP A 414 -13.04 18.86 -12.68
CA TRP A 414 -12.62 19.21 -14.03
C TRP A 414 -13.80 19.83 -14.79
N PRO A 415 -13.73 21.11 -15.15
CA PRO A 415 -14.91 21.77 -15.75
C PRO A 415 -15.45 21.09 -17.00
N ALA A 416 -14.59 20.67 -17.92
CA ALA A 416 -15.05 20.09 -19.18
C ALA A 416 -15.93 18.85 -18.98
N PRO A 422 -21.19 13.64 -19.36
CA PRO A 422 -22.58 13.37 -18.95
C PRO A 422 -22.82 11.89 -18.59
N SER A 423 -22.23 10.97 -19.37
CA SER A 423 -22.12 9.58 -18.94
C SER A 423 -21.18 9.45 -17.75
N ALA A 424 -20.38 10.48 -17.48
CA ALA A 424 -19.43 10.52 -16.38
C ALA A 424 -19.73 11.73 -15.50
N ALA A 425 -20.53 11.52 -14.46
CA ALA A 425 -20.59 12.44 -13.33
C ALA A 425 -19.68 12.01 -12.21
N GLY A 426 -19.53 10.71 -11.99
CA GLY A 426 -18.61 10.17 -11.00
C GLY A 426 -17.46 9.46 -11.70
N LEU A 427 -16.25 9.68 -11.21
CA LEU A 427 -15.05 9.09 -11.77
C LEU A 427 -14.23 8.44 -10.67
N LEU A 428 -13.72 7.25 -10.96
CA LEU A 428 -12.75 6.57 -10.12
C LEU A 428 -11.64 6.10 -11.05
N ALA A 429 -10.42 6.57 -10.81
CA ALA A 429 -9.29 6.28 -11.69
C ALA A 429 -8.09 5.80 -10.89
N ILE A 430 -7.38 4.82 -11.45
CA ILE A 430 -6.20 4.25 -10.84
C ILE A 430 -5.09 4.22 -11.87
N SER A 431 -3.88 4.58 -11.44
CA SER A 431 -2.70 4.61 -12.28
C SER A 431 -1.93 3.31 -12.11
N VAL A 432 -1.77 2.56 -13.20
CA VAL A 432 -0.90 1.38 -13.19
C VAL A 432 0.54 1.86 -13.40
N GLY A 433 1.35 1.77 -12.34
CA GLY A 433 2.58 2.53 -12.28
C GLY A 433 2.27 3.97 -11.91
N GLU A 434 3.29 4.81 -11.95
CA GLU A 434 3.10 6.22 -11.64
C GLU A 434 3.01 7.03 -12.93
N GLY A 435 2.16 8.05 -12.94
CA GLY A 435 2.08 8.97 -14.05
C GLY A 435 0.89 8.80 -14.97
N TRP A 436 0.09 7.74 -14.78
CA TRP A 436 -1.14 7.49 -15.53
C TRP A 436 -0.90 7.05 -16.97
N SER A 437 0.32 6.64 -17.31
CA SER A 437 0.60 6.11 -18.64
C SER A 437 -0.19 4.83 -18.93
N GLU A 438 -0.60 4.10 -17.90
CA GLU A 438 -1.56 3.02 -18.01
C GLU A 438 -2.55 3.18 -16.86
N CYS A 439 -3.83 3.25 -17.19
CA CYS A 439 -4.81 3.55 -16.14
C CYS A 439 -6.15 2.89 -16.47
N LEU A 440 -6.99 2.82 -15.43
CA LEU A 440 -8.39 2.42 -15.55
C LEU A 440 -9.25 3.55 -15.02
N VAL A 441 -10.34 3.85 -15.73
CA VAL A 441 -11.23 4.95 -15.37
C VAL A 441 -12.64 4.39 -15.33
N TRP A 442 -13.23 4.33 -14.12
CA TRP A 442 -14.64 3.99 -13.97
C TRP A 442 -15.46 5.27 -14.02
N LEU A 443 -16.56 5.22 -14.77
CA LEU A 443 -17.41 6.37 -15.01
C LEU A 443 -18.83 6.04 -14.58
N ARG A 444 -19.44 6.91 -13.78
CA ARG A 444 -20.82 6.76 -13.35
C ARG A 444 -21.67 7.91 -13.84
N PRO A 445 -22.88 7.64 -14.34
CA PRO A 445 -23.77 8.71 -14.79
C PRO A 445 -24.44 9.43 -13.64
N GLU A 446 -25.16 10.49 -14.00
CA GLU A 446 -25.74 11.42 -13.05
C GLU A 446 -26.89 10.78 -12.29
N LEU A 447 -26.89 10.93 -10.96
CA LEU A 447 -27.96 10.45 -10.08
C LEU A 447 -28.60 11.66 -9.40
N ARG A 448 -29.77 12.06 -9.89
CA ARG A 448 -30.52 13.15 -9.28
C ARG A 448 -30.89 12.82 -7.85
N LEU A 449 -30.17 13.39 -6.90
CA LEU A 449 -30.49 13.27 -5.49
C LEU A 449 -30.87 14.64 -4.93
N GLU A 450 -31.67 14.63 -3.87
CA GLU A 450 -32.04 15.85 -3.14
C GLU A 450 -31.36 15.82 -1.78
N VAL A 451 -30.52 16.82 -1.52
CA VAL A 451 -29.92 17.02 -0.19
C VAL A 451 -30.92 17.74 0.70
N ALA A 452 -31.08 17.25 1.94
CA ALA A 452 -31.85 17.94 2.96
C ALA A 452 -30.88 18.72 3.85
N TRP A 453 -30.98 20.04 3.79
CA TRP A 453 -30.12 20.93 4.58
C TRP A 453 -30.90 21.45 5.77
N GLY A 454 -30.20 21.64 6.88
CA GLY A 454 -30.83 22.21 8.06
C GLY A 454 -30.96 23.73 8.04
N GLY A 455 -31.85 24.24 7.18
CA GLY A 455 -32.15 25.65 7.16
C GLY A 455 -31.65 26.35 5.93
N ALA A 456 -30.41 26.04 5.51
CA ALA A 456 -29.81 26.77 4.41
C ALA A 456 -28.64 25.98 3.83
N THR A 457 -28.35 26.24 2.56
CA THR A 457 -27.23 25.62 1.87
C THR A 457 -25.95 26.41 2.14
N PRO A 458 -24.78 25.82 1.89
CA PRO A 458 -23.52 26.56 2.11
C PRO A 458 -23.43 27.88 1.36
N ASP A 459 -24.15 28.02 0.24
CA ASP A 459 -24.14 29.27 -0.50
C ASP A 459 -24.68 30.43 0.34
N GLN A 460 -25.62 30.15 1.23
CA GLN A 460 -26.32 31.19 2.00
C GLN A 460 -25.67 31.48 3.34
N ALA A 461 -24.36 31.21 3.49
CA ALA A 461 -23.71 31.44 4.77
C ALA A 461 -23.62 32.94 5.07
N LYS A 462 -23.21 33.75 4.10
CA LYS A 462 -23.00 35.19 4.30
C LYS A 462 -24.20 36.01 3.82
N ASP A 463 -25.42 35.55 4.07
CA ASP A 463 -26.61 36.29 3.65
C ASP A 463 -26.90 37.46 4.59
N ASP A 464 -26.85 37.22 5.89
CA ASP A 464 -26.92 38.28 6.89
C ASP A 464 -25.63 38.27 7.71
N LEU A 465 -25.44 39.35 8.46
CA LEU A 465 -24.23 39.51 9.26
C LEU A 465 -24.23 38.68 10.54
N GLY A 466 -25.39 38.20 10.98
CA GLY A 466 -25.46 37.24 12.06
C GLY A 466 -25.90 35.89 11.52
N PRO A 467 -26.02 34.89 12.40
CA PRO A 467 -26.40 33.55 11.93
C PRO A 467 -27.83 33.54 11.40
N ARG A 468 -28.17 32.46 10.72
CA ARG A 468 -29.52 32.34 10.19
C ARG A 468 -30.51 32.07 11.32
N HIS A 469 -31.80 32.32 11.00
CA HIS A 469 -32.90 32.05 11.92
C HIS A 469 -33.66 30.77 11.60
N SER A 470 -33.54 30.26 10.37
CA SER A 470 -34.31 29.09 9.94
C SER A 470 -33.42 27.85 10.00
N PHE A 471 -33.92 26.81 10.65
CA PHE A 471 -33.24 25.53 10.65
C PHE A 471 -34.14 24.39 10.16
N ASP A 472 -35.27 24.72 9.55
CA ASP A 472 -36.16 23.70 8.99
C ASP A 472 -35.56 23.08 7.73
N THR A 473 -36.12 21.92 7.35
CA THR A 473 -35.65 21.19 6.17
C THR A 473 -35.63 22.08 4.94
N TYR A 474 -34.49 22.12 4.26
CA TYR A 474 -34.32 22.87 3.01
C TYR A 474 -33.81 21.89 1.96
N LEU A 475 -34.71 21.35 1.15
CA LEU A 475 -34.32 20.39 0.13
C LEU A 475 -33.65 21.12 -1.04
N GLU A 476 -32.45 20.69 -1.41
CA GLU A 476 -31.71 21.27 -2.52
C GLU A 476 -31.39 20.18 -3.54
N GLU A 477 -31.75 20.42 -4.80
CA GLU A 477 -31.50 19.47 -5.87
C GLU A 477 -30.08 19.66 -6.39
N LYS A 478 -29.26 18.61 -6.29
CA LYS A 478 -27.91 18.63 -6.83
C LYS A 478 -27.91 18.07 -8.24
N ARG A 479 -27.20 18.75 -9.15
CA ARG A 479 -27.07 18.32 -10.53
C ARG A 479 -25.61 18.03 -10.82
N GLY A 480 -25.38 17.17 -11.83
CA GLY A 480 -24.03 16.76 -12.18
C GLY A 480 -23.38 15.83 -11.19
N TYR A 481 -24.17 15.06 -10.45
CA TYR A 481 -23.68 14.18 -9.39
C TYR A 481 -24.00 12.74 -9.71
N ALA A 482 -23.10 11.84 -9.32
CA ALA A 482 -23.34 10.42 -9.41
C ALA A 482 -23.51 9.86 -8.00
N GLU A 483 -23.94 8.62 -7.92
CA GLU A 483 -23.95 7.94 -6.64
C GLU A 483 -22.52 7.87 -6.10
N PRO A 484 -22.31 8.18 -4.82
CA PRO A 484 -20.94 8.22 -4.31
C PRO A 484 -20.26 6.85 -4.34
N TRP A 485 -18.94 6.88 -4.50
CA TRP A 485 -18.15 5.66 -4.42
C TRP A 485 -18.17 5.10 -3.00
N HIS A 486 -18.53 3.83 -2.88
CA HIS A 486 -18.49 3.18 -1.59
C HIS A 486 -17.04 2.99 -1.13
N PRO A 487 -16.76 3.12 0.18
CA PRO A 487 -15.37 2.92 0.63
C PRO A 487 -14.81 1.56 0.24
N GLY A 488 -15.65 0.52 0.24
CA GLY A 488 -15.24 -0.78 -0.26
C GLY A 488 -14.90 -0.75 -1.73
N GLU A 489 -15.61 0.07 -2.51
CA GLU A 489 -15.25 0.20 -3.93
C GLU A 489 -13.94 0.97 -4.11
N ILE A 490 -13.63 1.90 -3.20
CA ILE A 490 -12.31 2.52 -3.23
C ILE A 490 -11.22 1.49 -2.94
N GLU A 491 -11.45 0.64 -1.94
CA GLU A 491 -10.46 -0.38 -1.60
C GLU A 491 -10.29 -1.40 -2.72
N GLU A 492 -11.38 -1.75 -3.43
CA GLU A 492 -11.27 -2.67 -4.55
C GLU A 492 -10.40 -2.08 -5.68
N ALA A 493 -10.58 -0.80 -5.98
CA ALA A 493 -9.77 -0.17 -7.02
C ALA A 493 -8.30 -0.15 -6.62
N GLN A 494 -8.00 0.18 -5.36
CA GLN A 494 -6.61 0.19 -4.90
C GLN A 494 -5.99 -1.21 -5.00
N ASP A 495 -6.76 -2.24 -4.64
CA ASP A 495 -6.27 -3.62 -4.78
C ASP A 495 -5.95 -3.95 -6.22
N LEU A 496 -6.86 -3.59 -7.15
CA LEU A 496 -6.64 -3.92 -8.54
C LEU A 496 -5.46 -3.15 -9.09
N ARG A 497 -5.33 -1.88 -8.70
CA ARG A 497 -4.16 -1.08 -9.07
C ARG A 497 -2.89 -1.71 -8.55
N ASP A 498 -2.90 -2.22 -7.32
CA ASP A 498 -1.72 -2.89 -6.78
C ASP A 498 -1.37 -4.12 -7.62
N THR A 499 -2.39 -4.83 -8.10
CA THR A 499 -2.16 -6.07 -8.83
C THR A 499 -1.55 -5.79 -10.21
N LEU A 500 -2.20 -4.92 -10.98
CA LEU A 500 -1.71 -4.58 -12.32
C LEU A 500 -0.31 -4.00 -12.26
N THR A 501 -0.06 -3.12 -11.28
CA THR A 501 1.27 -2.54 -11.12
C THR A 501 2.28 -3.60 -10.71
N GLY A 502 1.87 -4.53 -9.87
CA GLY A 502 2.75 -5.63 -9.50
C GLY A 502 2.98 -6.61 -10.64
N ALA A 503 2.04 -6.68 -11.58
CA ALA A 503 2.24 -7.48 -12.78
C ALA A 503 3.15 -6.80 -13.79
N LEU A 504 3.62 -5.57 -13.52
CA LEU A 504 4.51 -4.92 -14.47
C LEU A 504 5.88 -5.57 -14.50
N GLY A 505 6.35 -6.10 -13.37
CA GLY A 505 7.63 -6.81 -13.37
C GLY A 505 7.61 -8.04 -14.26
N GLU A 506 6.53 -8.82 -14.20
CA GLU A 506 6.37 -9.97 -15.09
C GLU A 506 6.25 -9.53 -16.54
N ARG A 507 5.47 -8.48 -16.81
CA ARG A 507 5.42 -7.90 -18.16
C ARG A 507 6.78 -7.37 -18.57
N LEU A 508 7.57 -6.88 -17.62
CA LEU A 508 8.88 -6.33 -17.97
C LEU A 508 9.85 -7.43 -18.40
N SER A 509 9.84 -8.57 -17.70
CA SER A 509 10.80 -9.63 -18.00
C SER A 509 10.62 -10.16 -19.41
N VAL A 510 9.39 -10.25 -19.90
CA VAL A 510 9.17 -10.81 -21.23
C VAL A 510 9.52 -9.80 -22.32
N ILE A 511 9.32 -8.50 -22.09
CA ILE A 511 9.67 -7.57 -23.15
C ILE A 511 11.18 -7.35 -23.21
N ARG A 512 11.87 -7.47 -22.08
CA ARG A 512 13.33 -7.40 -22.08
C ARG A 512 13.91 -8.56 -22.88
N VAL A 513 13.39 -9.77 -22.64
CA VAL A 513 13.89 -10.96 -23.33
C VAL A 513 13.56 -10.89 -24.82
N ARG A 514 12.32 -10.52 -25.16
CA ARG A 514 11.97 -10.42 -26.56
C ARG A 514 12.76 -9.32 -27.25
N ASN A 515 13.16 -8.29 -26.52
CA ASN A 515 13.96 -7.23 -27.10
C ASN A 515 15.37 -7.73 -27.45
N THR A 516 15.89 -8.66 -26.66
CA THR A 516 17.22 -9.19 -26.92
C THR A 516 17.20 -10.39 -27.87
N PHE A 517 16.30 -11.34 -27.66
CA PHE A 517 16.37 -12.63 -28.33
C PHE A 517 15.42 -12.80 -29.50
N GLY A 518 14.56 -11.84 -29.77
CA GLY A 518 13.67 -11.97 -30.91
C GLY A 518 12.35 -11.28 -30.65
N ARG A 519 12.07 -10.26 -31.48
CA ARG A 519 10.89 -9.41 -31.27
C ARG A 519 9.61 -10.23 -31.28
N TYR A 520 9.45 -11.12 -32.25
CA TYR A 520 8.22 -11.85 -32.46
C TYR A 520 8.16 -13.17 -31.71
N LEU A 521 9.02 -13.36 -30.71
CA LEU A 521 9.08 -14.64 -30.00
C LEU A 521 7.76 -14.92 -29.30
N THR A 522 7.45 -16.20 -29.18
CA THR A 522 6.24 -16.62 -28.49
C THR A 522 6.34 -16.29 -27.00
N ASP A 523 5.22 -15.91 -26.40
CA ASP A 523 5.17 -15.78 -24.95
C ASP A 523 5.53 -17.09 -24.24
N GLN A 524 5.54 -18.21 -24.97
CA GLN A 524 5.85 -19.51 -24.41
C GLN A 524 7.36 -19.76 -24.34
N VAL A 525 8.07 -19.51 -25.44
CA VAL A 525 9.52 -19.71 -25.46
C VAL A 525 10.25 -18.64 -24.65
N VAL A 526 9.64 -17.46 -24.47
CA VAL A 526 10.20 -16.48 -23.54
C VAL A 526 10.24 -17.04 -22.14
N ALA A 527 9.18 -17.75 -21.74
CA ALA A 527 9.19 -18.43 -20.45
C ALA A 527 10.30 -19.47 -20.39
N THR A 528 10.60 -20.12 -21.53
CA THR A 528 11.68 -21.09 -21.57
C THR A 528 13.02 -20.43 -21.27
N LEU A 529 13.29 -19.27 -21.89
CA LEU A 529 14.58 -18.61 -21.70
C LEU A 529 14.76 -18.08 -20.29
N LEU A 530 13.66 -17.85 -19.55
CA LEU A 530 13.74 -17.26 -18.22
C LEU A 530 13.97 -18.30 -17.12
N GLU A 531 13.46 -19.52 -17.28
CA GLU A 531 13.74 -20.56 -16.29
C GLU A 531 15.09 -21.23 -16.51
N ASN A 532 15.65 -21.10 -17.71
CA ASN A 532 17.00 -21.58 -18.02
C ASN A 532 17.77 -20.43 -18.67
N PRO A 533 18.20 -19.46 -17.88
CA PRO A 533 18.88 -18.29 -18.46
C PRO A 533 20.33 -18.54 -18.81
N GLU A 534 20.97 -19.54 -18.20
CA GLU A 534 22.39 -19.76 -18.41
C GLU A 534 22.64 -20.58 -19.68
N GLY A 535 23.92 -20.71 -20.03
CA GLY A 535 24.31 -21.44 -21.21
C GLY A 535 24.12 -20.71 -22.52
N LEU A 536 23.48 -19.53 -22.52
CA LEU A 536 23.22 -18.81 -23.75
C LEU A 536 24.50 -18.26 -24.38
N LYS A 537 25.53 -18.02 -23.57
CA LYS A 537 26.88 -17.64 -24.00
C LYS A 537 26.95 -16.31 -24.75
N MET A 538 26.53 -15.22 -24.10
CA MET A 538 26.52 -13.91 -24.75
C MET A 538 27.91 -13.48 -25.23
N GLY A 539 28.97 -13.95 -24.56
CA GLY A 539 30.32 -13.55 -24.94
C GLY A 539 30.75 -14.04 -26.31
N GLY A 540 30.11 -15.09 -26.82
CA GLY A 540 30.49 -15.64 -28.11
C GLY A 540 30.59 -17.14 -28.14
N ASP A 541 30.19 -17.73 -29.27
CA ASP A 541 30.13 -19.18 -29.44
C ASP A 541 30.00 -19.45 -30.92
N ARG A 542 30.54 -20.59 -31.37
CA ARG A 542 30.36 -21.06 -32.75
C ARG A 542 29.55 -22.35 -32.68
N ARG A 543 28.34 -22.32 -33.24
CA ARG A 543 27.36 -23.39 -33.23
C ARG A 543 26.80 -23.52 -34.63
N PRO A 544 26.24 -24.68 -34.98
CA PRO A 544 25.48 -24.78 -36.22
C PRO A 544 24.06 -24.27 -36.01
N ILE A 545 23.57 -23.51 -36.97
CA ILE A 545 22.17 -23.13 -37.02
C ILE A 545 21.74 -23.12 -38.48
N THR A 546 20.43 -23.18 -38.70
CA THR A 546 19.85 -23.12 -40.01
C THR A 546 19.24 -21.74 -40.23
N ILE A 547 19.47 -21.15 -41.40
CA ILE A 547 19.08 -19.78 -41.67
C ILE A 547 18.18 -19.76 -42.89
N LEU A 548 17.07 -19.05 -42.79
CA LEU A 548 16.10 -18.94 -43.88
C LEU A 548 15.90 -17.46 -44.19
N THR A 549 16.07 -17.08 -45.46
CA THR A 549 15.78 -15.73 -45.92
C THR A 549 14.77 -15.79 -47.05
N SER A 550 13.89 -14.79 -47.10
CA SER A 550 12.88 -14.66 -48.13
C SER A 550 12.85 -13.23 -48.63
N ASP A 551 12.34 -13.06 -49.85
CA ASP A 551 12.07 -11.74 -50.40
C ASP A 551 10.82 -11.84 -51.25
N LEU A 552 10.16 -10.69 -51.43
CA LEU A 552 9.04 -10.55 -52.34
C LEU A 552 9.58 -9.86 -53.59
N ARG A 553 9.95 -10.65 -54.60
CA ARG A 553 10.71 -10.09 -55.70
C ARG A 553 9.88 -9.07 -56.48
N GLY A 554 10.48 -7.90 -56.74
CA GLY A 554 9.81 -6.88 -57.50
C GLY A 554 8.73 -6.10 -56.76
N PHE A 555 8.43 -6.45 -55.51
CA PHE A 555 7.43 -5.66 -54.77
C PHE A 555 7.94 -4.27 -54.45
N THR A 556 9.25 -4.13 -54.24
CA THR A 556 9.85 -2.81 -54.01
C THR A 556 9.57 -1.85 -55.16
N SER A 557 9.59 -2.36 -56.39
CA SER A 557 9.32 -1.53 -57.57
C SER A 557 7.83 -1.28 -57.74
N THR A 558 7.02 -2.33 -57.67
CA THR A 558 5.57 -2.12 -57.82
C THR A 558 5.04 -1.15 -56.78
N SER A 559 5.63 -1.14 -55.58
CA SER A 559 5.18 -0.25 -54.52
C SER A 559 5.40 1.22 -54.83
N GLU A 560 6.33 1.56 -55.73
CA GLU A 560 6.51 2.97 -56.06
C GLU A 560 5.30 3.52 -56.80
N GLY A 561 4.44 2.67 -57.34
CA GLY A 561 3.20 3.05 -57.96
C GLY A 561 1.95 2.86 -57.12
N LEU A 562 2.09 2.34 -55.91
CA LEU A 562 0.98 2.22 -54.98
C LEU A 562 0.86 3.45 -54.11
N ASN A 563 -0.35 3.71 -53.63
CA ASN A 563 -0.53 4.67 -52.55
C ASN A 563 0.13 4.13 -51.29
N PRO A 564 0.73 4.99 -50.46
CA PRO A 564 1.48 4.48 -49.29
C PRO A 564 0.62 3.65 -48.35
N GLU A 565 -0.69 3.89 -48.32
CA GLU A 565 -1.54 3.11 -47.43
C GLU A 565 -1.77 1.71 -47.97
N GLU A 566 -1.75 1.54 -49.30
CA GLU A 566 -1.80 0.19 -49.87
C GLU A 566 -0.52 -0.57 -49.56
N VAL A 567 0.62 0.13 -49.57
CA VAL A 567 1.91 -0.52 -49.31
C VAL A 567 1.95 -1.06 -47.88
N VAL A 568 1.59 -0.23 -46.91
CA VAL A 568 1.62 -0.65 -45.51
C VAL A 568 0.56 -1.74 -45.25
N LYS A 569 -0.61 -1.64 -45.87
CA LYS A 569 -1.63 -2.66 -45.64
C LYS A 569 -1.18 -4.01 -46.19
N VAL A 570 -0.54 -4.01 -47.36
CA VAL A 570 -0.09 -5.26 -47.97
C VAL A 570 1.00 -5.91 -47.15
N LEU A 571 2.02 -5.12 -46.75
CA LEU A 571 3.08 -5.66 -45.90
C LEU A 571 2.53 -6.18 -44.58
N ASN A 572 1.56 -5.47 -43.97
CA ASN A 572 0.98 -5.92 -42.70
C ASN A 572 0.25 -7.26 -42.86
N ILE A 573 -0.46 -7.44 -43.98
CA ILE A 573 -1.12 -8.71 -44.25
C ILE A 573 -0.09 -9.79 -44.45
N TYR A 574 0.91 -9.51 -45.28
CA TYR A 574 1.96 -10.47 -45.62
C TYR A 574 2.74 -10.90 -44.38
N PHE A 575 3.40 -9.93 -43.71
CA PHE A 575 4.19 -10.28 -42.54
C PHE A 575 3.34 -10.99 -41.49
N GLY A 576 2.12 -10.51 -41.25
CA GLY A 576 1.27 -11.12 -40.24
C GLY A 576 1.01 -12.59 -40.52
N LYS A 577 0.84 -12.95 -41.79
CA LYS A 577 0.63 -14.35 -42.14
C LYS A 577 1.95 -15.12 -42.06
N MET A 578 3.05 -14.53 -42.55
CA MET A 578 4.35 -15.19 -42.47
C MET A 578 4.75 -15.45 -41.03
N ALA A 579 4.55 -14.47 -40.15
CA ALA A 579 4.87 -14.65 -38.74
C ALA A 579 4.10 -15.81 -38.12
N ASP A 580 2.80 -15.94 -38.46
CA ASP A 580 2.03 -17.07 -37.96
C ASP A 580 2.66 -18.39 -38.37
N VAL A 581 3.08 -18.50 -39.63
CA VAL A 581 3.66 -19.74 -40.12
C VAL A 581 5.01 -20.00 -39.45
N ILE A 582 5.87 -18.99 -39.41
CA ILE A 582 7.21 -19.15 -38.84
C ILE A 582 7.12 -19.57 -37.38
N THR A 583 6.16 -19.00 -36.65
CA THR A 583 6.04 -19.30 -35.23
C THR A 583 5.47 -20.69 -35.01
N HIS A 584 4.55 -21.12 -35.87
CA HIS A 584 4.07 -22.48 -35.83
C HIS A 584 5.20 -23.49 -35.96
N HIS A 585 6.29 -23.11 -36.65
CA HIS A 585 7.45 -23.98 -36.85
C HIS A 585 8.61 -23.65 -35.92
N GLY A 586 8.38 -22.83 -34.90
CA GLY A 586 9.45 -22.55 -33.96
C GLY A 586 10.61 -21.75 -34.51
N GLY A 587 10.41 -21.01 -35.59
CA GLY A 587 11.48 -20.18 -36.07
C GLY A 587 11.61 -18.90 -35.27
N THR A 588 12.77 -18.26 -35.35
CA THR A 588 13.02 -17.00 -34.67
C THR A 588 13.13 -15.93 -35.76
N ILE A 589 12.08 -15.13 -35.92
CA ILE A 589 12.16 -14.01 -36.85
C ILE A 589 13.19 -13.01 -36.33
N ASP A 590 14.23 -12.75 -37.10
CA ASP A 590 15.34 -11.91 -36.67
C ASP A 590 15.23 -10.49 -37.20
N LYS A 591 14.75 -10.32 -38.43
CA LYS A 591 14.68 -9.01 -39.07
C LYS A 591 13.52 -9.01 -40.07
N PHE A 592 12.84 -7.87 -40.17
CA PHE A 592 11.85 -7.62 -41.22
C PHE A 592 12.43 -6.60 -42.20
N MET A 593 13.47 -7.02 -42.91
CA MET A 593 14.24 -6.13 -43.79
C MET A 593 13.48 -5.70 -45.04
N GLY A 594 12.74 -4.60 -44.94
CA GLY A 594 11.91 -4.16 -46.04
C GLY A 594 10.76 -5.12 -46.28
N ASP A 595 10.79 -5.81 -47.42
CA ASP A 595 9.89 -6.92 -47.69
C ASP A 595 10.55 -8.29 -47.44
N GLY A 596 11.74 -8.31 -46.86
CA GLY A 596 12.47 -9.54 -46.65
C GLY A 596 12.37 -10.01 -45.21
N ILE A 597 12.46 -11.32 -45.01
CA ILE A 597 12.46 -11.87 -43.66
C ILE A 597 13.75 -12.66 -43.47
N LEU A 598 14.31 -12.58 -42.26
CA LEU A 598 15.42 -13.42 -41.82
C LEU A 598 14.95 -14.27 -40.66
N VAL A 599 15.12 -15.58 -40.75
CA VAL A 599 14.63 -16.50 -39.71
C VAL A 599 15.73 -17.44 -39.28
N LEU A 600 15.88 -17.60 -37.96
CA LEU A 600 16.89 -18.49 -37.39
C LEU A 600 16.23 -19.72 -36.79
N PHE A 601 16.79 -20.89 -37.09
CA PHE A 601 16.41 -22.17 -36.50
C PHE A 601 17.66 -22.70 -35.78
N GLY A 602 17.70 -22.52 -34.47
CA GLY A 602 18.88 -22.84 -33.69
C GLY A 602 19.20 -21.75 -32.69
N ALA A 603 18.60 -20.58 -32.85
CA ALA A 603 18.82 -19.48 -31.91
C ALA A 603 17.49 -18.86 -31.53
N PRO A 604 17.28 -18.55 -30.24
CA PRO A 604 18.28 -18.70 -29.17
C PRO A 604 18.53 -20.13 -28.72
N THR A 605 17.56 -21.02 -28.88
CA THR A 605 17.74 -22.42 -28.51
C THR A 605 17.66 -23.31 -29.74
N SER A 606 18.24 -24.50 -29.65
CA SER A 606 18.29 -25.41 -30.78
C SER A 606 17.69 -26.75 -30.38
N GLN A 607 16.86 -27.29 -31.27
CA GLN A 607 16.40 -28.66 -31.24
C GLN A 607 17.14 -29.46 -32.32
N GLN A 608 16.93 -30.78 -32.31
CA GLN A 608 17.64 -31.57 -33.30
C GLN A 608 17.02 -31.52 -34.69
N ASP A 609 15.80 -31.02 -34.85
CA ASP A 609 15.20 -30.92 -36.18
C ASP A 609 15.09 -29.48 -36.68
N ASP A 610 16.05 -28.63 -36.30
CA ASP A 610 16.10 -27.26 -36.82
C ASP A 610 15.99 -27.22 -38.33
N ALA A 611 16.82 -28.01 -39.02
CA ALA A 611 16.84 -27.93 -40.49
C ALA A 611 15.52 -28.38 -41.09
N LEU A 612 14.94 -29.47 -40.58
CA LEU A 612 13.69 -29.97 -41.14
C LEU A 612 12.58 -28.95 -40.98
N ARG A 613 12.43 -28.40 -39.77
CA ARG A 613 11.43 -27.36 -39.53
C ARG A 613 11.63 -26.17 -40.47
N ALA A 614 12.88 -25.75 -40.69
CA ALA A 614 13.12 -24.62 -41.57
C ALA A 614 12.66 -24.91 -43.00
N VAL A 615 12.97 -26.11 -43.52
CA VAL A 615 12.50 -26.48 -44.86
C VAL A 615 10.97 -26.51 -44.89
N ALA A 616 10.35 -27.13 -43.87
CA ALA A 616 8.89 -27.23 -43.84
C ALA A 616 8.24 -25.87 -43.64
N CYS A 617 8.87 -25.01 -42.85
CA CYS A 617 8.37 -23.65 -42.71
C CYS A 617 8.41 -22.94 -44.05
N GLY A 618 9.52 -23.07 -44.79
CA GLY A 618 9.61 -22.43 -46.09
C GLY A 618 8.52 -22.89 -47.03
N VAL A 619 8.26 -24.20 -47.07
CA VAL A 619 7.19 -24.71 -47.93
C VAL A 619 5.85 -24.11 -47.51
N GLU A 620 5.59 -24.07 -46.20
CA GLU A 620 4.30 -23.54 -45.76
C GLU A 620 4.17 -22.05 -46.06
N MET A 621 5.25 -21.27 -45.84
CA MET A 621 5.21 -19.86 -46.24
C MET A 621 4.83 -19.70 -47.71
N GLN A 622 5.39 -20.53 -48.59
CA GLN A 622 5.01 -20.44 -50.00
C GLN A 622 3.53 -20.75 -50.16
N LEU A 623 3.04 -21.79 -49.45
CA LEU A 623 1.61 -22.09 -49.52
C LEU A 623 0.79 -20.97 -48.88
N ALA A 624 1.27 -20.41 -47.77
CA ALA A 624 0.52 -19.36 -47.10
C ALA A 624 0.35 -18.13 -47.98
N LEU A 625 1.28 -17.93 -48.93
CA LEU A 625 1.16 -16.84 -49.88
C LEU A 625 -0.07 -16.96 -50.78
N ARG A 626 -0.69 -18.15 -50.87
CA ARG A 626 -1.95 -18.27 -51.59
C ARG A 626 -3.08 -17.52 -50.90
N GLU A 627 -3.17 -17.64 -49.56
CA GLU A 627 -4.21 -16.92 -48.83
C GLU A 627 -3.89 -15.43 -48.72
N VAL A 628 -2.62 -15.06 -48.74
CA VAL A 628 -2.25 -13.65 -48.79
C VAL A 628 -2.65 -13.04 -50.14
N ASN A 629 -2.35 -13.74 -51.24
CA ASN A 629 -2.64 -13.21 -52.57
C ASN A 629 -4.12 -13.15 -52.88
N GLN A 630 -4.98 -13.70 -52.01
CA GLN A 630 -6.40 -13.44 -52.16
C GLN A 630 -6.78 -12.08 -51.61
N GLN A 631 -6.23 -11.71 -50.45
CA GLN A 631 -6.50 -10.38 -49.90
C GLN A 631 -5.82 -9.29 -50.70
N VAL A 632 -4.63 -9.57 -51.24
CA VAL A 632 -3.92 -8.55 -52.01
C VAL A 632 -4.67 -8.27 -53.31
N THR A 633 -5.19 -9.32 -53.96
CA THR A 633 -5.96 -9.13 -55.18
C THR A 633 -7.38 -8.66 -54.88
N GLY A 634 -7.91 -8.97 -53.70
CA GLY A 634 -9.17 -8.37 -53.28
C GLY A 634 -9.10 -6.86 -53.25
N LEU A 635 -8.00 -6.31 -52.73
CA LEU A 635 -7.76 -4.87 -52.74
C LEU A 635 -7.47 -4.32 -54.13
N GLY A 636 -7.43 -5.15 -55.17
CA GLY A 636 -7.19 -4.70 -56.52
C GLY A 636 -5.75 -4.70 -56.98
N LEU A 637 -4.83 -5.23 -56.19
CA LEU A 637 -3.41 -5.17 -56.52
C LEU A 637 -2.95 -6.46 -57.19
N GLN A 638 -1.78 -6.39 -57.82
CA GLN A 638 -1.17 -7.57 -58.41
C GLN A 638 -0.79 -8.57 -57.32
N PRO A 639 -0.67 -9.85 -57.68
CA PRO A 639 -0.30 -10.86 -56.69
C PRO A 639 1.21 -10.89 -56.42
N LEU A 640 1.56 -11.11 -55.15
CA LEU A 640 2.94 -11.15 -54.73
C LEU A 640 3.61 -12.48 -55.10
N GLU A 641 4.91 -12.41 -55.36
CA GLU A 641 5.75 -13.59 -55.59
C GLU A 641 6.86 -13.63 -54.54
N MET A 642 7.34 -14.82 -54.22
CA MET A 642 8.28 -14.97 -53.12
C MET A 642 9.34 -16.02 -53.44
N GLY A 643 10.60 -15.68 -53.17
CA GLY A 643 11.70 -16.62 -53.26
C GLY A 643 12.31 -16.85 -51.89
N ILE A 644 12.82 -18.07 -51.66
CA ILE A 644 13.31 -18.49 -50.35
C ILE A 644 14.63 -19.23 -50.51
N GLY A 645 15.59 -18.90 -49.67
CA GLY A 645 16.83 -19.65 -49.56
C GLY A 645 17.04 -20.09 -48.12
N ILE A 646 17.54 -21.30 -47.95
CA ILE A 646 17.86 -21.85 -46.64
C ILE A 646 19.28 -22.40 -46.66
N ASN A 647 20.04 -22.13 -45.58
CA ASN A 647 21.40 -22.63 -45.41
C ASN A 647 21.60 -23.09 -43.97
N THR A 648 22.51 -24.04 -43.78
CA THR A 648 22.86 -24.58 -42.46
C THR A 648 24.37 -24.54 -42.33
N GLY A 649 24.89 -24.05 -41.20
CA GLY A 649 26.34 -23.96 -41.06
C GLY A 649 26.73 -23.43 -39.70
N GLU A 650 28.02 -23.57 -39.39
CA GLU A 650 28.56 -22.95 -38.18
C GLU A 650 28.54 -21.44 -38.31
N VAL A 651 28.04 -20.76 -37.28
CA VAL A 651 28.03 -19.30 -37.23
C VAL A 651 28.46 -18.89 -35.84
N VAL A 652 28.91 -17.65 -35.74
CA VAL A 652 29.20 -17.05 -34.43
C VAL A 652 27.89 -16.52 -33.85
N VAL A 653 27.60 -16.90 -32.61
CA VAL A 653 26.37 -16.53 -31.92
C VAL A 653 26.75 -15.79 -30.66
N GLY A 654 26.07 -14.68 -30.38
CA GLY A 654 26.36 -13.92 -29.18
C GLY A 654 25.70 -12.56 -29.23
N ASN A 655 26.09 -11.72 -28.27
CA ASN A 655 25.69 -10.32 -28.22
C ASN A 655 26.38 -9.57 -29.36
N ILE A 656 25.64 -9.29 -30.43
CA ILE A 656 26.21 -8.61 -31.58
C ILE A 656 25.98 -7.10 -31.52
N GLY A 657 25.08 -6.62 -30.66
CA GLY A 657 24.87 -5.18 -30.54
C GLY A 657 26.02 -4.45 -29.90
N SER A 658 25.77 -3.27 -29.33
CA SER A 658 26.75 -2.68 -28.45
C SER A 658 26.70 -3.37 -27.09
N GLU A 659 27.68 -3.06 -26.24
CA GLU A 659 27.58 -3.51 -24.84
C GLU A 659 26.34 -2.94 -24.17
N LYS A 660 25.95 -1.72 -24.54
CA LYS A 660 24.86 -1.01 -23.85
C LYS A 660 23.48 -1.55 -24.23
N ARG A 661 23.27 -1.88 -25.51
CA ARG A 661 21.99 -2.39 -25.98
C ARG A 661 22.23 -3.66 -26.80
N THR A 662 22.18 -4.78 -26.11
CA THR A 662 22.53 -6.09 -26.64
C THR A 662 21.46 -6.60 -27.60
N LYS A 663 21.91 -7.47 -28.50
CA LYS A 663 21.03 -8.21 -29.40
C LYS A 663 21.70 -9.54 -29.69
N TYR A 664 21.03 -10.63 -29.33
CA TYR A 664 21.50 -11.99 -29.58
C TYR A 664 21.38 -12.28 -31.06
N GLY A 665 22.49 -12.26 -31.77
CA GLY A 665 22.50 -12.45 -33.20
C GLY A 665 23.55 -13.44 -33.64
N VAL A 666 23.58 -13.66 -34.94
CA VAL A 666 24.56 -14.53 -35.58
C VAL A 666 25.31 -13.74 -36.64
N VAL A 667 26.56 -14.13 -36.84
CA VAL A 667 27.45 -13.48 -37.81
C VAL A 667 28.29 -14.57 -38.45
N GLY A 668 28.52 -14.47 -39.74
CA GLY A 668 29.46 -15.37 -40.39
C GLY A 668 29.14 -15.58 -41.86
N ALA A 669 30.06 -16.28 -42.53
CA ALA A 669 29.92 -16.48 -43.97
C ALA A 669 28.71 -17.33 -44.30
N GLN A 670 28.30 -18.21 -43.38
CA GLN A 670 27.13 -19.04 -43.61
C GLN A 670 25.84 -18.25 -43.51
N VAL A 671 25.85 -17.11 -42.82
CA VAL A 671 24.71 -16.21 -42.87
C VAL A 671 24.61 -15.56 -44.24
N ASN A 672 25.73 -15.03 -44.74
CA ASN A 672 25.72 -14.33 -46.03
C ASN A 672 25.45 -15.30 -47.19
N LEU A 673 26.01 -16.51 -47.14
CA LEU A 673 25.69 -17.51 -48.17
C LEU A 673 24.18 -17.74 -48.33
N THR A 674 23.40 -17.58 -47.23
CA THR A 674 21.96 -17.80 -47.29
C THR A 674 21.29 -16.82 -48.26
N TYR A 675 21.68 -15.55 -48.21
CA TYR A 675 21.12 -14.57 -49.15
C TYR A 675 21.52 -14.90 -50.59
N ARG A 676 22.75 -15.38 -50.79
CA ARG A 676 23.15 -15.75 -52.15
C ARG A 676 22.32 -16.92 -52.66
N ILE A 677 22.03 -17.90 -51.80
CA ILE A 677 21.24 -19.05 -52.24
C ILE A 677 19.82 -18.62 -52.63
N GLU A 678 19.22 -17.73 -51.84
CA GLU A 678 17.90 -17.19 -52.19
C GLU A 678 17.93 -16.45 -53.52
N SER A 679 19.03 -15.79 -53.84
CA SER A 679 19.06 -14.94 -55.05
C SER A 679 18.88 -15.75 -56.32
N TYR A 680 19.26 -17.03 -56.31
CA TYR A 680 19.03 -17.91 -57.46
C TYR A 680 17.58 -18.33 -57.64
N THR A 681 16.71 -18.14 -56.64
CA THR A 681 15.33 -18.57 -56.80
C THR A 681 14.57 -17.67 -57.77
N THR A 682 13.48 -18.22 -58.33
CA THR A 682 12.45 -17.48 -59.04
C THR A 682 11.21 -17.43 -58.14
N GLY A 683 10.16 -16.80 -58.64
CA GLY A 683 8.92 -16.78 -57.88
C GLY A 683 8.38 -18.17 -57.59
N GLY A 684 7.99 -18.41 -56.33
CA GLY A 684 7.42 -19.67 -55.90
C GLY A 684 8.42 -20.74 -55.51
N GLN A 685 9.71 -20.44 -55.58
CA GLN A 685 10.77 -21.44 -55.52
C GLN A 685 11.47 -21.39 -54.16
N ILE A 686 11.89 -22.57 -53.70
CA ILE A 686 12.74 -22.69 -52.52
C ILE A 686 14.02 -23.41 -52.90
N PHE A 687 15.16 -22.74 -52.71
CA PHE A 687 16.49 -23.33 -52.86
C PHE A 687 17.11 -23.54 -51.48
N ILE A 688 17.70 -24.71 -51.26
CA ILE A 688 18.37 -24.99 -49.99
C ILE A 688 19.74 -25.55 -50.25
N SER A 689 20.64 -25.37 -49.27
CA SER A 689 21.99 -25.86 -49.44
C SER A 689 22.06 -27.37 -49.16
N SER A 690 23.21 -27.95 -49.51
CA SER A 690 23.42 -29.37 -49.27
C SER A 690 23.46 -29.69 -47.78
N THR A 691 24.07 -28.82 -46.97
CA THR A 691 24.13 -29.05 -45.52
C THR A 691 22.73 -29.04 -44.90
N THR A 692 21.84 -28.15 -45.38
CA THR A 692 20.45 -28.16 -44.93
C THR A 692 19.74 -29.44 -45.37
N LEU A 693 19.87 -29.79 -46.65
CA LEU A 693 19.26 -31.01 -47.15
C LEU A 693 19.74 -32.22 -46.35
N GLU A 694 21.03 -32.26 -45.99
CA GLU A 694 21.55 -33.39 -45.23
C GLU A 694 20.98 -33.40 -43.81
N ALA A 695 20.98 -32.25 -43.14
CA ALA A 695 20.48 -32.20 -41.77
C ALA A 695 18.96 -32.42 -41.73
N ALA A 696 18.24 -31.86 -42.69
CA ALA A 696 16.79 -32.03 -42.73
C ALA A 696 16.39 -33.50 -42.89
N GLY A 697 17.09 -34.26 -43.73
CA GLY A 697 16.87 -35.69 -43.84
C GLY A 697 16.03 -36.07 -45.05
N ASP A 698 15.71 -37.38 -45.11
CA ASP A 698 15.01 -37.97 -46.25
C ASP A 698 13.58 -37.48 -46.45
N ARG A 699 12.96 -36.84 -45.45
CA ARG A 699 11.58 -36.39 -45.62
C ARG A 699 11.45 -35.18 -46.54
N VAL A 700 12.56 -34.52 -46.89
CA VAL A 700 12.52 -33.40 -47.83
C VAL A 700 12.43 -33.95 -49.24
N HIS A 701 11.49 -33.44 -50.03
CA HIS A 701 11.34 -33.81 -51.44
C HIS A 701 11.94 -32.73 -52.33
N VAL A 702 12.79 -33.15 -53.28
CA VAL A 702 13.55 -32.24 -54.13
C VAL A 702 13.10 -32.41 -55.57
N ASN A 703 13.34 -31.37 -56.37
CA ASN A 703 13.03 -31.37 -57.80
C ASN A 703 14.27 -31.60 -58.65
N GLY A 704 15.30 -30.81 -58.41
CA GLY A 704 16.52 -30.83 -59.18
C GLY A 704 17.57 -30.10 -58.37
N ASN A 705 18.69 -29.80 -59.01
CA ASN A 705 19.78 -29.18 -58.30
C ASN A 705 20.58 -28.33 -59.26
N ARG A 706 21.44 -27.47 -58.70
CA ARG A 706 22.29 -26.56 -59.45
C ARG A 706 23.64 -26.45 -58.76
N THR A 707 24.72 -26.52 -59.52
CA THR A 707 26.02 -26.11 -59.00
C THR A 707 26.18 -24.62 -59.25
N VAL A 708 26.40 -23.86 -58.18
CA VAL A 708 26.59 -22.42 -58.25
C VAL A 708 27.87 -22.06 -57.52
N GLN A 709 28.54 -21.02 -57.98
CA GLN A 709 29.67 -20.46 -57.24
C GLN A 709 29.50 -18.96 -57.12
N PRO A 710 28.78 -18.49 -56.10
CA PRO A 710 28.70 -17.04 -55.86
C PRO A 710 30.05 -16.50 -55.40
N LYS A 711 30.37 -15.28 -55.84
CA LYS A 711 31.64 -14.69 -55.42
C LYS A 711 31.62 -14.39 -53.93
N GLY A 712 32.82 -14.33 -53.36
CA GLY A 712 32.93 -14.40 -51.91
C GLY A 712 32.93 -15.81 -51.39
N VAL A 713 32.90 -16.81 -52.27
CA VAL A 713 32.97 -18.22 -51.90
C VAL A 713 34.13 -18.83 -52.69
N LYS A 714 35.00 -19.56 -51.97
CA LYS A 714 36.16 -20.17 -52.60
C LYS A 714 35.80 -21.38 -53.45
N ASP A 715 34.80 -22.16 -53.04
CA ASP A 715 34.51 -23.43 -53.68
C ASP A 715 33.06 -23.50 -54.13
N PRO A 716 32.79 -24.21 -55.22
CA PRO A 716 31.40 -24.38 -55.68
C PRO A 716 30.57 -25.17 -54.67
N VAL A 717 29.26 -24.95 -54.73
CA VAL A 717 28.30 -25.57 -53.82
C VAL A 717 27.11 -26.04 -54.64
N VAL A 718 26.44 -27.09 -54.17
CA VAL A 718 25.23 -27.60 -54.80
C VAL A 718 24.04 -27.11 -54.01
N ILE A 719 23.06 -26.52 -54.70
CA ILE A 719 21.82 -26.12 -54.08
C ILE A 719 20.67 -26.93 -54.66
N TRP A 720 19.62 -27.11 -53.88
CA TRP A 720 18.60 -28.10 -54.20
C TRP A 720 17.24 -27.43 -54.22
N ASP A 721 16.48 -27.66 -55.30
CA ASP A 721 15.13 -27.13 -55.43
C ASP A 721 14.16 -28.03 -54.66
N VAL A 722 13.49 -27.47 -53.65
CA VAL A 722 12.61 -28.23 -52.75
C VAL A 722 11.20 -28.32 -53.33
N ALA A 723 10.69 -29.55 -53.46
CA ALA A 723 9.32 -29.75 -53.92
C ALA A 723 8.30 -29.84 -52.78
N GLY A 724 8.69 -30.36 -51.64
CA GLY A 724 7.77 -30.47 -50.52
C GLY A 724 8.43 -31.21 -49.38
N VAL A 725 7.61 -31.50 -48.36
CA VAL A 725 8.04 -32.19 -47.14
C VAL A 725 7.03 -33.29 -46.83
N GLY A 726 7.52 -34.45 -46.43
CA GLY A 726 6.70 -35.60 -46.12
C GLY A 726 6.27 -35.62 -44.68
N GLU A 727 6.00 -36.84 -44.17
CA GLU A 727 5.49 -36.98 -42.81
C GLU A 727 6.48 -36.40 -41.81
N PRO A 728 6.00 -35.70 -40.77
CA PRO A 728 4.60 -35.48 -40.44
C PRO A 728 4.00 -34.22 -41.06
N TYR A 729 4.75 -33.52 -41.91
CA TYR A 729 4.26 -32.25 -42.43
C TYR A 729 3.30 -32.45 -43.60
N ASN A 730 3.70 -33.26 -44.58
CA ASN A 730 2.92 -33.52 -45.80
C ASN A 730 2.47 -32.21 -46.47
N LEU A 731 3.44 -31.35 -46.73
CA LEU A 731 3.23 -30.14 -47.50
C LEU A 731 3.98 -30.28 -48.82
N SER A 732 3.33 -29.88 -49.91
CA SER A 732 3.94 -29.91 -51.22
C SER A 732 3.65 -28.60 -51.93
N LEU A 733 4.67 -28.05 -52.60
CA LEU A 733 4.46 -26.84 -53.38
C LEU A 733 3.52 -27.14 -54.53
N ALA A 734 2.42 -26.40 -54.58
CA ALA A 734 1.38 -26.63 -55.57
C ALA A 734 1.96 -26.59 -56.98
N VAL A 735 1.55 -27.53 -57.81
CA VAL A 735 2.04 -27.63 -59.18
C VAL A 735 0.99 -28.33 -60.03
N GLY B 1 3.69 -18.18 12.96
CA GLY B 1 3.80 -17.35 14.14
C GLY B 1 2.86 -17.82 15.23
N ALA B 2 3.39 -18.05 16.43
CA ALA B 2 2.60 -18.71 17.48
C ALA B 2 1.42 -17.87 17.94
N MET B 3 1.52 -16.53 17.89
CA MET B 3 0.41 -15.65 18.31
C MET B 3 -0.72 -15.64 17.29
N ALA B 4 -0.39 -15.72 15.99
CA ALA B 4 -1.37 -15.80 14.91
C ALA B 4 -1.74 -17.25 14.58
N ARG B 5 -1.65 -18.15 15.54
CA ARG B 5 -2.00 -19.55 15.39
C ARG B 5 -3.12 -19.86 16.38
N ASP B 6 -4.34 -20.13 15.85
CA ASP B 6 -5.48 -20.53 16.68
C ASP B 6 -5.07 -21.67 17.59
N PRO B 7 -5.71 -21.84 18.73
CA PRO B 7 -5.36 -22.94 19.63
C PRO B 7 -5.75 -24.28 19.04
N LEU B 8 -5.03 -25.32 19.46
CA LEU B 8 -5.38 -26.70 19.18
C LEU B 8 -6.82 -26.97 19.60
N PRO B 9 -7.49 -27.97 19.01
CA PRO B 9 -8.79 -28.40 19.57
C PRO B 9 -8.61 -28.81 21.02
N PHE B 10 -9.50 -28.34 21.90
CA PHE B 10 -9.42 -28.76 23.29
C PHE B 10 -9.91 -30.20 23.46
N PHE B 11 -9.43 -30.85 24.52
CA PHE B 11 -9.86 -32.16 25.01
C PHE B 11 -11.15 -32.05 25.84
N PRO B 12 -11.85 -33.16 26.06
CA PRO B 12 -13.06 -33.10 26.90
C PRO B 12 -12.72 -32.72 28.32
N PRO B 13 -13.60 -32.00 28.99
CA PRO B 13 -13.36 -31.66 30.41
C PRO B 13 -13.28 -32.91 31.27
N LEU B 14 -12.77 -32.72 32.49
CA LEU B 14 -12.53 -33.84 33.38
C LEU B 14 -13.82 -34.57 33.74
N TYR B 15 -14.88 -33.81 34.00
CA TYR B 15 -16.17 -34.37 34.45
C TYR B 15 -16.94 -35.06 33.32
N LEU B 16 -16.42 -35.05 32.10
CA LEU B 16 -16.90 -35.91 31.02
C LEU B 16 -15.88 -36.97 30.68
N GLY B 17 -14.96 -37.25 31.60
CA GLY B 17 -14.02 -38.32 31.34
C GLY B 17 -12.84 -37.88 30.53
N GLY B 18 -12.57 -36.58 30.47
CA GLY B 18 -11.40 -36.09 29.76
C GLY B 18 -10.10 -36.48 30.44
N PRO B 19 -9.00 -36.31 29.74
CA PRO B 19 -7.69 -36.68 30.31
C PRO B 19 -7.24 -35.67 31.35
N GLU B 20 -6.37 -36.14 32.24
CA GLU B 20 -5.74 -35.23 33.19
C GLU B 20 -4.70 -34.37 32.46
N ILE B 21 -4.51 -33.17 32.98
CA ILE B 21 -3.72 -32.15 32.32
C ILE B 21 -2.30 -32.20 32.85
N THR B 22 -1.34 -32.28 31.95
CA THR B 22 0.08 -32.16 32.29
C THR B 22 0.69 -31.14 31.35
N THR B 23 1.98 -30.84 31.54
CA THR B 23 2.63 -29.93 30.61
C THR B 23 2.75 -30.53 29.22
N GLU B 24 2.46 -31.83 29.06
CA GLU B 24 2.47 -32.43 27.73
C GLU B 24 1.26 -31.98 26.92
N ASN B 25 0.08 -31.95 27.53
CA ASN B 25 -1.17 -31.73 26.80
C ASN B 25 -1.90 -30.45 27.24
N CYS B 26 -1.23 -29.54 27.94
CA CYS B 26 -1.98 -28.48 28.60
C CYS B 26 -2.52 -27.41 27.67
N GLU B 27 -2.00 -27.29 26.43
CA GLU B 27 -2.67 -26.40 25.50
C GLU B 27 -4.10 -26.85 25.18
N ARG B 28 -4.50 -28.04 25.61
CA ARG B 28 -5.82 -28.57 25.29
C ARG B 28 -6.79 -28.58 26.45
N GLU B 29 -6.39 -28.07 27.61
CA GLU B 29 -7.32 -28.00 28.71
C GLU B 29 -8.48 -27.09 28.30
N PRO B 30 -9.72 -27.52 28.44
CA PRO B 30 -10.84 -26.64 28.07
C PRO B 30 -11.16 -25.67 29.21
N ILE B 31 -10.28 -24.68 29.35
CA ILE B 31 -10.36 -23.77 30.49
C ILE B 31 -11.63 -22.94 30.50
N HIS B 32 -12.34 -22.89 29.39
CA HIS B 32 -13.57 -22.09 29.36
C HIS B 32 -14.78 -22.82 29.95
N ILE B 33 -14.68 -24.12 30.20
CA ILE B 33 -15.83 -24.89 30.69
C ILE B 33 -15.47 -25.73 31.92
N PRO B 34 -14.95 -25.13 32.99
CA PRO B 34 -14.51 -25.93 34.14
C PRO B 34 -15.65 -26.49 34.98
N GLY B 35 -16.89 -26.05 34.76
CA GLY B 35 -18.01 -26.51 35.57
C GLY B 35 -17.93 -26.11 37.03
N SER B 36 -17.15 -25.10 37.38
CA SER B 36 -17.00 -24.70 38.76
C SER B 36 -16.59 -23.23 38.82
N ILE B 37 -16.67 -22.66 40.02
CA ILE B 37 -16.48 -21.23 40.21
C ILE B 37 -15.62 -20.97 41.44
N GLN B 38 -15.15 -19.74 41.54
CA GLN B 38 -14.33 -19.45 42.69
C GLN B 38 -15.23 -19.13 43.88
N PRO B 39 -14.82 -19.48 45.10
CA PRO B 39 -15.76 -19.47 46.22
C PRO B 39 -16.12 -18.11 46.79
N HIS B 40 -15.58 -16.99 46.29
CA HIS B 40 -15.93 -15.70 46.87
C HIS B 40 -17.20 -15.09 46.28
N GLY B 41 -17.84 -15.78 45.34
CA GLY B 41 -19.14 -15.35 44.87
C GLY B 41 -20.05 -16.53 44.59
N ALA B 42 -21.24 -16.30 44.05
CA ALA B 42 -22.14 -17.38 43.71
C ALA B 42 -22.57 -17.24 42.26
N LEU B 43 -22.95 -18.35 41.64
CA LEU B 43 -23.38 -18.32 40.25
C LEU B 43 -24.66 -19.10 40.07
N LEU B 44 -25.63 -18.50 39.36
CA LEU B 44 -26.81 -19.18 38.85
C LEU B 44 -26.80 -19.14 37.31
N THR B 45 -27.36 -20.18 36.70
CA THR B 45 -27.79 -20.11 35.31
C THR B 45 -29.31 -20.29 35.27
N ALA B 46 -29.92 -19.73 34.23
CA ALA B 46 -31.37 -19.68 34.17
C ALA B 46 -31.80 -19.68 32.72
N ASP B 47 -33.00 -20.20 32.48
CA ASP B 47 -33.53 -20.20 31.14
C ASP B 47 -33.81 -18.77 30.67
N GLY B 48 -33.34 -18.43 29.48
CA GLY B 48 -33.33 -17.05 29.03
C GLY B 48 -34.70 -16.48 28.75
N HIS B 49 -35.69 -17.33 28.50
CA HIS B 49 -37.05 -16.87 28.31
C HIS B 49 -37.89 -16.94 29.58
N SER B 50 -37.88 -18.08 30.28
CA SER B 50 -38.74 -18.24 31.45
C SER B 50 -38.10 -17.70 32.72
N GLY B 51 -36.79 -17.62 32.77
CA GLY B 51 -36.12 -17.26 34.01
C GLY B 51 -36.12 -18.36 35.07
N GLU B 52 -36.51 -19.59 34.72
CA GLU B 52 -36.35 -20.69 35.66
C GLU B 52 -34.87 -20.95 35.90
N VAL B 53 -34.51 -21.12 37.18
CA VAL B 53 -33.13 -21.42 37.55
C VAL B 53 -32.81 -22.86 37.13
N LEU B 54 -31.69 -23.02 36.41
CA LEU B 54 -31.28 -24.32 35.89
C LEU B 54 -30.03 -24.87 36.56
N GLN B 55 -29.03 -24.03 36.86
CA GLN B 55 -27.88 -24.47 37.63
C GLN B 55 -27.60 -23.49 38.75
N MET B 56 -27.03 -23.99 39.85
CA MET B 56 -26.49 -23.20 40.94
C MET B 56 -25.11 -23.70 41.29
N SER B 57 -24.21 -22.79 41.60
CA SER B 57 -22.97 -23.20 42.27
C SER B 57 -23.34 -23.79 43.63
N LEU B 58 -22.51 -24.73 44.10
CA LEU B 58 -22.86 -25.46 45.31
C LEU B 58 -23.08 -24.56 46.53
N ASN B 59 -22.60 -23.32 46.47
CA ASN B 59 -22.64 -22.41 47.60
C ASN B 59 -23.70 -21.34 47.46
N ALA B 60 -24.55 -21.42 46.41
CA ALA B 60 -25.48 -20.33 46.13
C ALA B 60 -26.49 -20.15 47.27
N ALA B 61 -27.02 -21.26 47.78
CA ALA B 61 -27.91 -21.21 48.93
C ALA B 61 -27.30 -20.41 50.06
N THR B 62 -26.16 -20.86 50.57
CA THR B 62 -25.55 -20.16 51.70
C THR B 62 -25.25 -18.71 51.34
N PHE B 63 -24.80 -18.48 50.10
CA PHE B 63 -24.47 -17.11 49.71
C PHE B 63 -25.70 -16.23 49.69
N LEU B 64 -26.71 -16.58 48.89
CA LEU B 64 -27.92 -15.77 48.76
C LEU B 64 -28.91 -15.96 49.90
N GLY B 65 -28.53 -16.71 50.93
CA GLY B 65 -29.36 -16.83 52.12
C GLY B 65 -30.75 -17.42 51.91
N GLN B 66 -30.88 -18.43 51.07
CA GLN B 66 -32.16 -19.08 50.84
C GLN B 66 -31.94 -20.58 50.77
N GLU B 67 -32.87 -21.34 51.34
CA GLU B 67 -32.71 -22.79 51.36
C GLU B 67 -32.59 -23.32 49.94
N PRO B 68 -31.77 -24.36 49.70
CA PRO B 68 -31.52 -24.78 48.31
C PRO B 68 -32.76 -25.26 47.58
N THR B 69 -33.81 -25.65 48.31
CA THR B 69 -35.02 -26.18 47.69
C THR B 69 -35.81 -25.08 47.00
N VAL B 70 -36.06 -23.95 47.70
CA VAL B 70 -36.77 -22.85 47.05
C VAL B 70 -35.98 -22.34 45.86
N LEU B 71 -34.67 -22.12 46.04
CA LEU B 71 -33.84 -21.54 45.00
C LEU B 71 -33.88 -22.35 43.72
N ARG B 72 -33.61 -23.66 43.82
CA ARG B 72 -33.71 -24.53 42.65
C ARG B 72 -35.15 -24.53 42.15
N GLY B 73 -35.33 -24.27 40.86
CA GLY B 73 -36.68 -24.15 40.35
C GLY B 73 -37.47 -23.00 40.92
N GLN B 74 -36.80 -21.92 41.28
CA GLN B 74 -37.43 -20.63 41.46
C GLN B 74 -37.24 -19.84 40.17
N THR B 75 -38.01 -18.77 40.03
CA THR B 75 -37.82 -17.91 38.87
C THR B 75 -37.03 -16.67 39.28
N LEU B 76 -36.30 -16.12 38.31
CA LEU B 76 -35.63 -14.85 38.51
C LEU B 76 -36.62 -13.72 38.74
N ALA B 77 -37.83 -13.86 38.17
CA ALA B 77 -38.90 -12.91 38.45
C ALA B 77 -39.17 -12.80 39.96
N ALA B 78 -39.11 -13.91 40.68
CA ALA B 78 -39.38 -13.86 42.11
C ALA B 78 -38.12 -13.61 42.92
N LEU B 79 -36.99 -14.06 42.42
CA LEU B 79 -35.72 -13.84 43.11
C LEU B 79 -35.20 -12.44 42.90
N LEU B 80 -35.50 -11.82 41.75
CA LEU B 80 -35.01 -10.48 41.40
C LEU B 80 -36.15 -9.70 40.79
N PRO B 81 -37.14 -9.32 41.60
CA PRO B 81 -38.34 -8.68 41.05
C PRO B 81 -38.05 -7.37 40.33
N GLU B 82 -36.97 -6.67 40.70
CA GLU B 82 -36.60 -5.45 40.01
C GLU B 82 -35.62 -5.70 38.87
N GLN B 83 -34.62 -6.56 39.08
CA GLN B 83 -33.58 -6.74 38.09
C GLN B 83 -33.97 -7.68 36.96
N TRP B 84 -34.99 -8.52 37.16
CA TRP B 84 -35.43 -9.40 36.08
C TRP B 84 -35.94 -8.64 34.86
N PRO B 85 -36.88 -7.68 34.99
CA PRO B 85 -37.25 -6.91 33.80
C PRO B 85 -36.09 -6.14 33.19
N ALA B 86 -35.12 -5.73 34.01
CA ALA B 86 -34.03 -4.88 33.51
C ALA B 86 -33.04 -5.68 32.68
N LEU B 87 -32.62 -6.85 33.18
CA LEU B 87 -31.66 -7.63 32.41
C LEU B 87 -32.29 -8.16 31.13
N GLN B 88 -33.58 -8.46 31.13
CA GLN B 88 -34.25 -8.76 29.88
C GLN B 88 -34.18 -7.56 28.93
N ALA B 89 -34.33 -6.34 29.46
CA ALA B 89 -34.30 -5.17 28.60
C ALA B 89 -32.90 -4.93 28.05
N ALA B 90 -31.88 -5.18 28.87
CA ALA B 90 -30.48 -5.00 28.50
C ALA B 90 -29.87 -6.19 27.77
N LEU B 91 -30.35 -7.41 28.03
CA LEU B 91 -29.85 -8.61 27.35
C LEU B 91 -30.97 -9.27 26.55
N PRO B 92 -31.47 -8.61 25.51
CA PRO B 92 -32.58 -9.18 24.76
C PRO B 92 -32.20 -10.51 24.15
N PRO B 93 -33.19 -11.39 23.92
CA PRO B 93 -32.89 -12.70 23.32
C PRO B 93 -32.26 -12.53 21.94
N GLY B 94 -31.20 -13.30 21.70
CA GLY B 94 -30.46 -13.19 20.44
C GLY B 94 -29.35 -12.16 20.41
N CYS B 95 -29.05 -11.51 21.53
CA CYS B 95 -27.98 -10.52 21.61
C CYS B 95 -26.63 -11.22 21.63
N PRO B 96 -25.54 -10.48 21.40
CA PRO B 96 -24.22 -11.13 21.46
C PRO B 96 -23.89 -11.61 22.85
N ASP B 97 -23.13 -12.71 22.90
CA ASP B 97 -22.68 -13.28 24.16
C ASP B 97 -21.72 -12.37 24.90
N ALA B 98 -21.14 -11.39 24.20
CA ALA B 98 -20.16 -10.51 24.80
C ALA B 98 -20.83 -9.46 25.69
N LEU B 99 -22.10 -9.17 25.44
CA LEU B 99 -22.85 -8.13 26.11
C LEU B 99 -23.08 -8.49 27.58
N GLN B 100 -22.75 -7.57 28.49
CA GLN B 100 -22.89 -7.82 29.92
C GLN B 100 -23.72 -6.73 30.55
N TYR B 101 -24.35 -7.07 31.67
CA TYR B 101 -25.24 -6.18 32.37
C TYR B 101 -24.88 -6.23 33.85
N ARG B 102 -24.75 -5.06 34.48
CA ARG B 102 -24.22 -4.93 35.83
C ARG B 102 -25.19 -4.10 36.66
N ALA B 103 -25.43 -4.51 37.90
CA ALA B 103 -26.33 -3.79 38.80
C ALA B 103 -25.98 -4.11 40.24
N THR B 104 -26.39 -3.24 41.15
CA THR B 104 -26.26 -3.47 42.59
C THR B 104 -27.60 -3.88 43.16
N LEU B 105 -27.58 -4.83 44.10
CA LEU B 105 -28.77 -5.31 44.80
C LEU B 105 -28.70 -4.93 46.27
N ASP B 106 -29.78 -4.35 46.78
CA ASP B 106 -29.94 -4.22 48.22
C ASP B 106 -30.44 -5.57 48.73
N TRP B 107 -29.56 -6.35 49.29
CA TRP B 107 -29.93 -7.72 49.58
C TRP B 107 -30.25 -7.90 51.07
N PRO B 108 -31.18 -8.81 51.41
CA PRO B 108 -31.64 -8.94 52.80
C PRO B 108 -30.58 -9.20 53.85
N ALA B 109 -29.54 -9.99 53.54
CA ALA B 109 -28.57 -10.38 54.55
C ALA B 109 -27.15 -10.06 54.12
N ALA B 110 -26.32 -9.64 55.09
CA ALA B 110 -24.86 -9.53 55.03
C ALA B 110 -24.35 -8.41 54.13
N GLY B 111 -25.23 -7.59 53.57
CA GLY B 111 -24.83 -6.45 52.77
C GLY B 111 -25.27 -6.59 51.32
N HIS B 112 -24.92 -5.56 50.54
CA HIS B 112 -25.30 -5.46 49.15
C HIS B 112 -24.54 -6.45 48.29
N LEU B 113 -25.15 -6.80 47.15
CA LEU B 113 -24.53 -7.70 46.19
C LEU B 113 -24.38 -7.00 44.86
N SER B 114 -23.30 -7.36 44.17
CA SER B 114 -23.07 -6.97 42.78
C SER B 114 -23.53 -8.09 41.87
N LEU B 115 -24.40 -7.76 40.92
CA LEU B 115 -24.95 -8.69 39.96
C LEU B 115 -24.35 -8.42 38.58
N THR B 116 -23.78 -9.46 37.96
CA THR B 116 -23.32 -9.38 36.57
C THR B 116 -23.97 -10.50 35.76
N VAL B 117 -24.62 -10.13 34.65
CA VAL B 117 -25.41 -11.06 33.86
C VAL B 117 -24.90 -11.04 32.42
N HIS B 118 -24.89 -12.21 31.79
CA HIS B 118 -24.74 -12.25 30.34
C HIS B 118 -25.49 -13.44 29.78
N ARG B 119 -25.69 -13.41 28.47
CA ARG B 119 -26.46 -14.42 27.78
C ARG B 119 -25.54 -15.30 26.93
N VAL B 120 -25.78 -16.60 26.95
CA VAL B 120 -25.08 -17.54 26.07
C VAL B 120 -26.16 -18.42 25.45
N GLY B 121 -26.60 -18.06 24.25
CA GLY B 121 -27.69 -18.78 23.62
C GLY B 121 -29.00 -18.63 24.36
N GLU B 122 -29.53 -19.74 24.86
CA GLU B 122 -30.81 -19.75 25.59
C GLU B 122 -30.62 -19.67 27.10
N LEU B 123 -29.40 -19.44 27.55
CA LEU B 123 -29.05 -19.52 28.96
C LEU B 123 -28.61 -18.13 29.47
N LEU B 124 -29.09 -17.77 30.66
CA LEU B 124 -28.62 -16.57 31.33
C LEU B 124 -27.66 -16.96 32.44
N ILE B 125 -26.51 -16.29 32.50
CA ILE B 125 -25.47 -16.56 33.48
C ILE B 125 -25.40 -15.36 34.44
N LEU B 126 -25.64 -15.60 35.73
CA LEU B 126 -25.75 -14.56 36.74
C LEU B 126 -24.66 -14.77 37.77
N GLU B 127 -23.82 -13.76 37.96
CA GLU B 127 -22.79 -13.77 38.98
C GLU B 127 -23.16 -12.81 40.11
N PHE B 128 -22.98 -13.28 41.34
CA PHE B 128 -23.28 -12.50 42.53
C PHE B 128 -22.00 -12.39 43.36
N GLU B 129 -21.81 -11.22 43.98
CA GLU B 129 -20.55 -10.95 44.65
C GLU B 129 -20.76 -9.84 45.68
N PRO B 130 -20.09 -9.89 46.84
CA PRO B 130 -20.25 -8.79 47.80
C PRO B 130 -19.75 -7.49 47.21
N THR B 131 -20.41 -6.40 47.62
CA THR B 131 -20.04 -5.06 47.22
C THR B 131 -20.39 -4.11 48.35
N GLU B 132 -19.71 -2.96 48.35
CA GLU B 132 -19.95 -1.93 49.37
C GLU B 132 -21.19 -1.11 49.06
N ALA B 133 -21.62 -1.06 47.80
CA ALA B 133 -22.66 -0.11 47.39
C ALA B 133 -22.23 1.31 47.75
N TRP B 134 -20.99 1.63 47.36
CA TRP B 134 -20.28 2.86 47.68
C TRP B 134 -18.92 2.77 47.00
N ASP B 135 -18.75 3.47 45.88
CA ASP B 135 -17.49 3.46 45.16
C ASP B 135 -16.35 3.98 46.04
N SER B 136 -15.43 3.08 46.38
CA SER B 136 -14.31 3.38 47.27
C SER B 136 -13.36 4.41 46.67
N THR B 137 -13.30 4.49 45.34
CA THR B 137 -12.24 5.18 44.62
C THR B 137 -12.51 6.67 44.40
N GLY B 138 -13.78 7.06 44.25
CA GLY B 138 -14.15 8.42 43.90
C GLY B 138 -14.05 8.69 42.40
N PRO B 139 -14.47 9.91 41.99
CA PRO B 139 -14.53 10.23 40.55
C PRO B 139 -13.19 10.52 39.87
N HIS B 140 -12.20 10.99 40.63
CA HIS B 140 -11.06 11.66 40.01
C HIS B 140 -9.91 10.73 39.63
N ALA B 141 -9.77 9.59 40.30
CA ALA B 141 -8.61 8.74 40.03
C ALA B 141 -8.56 8.29 38.56
N LEU B 142 -9.69 7.81 38.04
CA LEU B 142 -9.71 7.31 36.67
C LEU B 142 -9.53 8.45 35.67
N ARG B 143 -10.28 9.55 35.85
CA ARG B 143 -10.17 10.71 34.95
C ARG B 143 -8.75 11.26 34.93
N ASN B 144 -8.09 11.33 36.09
CA ASN B 144 -6.71 11.76 36.12
C ASN B 144 -5.80 10.81 35.35
N ALA B 145 -6.01 9.51 35.55
CA ALA B 145 -5.23 8.51 34.82
C ALA B 145 -5.44 8.60 33.32
N MET B 146 -6.70 8.75 32.88
CA MET B 146 -6.99 8.81 31.45
C MET B 146 -6.23 9.94 30.77
N PHE B 147 -6.21 11.12 31.40
CA PHE B 147 -5.48 12.24 30.83
C PHE B 147 -3.98 12.00 30.90
N ALA B 148 -3.50 11.33 31.95
CA ALA B 148 -2.07 11.08 32.05
C ALA B 148 -1.62 10.03 31.04
N LEU B 149 -2.44 9.00 30.83
CA LEU B 149 -2.18 8.05 29.76
C LEU B 149 -2.07 8.76 28.42
N GLU B 150 -3.03 9.63 28.11
CA GLU B 150 -3.05 10.29 26.81
C GLU B 150 -1.90 11.27 26.63
N SER B 151 -1.30 11.77 27.70
CA SER B 151 -0.22 12.72 27.54
C SER B 151 1.16 12.09 27.64
N ALA B 152 1.22 10.79 27.90
CA ALA B 152 2.52 10.13 27.91
C ALA B 152 3.20 10.32 26.57
N PRO B 153 4.49 10.66 26.54
CA PRO B 153 5.11 11.03 25.26
C PRO B 153 5.60 9.86 24.42
N ASN B 154 5.63 8.63 24.94
CA ASN B 154 6.14 7.50 24.16
C ASN B 154 5.63 6.21 24.79
N LEU B 155 5.96 5.07 24.17
CA LEU B 155 5.39 3.80 24.61
C LEU B 155 5.87 3.44 26.00
N ARG B 156 7.15 3.67 26.30
CA ARG B 156 7.69 3.30 27.61
C ARG B 156 7.00 4.09 28.70
N ALA B 157 6.89 5.41 28.53
CA ALA B 157 6.23 6.26 29.51
C ALA B 157 4.75 5.88 29.68
N LEU B 158 4.08 5.56 28.58
CA LEU B 158 2.70 5.09 28.68
C LEU B 158 2.61 3.84 29.53
N ALA B 159 3.58 2.91 29.39
CA ALA B 159 3.60 1.72 30.23
C ALA B 159 3.83 2.07 31.70
N GLU B 160 4.71 3.04 31.98
CA GLU B 160 4.95 3.49 33.35
C GLU B 160 3.69 4.00 33.99
N VAL B 161 2.98 4.90 33.29
CA VAL B 161 1.76 5.51 33.83
C VAL B 161 0.70 4.43 34.09
N ALA B 162 0.54 3.50 33.16
CA ALA B 162 -0.44 2.43 33.30
C ALA B 162 -0.22 1.61 34.56
N THR B 163 1.01 1.13 34.79
CA THR B 163 1.26 0.27 35.96
C THR B 163 1.25 1.09 37.26
N GLN B 164 1.77 2.30 37.21
CA GLN B 164 1.77 3.16 38.39
C GLN B 164 0.34 3.50 38.80
N THR B 165 -0.52 3.81 37.81
CA THR B 165 -1.90 4.16 38.11
C THR B 165 -2.69 2.96 38.62
N VAL B 166 -2.59 1.82 37.94
CA VAL B 166 -3.34 0.65 38.34
C VAL B 166 -2.96 0.24 39.76
N ARG B 167 -1.68 0.33 40.10
CA ARG B 167 -1.27 -0.02 41.45
C ARG B 167 -1.82 0.99 42.48
N GLU B 168 -1.81 2.29 42.14
CA GLU B 168 -2.44 3.28 43.02
C GLU B 168 -3.94 3.00 43.22
N LEU B 169 -4.61 2.55 42.16
CA LEU B 169 -6.06 2.36 42.24
C LEU B 169 -6.43 1.12 43.02
N THR B 170 -5.63 0.06 42.92
CA THR B 170 -6.02 -1.26 43.42
C THR B 170 -5.34 -1.66 44.71
N GLY B 171 -4.14 -1.15 44.97
CA GLY B 171 -3.35 -1.60 46.10
C GLY B 171 -2.57 -2.88 45.87
N PHE B 172 -2.55 -3.42 44.63
CA PHE B 172 -1.82 -4.64 44.35
C PHE B 172 -0.33 -4.49 44.65
N ASP B 173 0.28 -5.57 45.15
CA ASP B 173 1.71 -5.59 45.42
C ASP B 173 2.57 -5.57 44.15
N ARG B 174 2.01 -5.97 43.01
CA ARG B 174 2.76 -5.96 41.77
C ARG B 174 1.79 -5.72 40.63
N VAL B 175 2.16 -4.78 39.74
CA VAL B 175 1.41 -4.48 38.52
C VAL B 175 2.42 -4.37 37.38
N MET B 176 2.27 -5.23 36.38
CA MET B 176 3.17 -5.36 35.25
C MET B 176 2.42 -5.01 33.96
N LEU B 177 3.14 -4.44 33.01
CA LEU B 177 2.68 -4.41 31.63
C LEU B 177 3.47 -5.49 30.91
N TYR B 178 2.76 -6.48 30.39
CA TYR B 178 3.37 -7.66 29.80
C TYR B 178 3.13 -7.65 28.30
N LYS B 179 4.18 -7.57 27.50
CA LYS B 179 4.06 -7.35 26.05
C LYS B 179 4.42 -8.62 25.29
N PHE B 180 3.48 -9.11 24.46
CA PHE B 180 3.68 -10.34 23.68
C PHE B 180 4.51 -10.06 22.43
N ALA B 181 5.48 -10.91 22.17
CA ALA B 181 6.21 -10.88 20.90
C ALA B 181 5.47 -11.71 19.87
N PRO B 182 5.89 -11.70 18.61
CA PRO B 182 5.16 -12.49 17.60
C PRO B 182 5.18 -14.00 17.83
N ASP B 183 6.22 -14.55 18.47
CA ASP B 183 6.27 -15.96 18.82
C ASP B 183 5.57 -16.29 20.14
N ALA B 184 4.76 -15.37 20.66
CA ALA B 184 3.96 -15.47 21.89
C ALA B 184 4.77 -15.57 23.17
N THR B 185 6.10 -15.50 23.13
CA THR B 185 6.79 -15.13 24.34
C THR B 185 6.39 -13.71 24.72
N GLY B 186 6.63 -13.37 25.98
CA GLY B 186 6.30 -12.04 26.46
C GLY B 186 7.40 -11.51 27.35
N GLU B 187 7.36 -10.20 27.55
CA GLU B 187 8.38 -9.51 28.34
C GLU B 187 7.71 -8.50 29.26
N VAL B 188 8.24 -8.37 30.48
CA VAL B 188 7.76 -7.34 31.41
C VAL B 188 8.44 -6.04 31.02
N ILE B 189 7.68 -5.12 30.40
CA ILE B 189 8.27 -3.85 29.95
C ILE B 189 8.01 -2.70 30.92
N ALA B 190 7.19 -2.91 31.95
CA ALA B 190 7.04 -1.96 33.04
C ALA B 190 6.49 -2.69 34.24
N GLU B 191 6.85 -2.20 35.43
CA GLU B 191 6.51 -2.82 36.69
C GLU B 191 6.46 -1.77 37.80
N ALA B 192 5.34 -1.72 38.53
CA ALA B 192 5.22 -1.00 39.79
C ALA B 192 4.98 -2.03 40.88
N ARG B 193 5.75 -1.95 41.97
CA ARG B 193 5.75 -3.04 42.94
C ARG B 193 6.04 -2.52 44.34
N ARG B 194 5.49 -3.26 45.31
CA ARG B 194 5.73 -3.01 46.72
C ARG B 194 7.21 -3.16 47.01
N GLU B 195 7.70 -2.33 47.94
CA GLU B 195 9.09 -2.40 48.36
C GLU B 195 9.42 -3.79 48.88
N GLY B 196 10.66 -4.22 48.63
CA GLY B 196 11.09 -5.53 49.06
C GLY B 196 10.68 -6.68 48.16
N LEU B 197 9.93 -6.42 47.08
CA LEU B 197 9.50 -7.49 46.19
C LEU B 197 10.51 -7.71 45.07
N HIS B 198 10.77 -8.98 44.77
CA HIS B 198 11.54 -9.34 43.59
C HIS B 198 10.98 -8.70 42.32
N ALA B 199 11.87 -8.13 41.51
CA ALA B 199 11.49 -7.47 40.27
C ALA B 199 11.53 -8.45 39.09
N PHE B 200 10.46 -8.46 38.31
CA PHE B 200 10.44 -9.18 37.05
C PHE B 200 10.74 -8.30 35.85
N LEU B 201 10.80 -6.98 36.02
CA LEU B 201 11.03 -6.05 34.91
C LEU B 201 12.19 -6.53 34.04
N GLY B 202 12.01 -6.42 32.73
CA GLY B 202 13.05 -6.80 31.80
C GLY B 202 13.18 -8.28 31.53
N HIS B 203 12.32 -9.13 32.10
CA HIS B 203 12.42 -10.57 31.94
C HIS B 203 11.49 -11.05 30.82
N ARG B 204 11.96 -12.02 30.03
CA ARG B 204 11.12 -12.69 29.06
C ARG B 204 10.64 -14.02 29.66
N PHE B 205 9.42 -14.41 29.30
CA PHE B 205 8.82 -15.65 29.76
C PHE B 205 8.37 -16.46 28.57
N PRO B 206 8.45 -17.80 28.65
CA PRO B 206 8.11 -18.62 27.49
C PRO B 206 6.65 -18.47 27.10
N ALA B 207 6.38 -18.70 25.81
CA ALA B 207 5.01 -18.66 25.32
C ALA B 207 4.11 -19.60 26.11
N SER B 208 4.64 -20.75 26.56
CA SER B 208 3.88 -21.72 27.32
C SER B 208 3.48 -21.25 28.72
N ASP B 209 4.02 -20.15 29.24
CA ASP B 209 3.46 -19.66 30.51
C ASP B 209 2.01 -19.20 30.35
N ILE B 210 1.60 -18.83 29.14
CA ILE B 210 0.22 -18.50 28.82
C ILE B 210 -0.16 -19.22 27.53
N PRO B 211 -0.80 -20.39 27.62
CA PRO B 211 -1.03 -21.19 26.41
C PRO B 211 -2.06 -20.57 25.46
N ALA B 212 -1.98 -21.05 24.22
CA ALA B 212 -2.70 -20.51 23.06
C ALA B 212 -4.21 -20.40 23.30
N GLN B 213 -4.79 -21.36 24.01
CA GLN B 213 -6.22 -21.24 24.24
C GLN B 213 -6.53 -20.25 25.34
N ALA B 214 -5.56 -19.98 26.22
CA ALA B 214 -5.78 -18.89 27.16
C ALA B 214 -5.68 -17.56 26.42
N ARG B 215 -4.70 -17.43 25.53
CA ARG B 215 -4.54 -16.17 24.80
C ARG B 215 -5.75 -15.90 23.92
N ALA B 216 -6.28 -16.93 23.25
CA ALA B 216 -7.50 -16.76 22.47
C ALA B 216 -8.65 -16.31 23.37
N LEU B 217 -8.86 -17.02 24.49
CA LEU B 217 -9.93 -16.63 25.39
C LEU B 217 -9.76 -15.17 25.84
N TYR B 218 -8.53 -14.77 26.20
CA TYR B 218 -8.26 -13.42 26.65
C TYR B 218 -8.39 -12.37 25.55
N THR B 219 -8.57 -12.79 24.28
CA THR B 219 -8.82 -11.84 23.20
C THR B 219 -10.28 -11.41 23.16
N ARG B 220 -11.15 -12.21 23.74
CA ARG B 220 -12.60 -12.00 23.71
C ARG B 220 -13.14 -11.58 25.06
N HIS B 221 -12.57 -12.09 26.14
CA HIS B 221 -12.99 -11.72 27.49
C HIS B 221 -11.78 -11.10 28.17
N LEU B 222 -11.85 -9.79 28.35
CA LEU B 222 -10.67 -8.97 28.58
C LEU B 222 -10.25 -8.86 30.04
N LEU B 223 -10.98 -9.44 31.00
CA LEU B 223 -10.49 -9.47 32.38
C LEU B 223 -10.73 -10.84 33.01
N ARG B 224 -9.77 -11.32 33.81
CA ARG B 224 -9.92 -12.57 34.56
C ARG B 224 -9.00 -12.52 35.77
N LEU B 225 -9.36 -13.29 36.80
CA LEU B 225 -8.67 -13.17 38.09
C LEU B 225 -8.71 -14.48 38.86
N THR B 226 -7.76 -14.61 39.78
CA THR B 226 -7.82 -15.61 40.85
C THR B 226 -7.69 -14.86 42.18
N ALA B 227 -8.80 -14.77 42.90
CA ALA B 227 -8.82 -13.99 44.13
C ALA B 227 -7.98 -14.62 45.23
N ASP B 228 -7.81 -15.94 45.21
CA ASP B 228 -7.20 -16.66 46.34
C ASP B 228 -6.62 -17.94 45.78
N THR B 229 -5.29 -17.98 45.65
CA THR B 229 -4.63 -19.10 44.99
C THR B 229 -4.66 -20.39 45.81
N ARG B 230 -5.08 -20.34 47.07
CA ARG B 230 -5.26 -21.55 47.87
C ARG B 230 -6.68 -22.12 47.81
N ALA B 231 -7.63 -21.38 47.23
CA ALA B 231 -9.04 -21.70 47.40
C ALA B 231 -9.52 -22.76 46.41
N ALA B 232 -10.29 -23.72 46.90
CA ALA B 232 -10.84 -24.75 46.04
C ALA B 232 -12.01 -24.20 45.23
N ALA B 233 -12.19 -24.75 44.03
CA ALA B 233 -13.33 -24.42 43.19
C ALA B 233 -14.63 -24.95 43.79
N VAL B 234 -15.75 -24.36 43.39
CA VAL B 234 -17.07 -24.74 43.87
C VAL B 234 -17.85 -25.24 42.65
N PRO B 235 -18.30 -26.49 42.64
CA PRO B 235 -18.98 -27.03 41.45
C PRO B 235 -20.31 -26.36 41.17
N LEU B 236 -20.69 -26.38 39.90
CA LEU B 236 -22.07 -26.09 39.51
C LEU B 236 -22.91 -27.35 39.66
N ASP B 237 -24.16 -27.19 40.06
CA ASP B 237 -25.09 -28.30 40.19
C ASP B 237 -26.36 -27.98 39.43
N PRO B 238 -26.75 -28.79 38.43
CA PRO B 238 -25.91 -29.86 37.87
C PRO B 238 -24.78 -29.26 37.04
N VAL B 239 -23.74 -30.05 36.73
CA VAL B 239 -22.56 -29.46 36.10
C VAL B 239 -22.81 -29.17 34.63
N LEU B 240 -23.73 -29.91 34.01
CA LEU B 240 -24.09 -29.72 32.60
C LEU B 240 -25.35 -28.88 32.53
N ASN B 241 -25.41 -27.98 31.55
CA ASN B 241 -26.64 -27.23 31.31
C ASN B 241 -27.73 -28.19 30.83
N PRO B 242 -28.88 -28.30 31.52
CA PRO B 242 -29.93 -29.24 31.08
C PRO B 242 -30.65 -28.82 29.80
N GLN B 243 -30.48 -27.58 29.34
CA GLN B 243 -31.01 -27.22 28.03
C GLN B 243 -30.32 -27.98 26.91
N THR B 244 -29.06 -28.34 27.11
CA THR B 244 -28.20 -28.87 26.07
C THR B 244 -27.57 -30.21 26.42
N ASN B 245 -27.58 -30.61 27.69
CA ASN B 245 -26.82 -31.77 28.16
C ASN B 245 -25.34 -31.64 27.79
N ALA B 246 -24.80 -30.43 27.94
CA ALA B 246 -23.46 -30.11 27.51
C ALA B 246 -22.86 -29.11 28.47
N PRO B 247 -21.53 -28.97 28.49
CA PRO B 247 -20.90 -28.03 29.44
C PRO B 247 -21.39 -26.61 29.29
N THR B 248 -21.45 -25.89 30.42
CA THR B 248 -21.88 -24.49 30.44
C THR B 248 -20.70 -23.57 30.13
N PRO B 249 -20.77 -22.77 29.07
CA PRO B 249 -19.64 -21.89 28.73
C PRO B 249 -19.45 -20.82 29.80
N LEU B 250 -18.28 -20.79 30.43
CA LEU B 250 -18.04 -19.87 31.54
C LEU B 250 -16.95 -18.84 31.24
N GLY B 251 -16.51 -18.70 29.98
CA GLY B 251 -15.42 -17.78 29.68
C GLY B 251 -15.71 -16.32 30.04
N GLY B 252 -16.98 -15.93 30.00
CA GLY B 252 -17.46 -14.58 30.25
C GLY B 252 -17.88 -14.30 31.68
N ALA B 253 -17.65 -15.24 32.60
CA ALA B 253 -17.97 -15.05 34.00
C ALA B 253 -16.66 -14.86 34.75
N VAL B 254 -16.53 -13.74 35.46
CA VAL B 254 -15.27 -13.49 36.15
C VAL B 254 -15.08 -14.49 37.28
N LEU B 255 -16.18 -15.08 37.80
CA LEU B 255 -16.08 -16.11 38.83
C LEU B 255 -15.64 -17.48 38.32
N ARG B 256 -15.40 -17.63 37.00
CA ARG B 256 -14.96 -18.91 36.44
C ARG B 256 -13.75 -19.44 37.20
N ALA B 257 -13.79 -20.73 37.55
CA ALA B 257 -12.63 -21.33 38.21
C ALA B 257 -11.42 -21.28 37.31
N THR B 258 -10.29 -20.91 37.90
CA THR B 258 -9.01 -20.84 37.18
C THR B 258 -8.44 -22.23 37.00
N SER B 259 -7.71 -22.42 35.90
CA SER B 259 -7.11 -23.72 35.61
C SER B 259 -6.21 -24.17 36.76
N PRO B 260 -6.30 -25.43 37.18
CA PRO B 260 -5.37 -25.91 38.22
C PRO B 260 -3.91 -25.76 37.82
N MET B 261 -3.58 -25.89 36.53
CA MET B 261 -2.21 -25.63 36.11
C MET B 261 -1.76 -24.24 36.53
N HIS B 262 -2.56 -23.21 36.19
CA HIS B 262 -2.18 -21.84 36.51
C HIS B 262 -2.26 -21.59 38.02
N MET B 263 -3.29 -22.15 38.70
CA MET B 263 -3.35 -22.08 40.16
C MET B 263 -2.02 -22.48 40.79
N GLN B 264 -1.47 -23.60 40.31
CA GLN B 264 -0.21 -24.12 40.84
C GLN B 264 0.97 -23.24 40.46
N TYR B 265 0.98 -22.74 39.22
CA TYR B 265 2.02 -21.79 38.81
C TYR B 265 2.07 -20.59 39.75
N LEU B 266 0.89 -20.03 40.08
CA LEU B 266 0.86 -18.84 40.94
C LEU B 266 1.35 -19.16 42.34
N ARG B 267 0.98 -20.33 42.88
CA ARG B 267 1.50 -20.74 44.18
C ARG B 267 3.02 -20.86 44.14
N ASN B 268 3.55 -21.54 43.11
CA ASN B 268 5.01 -21.66 42.98
C ASN B 268 5.66 -20.29 42.92
N MET B 269 5.02 -19.36 42.24
CA MET B 269 5.58 -18.03 42.11
C MET B 269 5.42 -17.20 43.38
N GLY B 270 4.75 -17.72 44.41
CA GLY B 270 4.57 -17.00 45.66
C GLY B 270 3.40 -16.04 45.69
N VAL B 271 2.42 -16.23 44.82
CA VAL B 271 1.33 -15.28 44.60
C VAL B 271 0.06 -15.77 45.31
N GLY B 272 -0.53 -14.90 46.12
CA GLY B 272 -1.80 -15.17 46.78
C GLY B 272 -3.03 -14.78 45.99
N SER B 273 -2.88 -13.82 45.07
CA SER B 273 -3.99 -13.28 44.31
C SER B 273 -3.47 -12.77 42.98
N SER B 274 -4.28 -12.91 41.94
CA SER B 274 -3.83 -12.53 40.60
C SER B 274 -5.00 -11.99 39.79
N LEU B 275 -4.67 -11.10 38.86
CA LEU B 275 -5.66 -10.52 37.96
C LEU B 275 -4.93 -9.95 36.75
N SER B 276 -5.53 -10.09 35.57
CA SER B 276 -4.97 -9.46 34.39
C SER B 276 -6.08 -8.87 33.53
N VAL B 277 -5.72 -7.86 32.75
CA VAL B 277 -6.61 -7.16 31.83
C VAL B 277 -5.96 -7.19 30.46
N SER B 278 -6.71 -7.60 29.44
CA SER B 278 -6.15 -7.69 28.11
C SER B 278 -5.97 -6.31 27.51
N VAL B 279 -4.83 -6.10 26.84
CA VAL B 279 -4.63 -4.99 25.93
C VAL B 279 -4.79 -5.55 24.51
N VAL B 280 -5.86 -5.17 23.82
CA VAL B 280 -6.15 -5.74 22.51
C VAL B 280 -6.07 -4.62 21.48
N VAL B 281 -5.23 -4.80 20.48
CA VAL B 281 -4.96 -3.80 19.46
C VAL B 281 -5.21 -4.42 18.09
N GLY B 282 -6.13 -3.85 17.32
CA GLY B 282 -6.45 -4.38 16.00
C GLY B 282 -7.01 -5.79 16.01
N GLY B 283 -7.68 -6.20 17.07
CA GLY B 283 -8.21 -7.54 17.16
C GLY B 283 -7.20 -8.58 17.60
N GLN B 284 -6.02 -8.16 18.02
CA GLN B 284 -4.93 -9.06 18.40
C GLN B 284 -4.50 -8.74 19.82
N LEU B 285 -4.15 -9.79 20.57
CA LEU B 285 -3.75 -9.64 21.97
C LEU B 285 -2.37 -9.01 22.04
N TRP B 286 -2.32 -7.70 22.25
CA TRP B 286 -1.02 -7.03 22.32
C TRP B 286 -0.29 -7.36 23.63
N GLY B 287 -1.03 -7.45 24.73
CA GLY B 287 -0.40 -7.78 25.99
C GLY B 287 -1.42 -7.72 27.12
N LEU B 288 -0.88 -7.72 28.34
CA LEU B 288 -1.66 -7.77 29.56
C LEU B 288 -1.17 -6.75 30.57
N ILE B 289 -2.10 -6.16 31.29
CA ILE B 289 -1.81 -5.63 32.63
C ILE B 289 -1.97 -6.80 33.58
N ALA B 290 -0.89 -7.21 34.22
CA ALA B 290 -0.87 -8.43 35.03
C ALA B 290 -0.54 -8.04 36.46
N CYS B 291 -1.46 -8.37 37.40
CA CYS B 291 -1.37 -7.92 38.79
C CYS B 291 -1.26 -9.08 39.77
N HIS B 292 -0.45 -8.90 40.82
CA HIS B 292 -0.27 -9.89 41.87
C HIS B 292 -0.48 -9.28 43.23
N HIS B 293 -1.00 -10.09 44.14
CA HIS B 293 -0.95 -9.74 45.55
C HIS B 293 -0.31 -10.92 46.28
N GLN B 294 0.38 -10.60 47.38
CA GLN B 294 1.06 -11.65 48.12
C GLN B 294 0.11 -12.48 48.97
N THR B 295 -1.08 -11.97 49.26
CA THR B 295 -2.09 -12.63 50.06
C THR B 295 -3.41 -12.57 49.31
N PRO B 296 -4.41 -13.37 49.71
CA PRO B 296 -5.70 -13.33 49.00
C PRO B 296 -6.30 -11.94 48.97
N TYR B 297 -7.00 -11.64 47.89
CA TYR B 297 -7.57 -10.32 47.71
C TYR B 297 -8.69 -10.39 46.69
N VAL B 298 -9.89 -9.99 47.10
CA VAL B 298 -11.05 -9.87 46.22
C VAL B 298 -11.14 -8.41 45.80
N LEU B 299 -10.72 -8.09 44.57
CA LEU B 299 -10.88 -6.72 44.08
C LEU B 299 -12.37 -6.41 44.01
N PRO B 300 -12.84 -5.34 44.66
CA PRO B 300 -14.26 -5.03 44.58
C PRO B 300 -14.68 -4.79 43.15
N PRO B 301 -15.95 -5.07 42.81
CA PRO B 301 -16.40 -5.01 41.41
C PRO B 301 -16.24 -3.66 40.74
N ASP B 302 -16.42 -2.58 41.48
CA ASP B 302 -16.32 -1.23 40.91
C ASP B 302 -14.89 -0.90 40.55
N LEU B 303 -13.93 -1.35 41.35
CA LEU B 303 -12.53 -1.24 41.00
C LEU B 303 -12.22 -2.02 39.73
N ARG B 304 -12.80 -3.22 39.58
CA ARG B 304 -12.60 -3.97 38.34
C ARG B 304 -13.08 -3.19 37.12
N THR B 305 -14.24 -2.52 37.23
CA THR B 305 -14.75 -1.79 36.08
C THR B 305 -13.79 -0.67 35.68
N THR B 306 -13.22 0.03 36.66
CA THR B 306 -12.16 0.98 36.38
C THR B 306 -11.03 0.34 35.60
N LEU B 307 -10.59 -0.84 36.04
CA LEU B 307 -9.55 -1.56 35.33
C LEU B 307 -9.98 -1.88 33.92
N GLU B 308 -11.18 -2.47 33.75
CA GLU B 308 -11.63 -2.84 32.40
C GLU B 308 -11.63 -1.63 31.47
N TYR B 309 -12.05 -0.48 31.98
CA TYR B 309 -12.04 0.75 31.19
C TYR B 309 -10.62 1.19 30.84
N LEU B 310 -9.70 1.18 31.82
CA LEU B 310 -8.30 1.44 31.49
C LEU B 310 -7.80 0.49 30.42
N GLY B 311 -8.25 -0.77 30.44
CA GLY B 311 -7.91 -1.68 29.37
C GLY B 311 -8.30 -1.15 28.01
N ARG B 312 -9.55 -0.68 27.87
CA ARG B 312 -10.00 -0.11 26.60
C ARG B 312 -9.17 1.11 26.25
N LEU B 313 -8.91 1.96 27.23
CA LEU B 313 -8.13 3.17 27.02
C LEU B 313 -6.73 2.85 26.53
N LEU B 314 -6.06 1.94 27.24
CA LEU B 314 -4.70 1.52 26.88
C LEU B 314 -4.65 0.90 25.50
N SER B 315 -5.68 0.16 25.13
CA SER B 315 -5.72 -0.45 23.80
C SER B 315 -5.63 0.62 22.72
N LEU B 316 -6.33 1.74 22.88
CA LEU B 316 -6.21 2.81 21.90
C LEU B 316 -4.87 3.50 21.99
N GLN B 317 -4.40 3.81 23.21
CA GLN B 317 -3.18 4.59 23.36
C GLN B 317 -1.92 3.83 22.97
N VAL B 318 -1.89 2.51 23.16
CA VAL B 318 -0.74 1.74 22.67
C VAL B 318 -0.58 1.95 21.17
N GLN B 319 -1.69 1.93 20.44
CA GLN B 319 -1.64 2.20 19.01
C GLN B 319 -1.11 3.61 18.73
N VAL B 320 -1.63 4.61 19.45
CA VAL B 320 -1.19 5.98 19.24
C VAL B 320 0.30 6.12 19.50
N LYS B 321 0.76 5.60 20.65
CA LYS B 321 2.16 5.77 21.03
C LYS B 321 3.10 4.98 20.13
N GLU B 322 2.66 3.81 19.65
CA GLU B 322 3.54 3.06 18.76
C GLU B 322 3.70 3.78 17.42
N ALA B 323 2.62 4.35 16.90
CA ALA B 323 2.74 5.08 15.64
C ALA B 323 3.63 6.30 15.80
N ALA B 324 3.54 6.98 16.96
CA ALA B 324 4.37 8.17 17.18
C ALA B 324 5.83 7.80 17.34
N ASP B 325 6.13 6.71 18.05
CA ASP B 325 7.52 6.29 18.17
C ASP B 325 8.10 5.91 16.81
N VAL B 326 7.30 5.26 15.96
CA VAL B 326 7.78 4.89 14.62
C VAL B 326 8.05 6.14 13.79
N ALA B 327 7.04 7.02 13.70
CA ALA B 327 7.18 8.28 12.99
C ALA B 327 8.39 9.07 13.45
N ALA B 328 8.70 9.03 14.74
CA ALA B 328 9.88 9.76 15.23
C ALA B 328 11.18 9.11 14.74
N PHE B 329 11.21 7.78 14.69
CA PHE B 329 12.33 7.07 14.09
C PHE B 329 12.52 7.48 12.64
N ARG B 330 11.41 7.55 11.89
CA ARG B 330 11.54 7.88 10.48
C ARG B 330 11.80 9.36 10.26
N GLN B 331 11.38 10.19 11.21
CA GLN B 331 11.67 11.61 11.15
C GLN B 331 13.18 11.88 11.09
N SER B 332 14.00 11.04 11.75
CA SER B 332 15.45 11.22 11.73
C SER B 332 16.10 10.66 10.47
N LEU B 333 15.36 9.95 9.63
CA LEU B 333 15.86 9.49 8.34
C LEU B 333 15.28 10.29 7.19
N ARG B 334 14.60 11.40 7.48
CA ARG B 334 13.82 12.10 6.45
C ARG B 334 14.68 12.57 5.29
N GLU B 335 15.73 13.35 5.59
CA GLU B 335 16.66 13.81 4.56
C GLU B 335 17.12 12.65 3.69
N HIS B 336 17.54 11.56 4.32
CA HIS B 336 18.05 10.43 3.57
C HIS B 336 16.95 9.74 2.78
N HIS B 337 15.74 9.70 3.33
CA HIS B 337 14.62 9.02 2.68
C HIS B 337 14.19 9.76 1.42
N ALA B 338 14.03 11.08 1.52
CA ALA B 338 13.72 11.87 0.33
C ALA B 338 14.77 11.68 -0.76
N ARG B 339 16.05 11.70 -0.39
CA ARG B 339 17.10 11.56 -1.41
C ARG B 339 17.01 10.21 -2.12
N VAL B 340 16.77 9.13 -1.38
CA VAL B 340 16.64 7.81 -2.00
C VAL B 340 15.37 7.72 -2.83
N ALA B 341 14.28 8.34 -2.37
CA ALA B 341 13.04 8.30 -3.12
C ALA B 341 13.16 9.02 -4.46
N LEU B 342 13.85 10.16 -4.47
CA LEU B 342 13.97 10.94 -5.70
C LEU B 342 14.77 10.18 -6.75
N ALA B 343 15.86 9.54 -6.33
CA ALA B 343 16.71 8.79 -7.27
C ALA B 343 15.98 7.56 -7.80
N ALA B 344 15.36 6.78 -6.92
CA ALA B 344 14.69 5.57 -7.37
C ALA B 344 13.49 5.89 -8.26
N ALA B 345 12.82 7.03 -8.03
CA ALA B 345 11.53 7.31 -8.64
C ALA B 345 11.63 7.35 -10.17
N HIS B 346 12.54 8.15 -10.71
CA HIS B 346 12.61 8.35 -12.16
C HIS B 346 13.73 7.59 -12.82
N SER B 347 14.53 6.83 -12.07
CA SER B 347 15.66 6.11 -12.63
C SER B 347 15.23 5.05 -13.64
N LEU B 348 15.83 5.10 -14.83
CA LEU B 348 15.56 4.09 -15.86
C LEU B 348 16.56 2.94 -15.85
N SER B 349 17.71 3.13 -15.22
CA SER B 349 18.72 2.10 -15.05
C SER B 349 18.97 1.95 -13.56
N PRO B 350 18.14 1.17 -12.86
CA PRO B 350 18.25 1.09 -11.39
C PRO B 350 19.60 0.61 -10.89
N HIS B 351 20.30 -0.22 -11.66
CA HIS B 351 21.56 -0.76 -11.19
C HIS B 351 22.58 0.33 -10.95
N ASP B 352 22.63 1.32 -11.82
CA ASP B 352 23.62 2.39 -11.69
C ASP B 352 23.24 3.40 -10.62
N THR B 353 21.95 3.51 -10.27
CA THR B 353 21.48 4.49 -9.28
C THR B 353 21.52 3.96 -7.85
N LEU B 354 20.96 2.78 -7.61
CA LEU B 354 20.82 2.29 -6.25
C LEU B 354 22.12 1.75 -5.65
N SER B 355 23.14 1.50 -6.46
CA SER B 355 24.43 1.06 -5.95
C SER B 355 25.40 2.22 -5.74
N ASP B 356 25.01 3.43 -6.11
CA ASP B 356 25.82 4.61 -5.86
C ASP B 356 26.08 4.79 -4.37
N PRO B 357 27.34 4.81 -3.92
CA PRO B 357 27.60 5.02 -2.48
C PRO B 357 27.00 6.31 -1.93
N ALA B 358 26.85 7.34 -2.75
CA ALA B 358 26.19 8.56 -2.31
C ALA B 358 24.74 8.34 -1.93
N LEU B 359 24.10 7.29 -2.45
CA LEU B 359 22.73 7.00 -2.04
C LEU B 359 22.70 6.27 -0.70
N ASP B 360 23.66 5.38 -0.46
CA ASP B 360 23.84 4.70 0.82
C ASP B 360 22.59 3.91 1.21
N LEU B 361 22.17 3.01 0.31
CA LEU B 361 21.08 2.11 0.66
C LEU B 361 21.48 1.20 1.83
N LEU B 362 22.77 0.97 2.04
CA LEU B 362 23.23 0.17 3.16
C LEU B 362 22.96 0.88 4.49
N GLY B 363 23.35 2.15 4.58
CA GLY B 363 23.14 2.91 5.79
C GLY B 363 21.68 3.17 6.10
N LEU B 364 20.84 3.25 5.05
CA LEU B 364 19.42 3.58 5.27
C LEU B 364 18.74 2.55 6.14
N MET B 365 19.23 1.31 6.13
CA MET B 365 18.65 0.21 6.90
C MET B 365 19.59 -0.30 7.98
N ARG B 366 20.73 0.37 8.18
CA ARG B 366 21.75 -0.11 9.11
C ARG B 366 22.08 -1.56 8.83
N ALA B 367 22.44 -1.84 7.58
CA ALA B 367 22.67 -3.19 7.10
C ALA B 367 24.16 -3.43 6.91
N GLY B 368 24.53 -4.71 6.93
CA GLY B 368 25.90 -5.10 6.72
C GLY B 368 26.19 -5.52 5.29
N GLY B 369 25.15 -5.83 4.53
CA GLY B 369 25.26 -6.20 3.13
C GLY B 369 23.97 -6.04 2.36
N LEU B 370 24.07 -5.58 1.11
CA LEU B 370 22.90 -5.36 0.27
C LEU B 370 23.09 -6.09 -1.06
N ILE B 371 22.04 -6.75 -1.54
CA ILE B 371 22.00 -7.39 -2.85
C ILE B 371 20.98 -6.66 -3.70
N LEU B 372 21.36 -6.33 -4.93
CA LEU B 372 20.45 -5.67 -5.87
C LEU B 372 20.39 -6.54 -7.13
N ARG B 373 19.21 -7.08 -7.41
CA ARG B 373 18.97 -7.87 -8.60
C ARG B 373 18.01 -7.09 -9.50
N PHE B 374 18.52 -6.61 -10.63
CA PHE B 374 17.70 -5.94 -11.61
C PHE B 374 18.09 -6.42 -12.99
N GLU B 375 17.14 -6.34 -13.92
CA GLU B 375 17.29 -6.93 -15.25
C GLU B 375 17.66 -8.41 -15.08
N GLY B 376 18.85 -8.80 -15.53
CA GLY B 376 19.25 -10.18 -15.38
C GLY B 376 20.39 -10.38 -14.40
N ARG B 377 21.07 -9.30 -14.01
CA ARG B 377 22.27 -9.38 -13.19
C ARG B 377 21.99 -8.88 -11.78
N TRP B 378 22.66 -9.50 -10.80
CA TRP B 378 22.68 -9.01 -9.44
C TRP B 378 24.10 -8.59 -9.08
N GLN B 379 24.24 -7.43 -8.45
CA GLN B 379 25.47 -6.98 -7.84
C GLN B 379 25.24 -6.85 -6.35
N THR B 380 26.31 -6.58 -5.60
CA THR B 380 26.17 -6.44 -4.16
C THR B 380 26.95 -5.22 -3.68
N LEU B 381 26.59 -4.77 -2.48
CA LEU B 381 27.37 -3.82 -1.70
C LEU B 381 27.62 -4.42 -0.33
N GLY B 382 28.73 -4.02 0.29
CA GLY B 382 29.08 -4.46 1.63
C GLY B 382 29.38 -5.95 1.81
N GLU B 383 28.90 -6.51 2.92
CA GLU B 383 29.25 -7.88 3.33
C GLU B 383 28.14 -8.85 2.93
N VAL B 384 28.41 -9.67 1.93
CA VAL B 384 27.45 -10.67 1.46
C VAL B 384 28.13 -12.02 1.43
N PRO B 385 27.36 -13.11 1.46
CA PRO B 385 27.94 -14.45 1.37
C PRO B 385 28.60 -14.67 0.02
N PRO B 386 29.46 -15.70 -0.09
CA PRO B 386 30.11 -15.98 -1.37
C PRO B 386 29.08 -16.11 -2.49
N ALA B 387 29.52 -15.77 -3.71
CA ALA B 387 28.62 -15.72 -4.86
C ALA B 387 27.74 -16.95 -5.01
N PRO B 388 28.22 -18.20 -4.83
CA PRO B 388 27.30 -19.35 -4.87
C PRO B 388 26.11 -19.22 -3.93
N ALA B 389 26.33 -18.67 -2.72
CA ALA B 389 25.27 -18.59 -1.73
C ALA B 389 24.27 -17.48 -2.01
N VAL B 390 24.72 -16.37 -2.59
CA VAL B 390 23.81 -15.30 -3.00
C VAL B 390 22.81 -15.81 -4.03
N ASP B 391 23.25 -16.67 -4.95
CA ASP B 391 22.34 -17.23 -5.94
C ASP B 391 21.37 -18.24 -5.34
N ALA B 392 21.74 -18.87 -4.22
CA ALA B 392 20.84 -19.81 -3.54
C ALA B 392 19.78 -19.09 -2.73
N LEU B 393 20.10 -17.88 -2.25
CA LEU B 393 19.16 -17.05 -1.50
C LEU B 393 18.15 -16.40 -2.43
N LEU B 394 18.62 -15.81 -3.53
CA LEU B 394 17.72 -15.30 -4.56
C LEU B 394 16.82 -16.39 -5.12
N ALA B 395 17.31 -17.63 -5.18
CA ALA B 395 16.48 -18.72 -5.67
C ALA B 395 15.42 -19.10 -4.65
N TRP B 396 15.76 -19.06 -3.36
CA TRP B 396 14.75 -19.35 -2.34
C TRP B 396 13.81 -18.17 -2.16
N LEU B 397 14.32 -16.95 -2.30
CA LEU B 397 13.47 -15.76 -2.19
C LEU B 397 12.35 -15.81 -3.23
N GLU B 398 12.64 -16.31 -4.43
CA GLU B 398 11.64 -16.40 -5.48
C GLU B 398 10.45 -17.23 -5.06
N THR B 399 10.63 -18.15 -4.11
CA THR B 399 9.57 -19.01 -3.62
C THR B 399 8.76 -18.36 -2.51
N GLN B 400 9.18 -17.22 -2.02
CA GLN B 400 8.50 -16.62 -0.90
C GLN B 400 7.23 -15.91 -1.38
N PRO B 401 6.11 -16.12 -0.71
CA PRO B 401 4.90 -15.37 -1.05
C PRO B 401 5.04 -13.91 -0.62
N GLY B 402 4.43 -13.03 -1.39
CA GLY B 402 4.42 -11.62 -1.06
C GLY B 402 5.49 -10.82 -1.76
N ALA B 403 5.53 -9.54 -1.42
CA ALA B 403 6.50 -8.61 -1.99
C ALA B 403 7.45 -8.07 -0.93
N LEU B 404 7.27 -8.47 0.33
CA LEU B 404 8.20 -8.12 1.39
C LEU B 404 8.45 -9.35 2.24
N VAL B 405 9.72 -9.61 2.55
CA VAL B 405 10.11 -10.68 3.43
C VAL B 405 11.05 -10.07 4.45
N GLN B 406 10.87 -10.44 5.71
CA GLN B 406 11.64 -9.83 6.77
C GLN B 406 11.87 -10.85 7.88
N THR B 407 13.10 -10.88 8.40
CA THR B 407 13.45 -11.82 9.45
C THR B 407 14.73 -11.35 10.12
N ASP B 408 14.84 -11.64 11.41
CA ASP B 408 16.07 -11.40 12.13
C ASP B 408 16.82 -12.69 12.43
N ALA B 409 16.32 -13.84 11.93
CA ALA B 409 17.03 -15.09 12.07
C ALA B 409 16.74 -15.91 10.80
N LEU B 410 17.49 -15.58 9.74
CA LEU B 410 17.27 -16.24 8.47
C LEU B 410 17.49 -17.75 8.57
N GLY B 411 18.38 -18.17 9.47
CA GLY B 411 18.64 -19.60 9.65
C GLY B 411 17.43 -20.41 10.02
N GLN B 412 16.41 -19.77 10.59
CA GLN B 412 15.21 -20.50 10.98
C GLN B 412 14.13 -20.44 9.90
N LEU B 413 13.92 -19.29 9.29
CA LEU B 413 12.96 -19.20 8.20
C LEU B 413 13.42 -20.02 6.99
N TRP B 414 14.73 -20.10 6.76
CA TRP B 414 15.30 -20.86 5.65
C TRP B 414 16.44 -21.73 6.17
N PRO B 415 16.21 -23.03 6.36
CA PRO B 415 17.23 -23.87 7.01
C PRO B 415 18.58 -23.90 6.29
N ALA B 416 18.59 -24.11 4.97
CA ALA B 416 19.83 -24.18 4.22
C ALA B 416 20.70 -22.93 4.38
N GLY B 417 20.10 -21.78 4.67
CA GLY B 417 20.83 -20.54 4.85
C GLY B 417 21.32 -20.26 6.25
N ALA B 418 21.18 -21.20 7.19
CA ALA B 418 21.68 -20.97 8.54
C ALA B 418 23.20 -20.86 8.57
N ASP B 419 23.90 -21.37 7.54
CA ASP B 419 25.34 -21.26 7.43
C ASP B 419 25.81 -19.85 7.12
N LEU B 420 24.91 -18.95 6.73
CA LEU B 420 25.27 -17.61 6.27
C LEU B 420 25.03 -16.55 7.34
N ALA B 421 25.00 -16.95 8.61
CA ALA B 421 24.77 -16.04 9.74
C ALA B 421 25.87 -15.01 9.96
N PRO B 422 27.14 -15.25 9.60
CA PRO B 422 28.15 -14.18 9.77
C PRO B 422 27.83 -12.91 8.99
N SER B 423 27.13 -13.01 7.87
CA SER B 423 26.74 -11.84 7.11
C SER B 423 25.27 -11.76 6.82
N ALA B 424 24.52 -12.86 6.92
CA ALA B 424 23.11 -12.90 6.56
C ALA B 424 22.32 -13.67 7.61
N ALA B 425 22.41 -13.26 8.88
CA ALA B 425 21.49 -13.76 9.88
C ALA B 425 20.15 -13.07 9.75
N GLY B 426 20.16 -11.76 9.56
CA GLY B 426 18.94 -11.00 9.37
C GLY B 426 18.83 -10.56 7.92
N LEU B 427 17.59 -10.43 7.44
CA LEU B 427 17.33 -10.16 6.04
C LEU B 427 16.06 -9.33 5.93
N LEU B 428 16.10 -8.35 5.04
CA LEU B 428 14.93 -7.55 4.69
C LEU B 428 14.93 -7.47 3.17
N ALA B 429 13.96 -8.14 2.54
CA ALA B 429 13.92 -8.28 1.09
C ALA B 429 12.60 -7.73 0.56
N ILE B 430 12.69 -6.97 -0.53
CA ILE B 430 11.52 -6.37 -1.16
C ILE B 430 11.57 -6.62 -2.66
N SER B 431 10.41 -6.89 -3.26
CA SER B 431 10.29 -7.28 -4.65
C SER B 431 9.70 -6.12 -5.46
N VAL B 432 10.43 -5.71 -6.49
CA VAL B 432 9.98 -4.68 -7.43
C VAL B 432 9.01 -5.35 -8.39
N GLY B 433 7.71 -5.20 -8.15
CA GLY B 433 6.72 -6.03 -8.80
C GLY B 433 6.67 -7.38 -8.11
N GLU B 434 5.84 -8.27 -8.64
CA GLU B 434 5.59 -9.56 -8.01
C GLU B 434 6.43 -10.65 -8.67
N GLY B 435 7.17 -11.39 -7.85
CA GLY B 435 7.88 -12.54 -8.34
C GLY B 435 9.36 -12.59 -8.00
N TRP B 436 9.90 -11.51 -7.44
CA TRP B 436 11.30 -11.41 -7.02
C TRP B 436 12.27 -11.45 -8.20
N SER B 437 11.79 -11.23 -9.43
CA SER B 437 12.71 -11.09 -10.57
C SER B 437 13.53 -9.82 -10.48
N GLU B 438 13.01 -8.81 -9.78
CA GLU B 438 13.76 -7.62 -9.42
C GLU B 438 13.54 -7.37 -7.94
N CYS B 439 14.62 -7.20 -7.20
CA CYS B 439 14.47 -7.13 -5.76
C CYS B 439 15.72 -6.53 -5.13
N LEU B 440 15.56 -6.11 -3.87
CA LEU B 440 16.65 -5.64 -3.03
C LEU B 440 16.64 -6.48 -1.76
N VAL B 441 17.82 -6.86 -1.29
CA VAL B 441 17.96 -7.72 -0.13
C VAL B 441 18.98 -7.06 0.79
N TRP B 442 18.50 -6.40 1.84
CA TRP B 442 19.38 -5.97 2.91
C TRP B 442 19.69 -7.15 3.81
N LEU B 443 20.95 -7.28 4.21
CA LEU B 443 21.39 -8.33 5.11
C LEU B 443 22.04 -7.74 6.36
N ARG B 444 21.93 -8.48 7.48
CA ARG B 444 22.55 -8.09 8.74
C ARG B 444 23.29 -9.27 9.35
N PRO B 445 24.43 -9.03 9.99
CA PRO B 445 25.20 -10.12 10.58
C PRO B 445 24.58 -10.63 11.88
N GLU B 446 24.99 -11.83 12.26
CA GLU B 446 24.57 -12.39 13.54
C GLU B 446 25.07 -11.52 14.68
N LEU B 447 24.16 -11.17 15.58
CA LEU B 447 24.47 -10.40 16.77
C LEU B 447 24.18 -11.29 17.96
N ARG B 448 25.21 -11.68 18.69
CA ARG B 448 24.99 -12.51 19.86
C ARG B 448 24.48 -11.64 21.00
N LEU B 449 23.31 -12.01 21.53
CA LEU B 449 22.65 -11.25 22.57
C LEU B 449 22.32 -12.18 23.73
N GLU B 450 22.38 -11.65 24.95
CA GLU B 450 21.92 -12.38 26.12
C GLU B 450 20.46 -12.02 26.43
N VAL B 451 19.68 -13.01 26.83
CA VAL B 451 18.26 -12.85 27.11
C VAL B 451 18.03 -13.27 28.56
N ALA B 452 17.45 -12.36 29.35
CA ALA B 452 17.08 -12.65 30.75
C ALA B 452 15.71 -13.31 30.76
N TRP B 453 15.67 -14.60 31.11
CA TRP B 453 14.42 -15.35 31.20
C TRP B 453 13.97 -15.42 32.66
N GLY B 454 12.66 -15.53 32.84
CA GLY B 454 12.08 -15.68 34.15
C GLY B 454 12.05 -17.12 34.61
N GLY B 455 13.23 -17.68 34.86
CA GLY B 455 13.37 -18.98 35.48
C GLY B 455 13.69 -20.11 34.51
N ALA B 456 13.23 -20.01 33.26
CA ALA B 456 13.42 -21.11 32.34
C ALA B 456 13.23 -20.62 30.92
N THR B 457 13.95 -21.26 30.01
CA THR B 457 13.82 -20.97 28.60
C THR B 457 12.68 -21.78 28.02
N PRO B 458 12.18 -21.41 26.84
CA PRO B 458 10.97 -22.09 26.34
C PRO B 458 11.12 -23.59 26.13
N ASP B 459 12.33 -24.09 25.89
CA ASP B 459 12.54 -25.52 25.70
C ASP B 459 12.54 -26.32 27.01
N GLN B 460 12.57 -25.65 28.16
CA GLN B 460 12.46 -26.30 29.46
C GLN B 460 11.03 -26.31 29.98
N ALA B 461 10.02 -26.17 29.11
CA ALA B 461 8.63 -26.18 29.52
C ALA B 461 8.17 -27.55 30.01
N LYS B 462 8.81 -28.63 29.56
CA LYS B 462 8.33 -29.98 29.82
C LYS B 462 9.31 -30.80 30.66
N ASP B 463 10.24 -30.14 31.36
CA ASP B 463 11.12 -30.86 32.28
C ASP B 463 10.34 -31.50 33.43
N ASP B 464 9.23 -30.89 33.82
CA ASP B 464 8.36 -31.39 34.87
C ASP B 464 6.98 -31.66 34.28
N LEU B 465 6.19 -32.48 34.97
CA LEU B 465 4.79 -32.63 34.59
C LEU B 465 3.94 -31.47 35.07
N GLY B 466 4.48 -30.59 35.91
CA GLY B 466 3.80 -29.38 36.33
C GLY B 466 4.61 -28.13 36.13
N PRO B 467 4.10 -27.00 36.60
CA PRO B 467 4.83 -25.73 36.44
C PRO B 467 6.15 -25.75 37.17
N ARG B 468 7.09 -24.94 36.69
CA ARG B 468 8.38 -24.85 37.32
C ARG B 468 8.26 -24.15 38.68
N HIS B 469 9.32 -24.28 39.46
CA HIS B 469 9.36 -23.65 40.77
C HIS B 469 10.22 -22.40 40.82
N SER B 470 11.12 -22.20 39.86
CA SER B 470 11.99 -21.03 39.85
C SER B 470 11.55 -20.03 38.79
N PHE B 471 11.44 -18.76 39.20
CA PHE B 471 11.20 -17.68 38.25
C PHE B 471 12.31 -16.63 38.31
N ASP B 472 13.47 -17.00 38.84
CA ASP B 472 14.60 -16.09 38.99
C ASP B 472 15.39 -15.99 37.68
N THR B 473 16.21 -14.95 37.61
CA THR B 473 16.89 -14.60 36.37
C THR B 473 17.67 -15.78 35.82
N TYR B 474 17.42 -16.10 34.55
CA TYR B 474 18.02 -17.23 33.85
C TYR B 474 18.52 -16.68 32.52
N LEU B 475 19.85 -16.59 32.38
CA LEU B 475 20.47 -15.98 31.21
C LEU B 475 20.75 -17.03 30.15
N GLU B 476 20.35 -16.76 28.92
CA GLU B 476 20.65 -17.64 27.80
C GLU B 476 21.23 -16.82 26.66
N GLU B 477 22.23 -17.39 25.98
CA GLU B 477 22.85 -16.72 24.84
C GLU B 477 22.01 -16.99 23.60
N LYS B 478 21.70 -15.93 22.86
CA LYS B 478 20.87 -16.02 21.66
C LYS B 478 21.76 -16.33 20.46
N ARG B 479 21.41 -17.37 19.71
CA ARG B 479 22.21 -17.88 18.60
C ARG B 479 21.53 -17.60 17.28
N GLY B 480 22.27 -17.03 16.33
CA GLY B 480 21.78 -16.90 14.96
C GLY B 480 20.80 -15.77 14.71
N TYR B 481 20.70 -14.80 15.60
CA TYR B 481 19.79 -13.67 15.41
C TYR B 481 20.58 -12.42 15.06
N ALA B 482 20.03 -11.62 14.17
CA ALA B 482 20.60 -10.33 13.87
C ALA B 482 19.91 -9.27 14.73
N GLU B 483 20.41 -8.05 14.69
CA GLU B 483 19.66 -6.98 15.33
C GLU B 483 18.33 -6.85 14.61
N PRO B 484 17.22 -6.73 15.34
CA PRO B 484 15.91 -6.73 14.68
C PRO B 484 15.74 -5.49 13.81
N TRP B 485 14.93 -5.65 12.76
CA TRP B 485 14.56 -4.51 11.94
C TRP B 485 13.59 -3.62 12.71
N HIS B 486 13.93 -2.34 12.80
CA HIS B 486 13.01 -1.41 13.43
C HIS B 486 11.74 -1.31 12.57
N PRO B 487 10.58 -1.13 13.19
CA PRO B 487 9.35 -1.01 12.40
C PRO B 487 9.40 0.14 11.40
N GLY B 488 10.22 1.16 11.66
CA GLY B 488 10.38 2.21 10.67
C GLY B 488 11.23 1.80 9.48
N GLU B 489 12.21 0.93 9.71
CA GLU B 489 12.96 0.34 8.61
C GLU B 489 12.08 -0.56 7.75
N ILE B 490 11.22 -1.37 8.37
CA ILE B 490 10.22 -2.11 7.59
C ILE B 490 9.42 -1.16 6.73
N GLU B 491 9.00 -0.02 7.29
CA GLU B 491 8.23 0.96 6.52
C GLU B 491 9.06 1.60 5.43
N GLU B 492 10.31 1.97 5.72
CA GLU B 492 11.17 2.55 4.69
C GLU B 492 11.30 1.62 3.49
N ALA B 493 11.56 0.33 3.76
CA ALA B 493 11.66 -0.65 2.68
C ALA B 493 10.35 -0.76 1.91
N GLN B 494 9.21 -0.65 2.62
CA GLN B 494 7.92 -0.65 1.93
C GLN B 494 7.74 0.61 1.08
N ASP B 495 8.24 1.75 1.55
CA ASP B 495 8.17 2.97 0.76
C ASP B 495 9.01 2.85 -0.50
N LEU B 496 10.23 2.32 -0.35
CA LEU B 496 11.14 2.23 -1.49
C LEU B 496 10.69 1.17 -2.47
N ARG B 497 10.17 0.03 -1.97
CA ARG B 497 9.60 -0.97 -2.87
C ARG B 497 8.49 -0.38 -3.72
N ASP B 498 7.62 0.43 -3.11
CA ASP B 498 6.53 1.06 -3.86
C ASP B 498 7.06 2.01 -4.92
N THR B 499 8.11 2.76 -4.61
CA THR B 499 8.63 3.73 -5.56
C THR B 499 9.18 3.04 -6.79
N LEU B 500 10.07 2.07 -6.59
CA LEU B 500 10.64 1.31 -7.70
C LEU B 500 9.57 0.58 -8.49
N THR B 501 8.57 0.01 -7.80
CA THR B 501 7.49 -0.68 -8.50
C THR B 501 6.68 0.29 -9.36
N GLY B 502 6.47 1.50 -8.86
CA GLY B 502 5.81 2.50 -9.68
C GLY B 502 6.64 2.89 -10.88
N ALA B 503 7.96 3.01 -10.69
CA ALA B 503 8.88 3.36 -11.76
C ALA B 503 8.89 2.36 -12.90
N LEU B 504 8.37 1.14 -12.68
CA LEU B 504 8.24 0.20 -13.78
C LEU B 504 7.34 0.75 -14.89
N GLY B 505 6.58 1.81 -14.60
CA GLY B 505 5.78 2.47 -15.62
C GLY B 505 6.60 2.93 -16.80
N GLU B 506 7.62 3.75 -16.53
CA GLU B 506 8.50 4.22 -17.61
C GLU B 506 9.34 3.10 -18.16
N ARG B 507 9.93 2.29 -17.28
CA ARG B 507 10.83 1.23 -17.72
C ARG B 507 10.16 0.25 -18.69
N LEU B 508 8.84 0.18 -18.71
CA LEU B 508 8.14 -0.61 -19.70
C LEU B 508 7.82 0.16 -20.98
N SER B 509 7.54 1.46 -20.88
CA SER B 509 7.18 2.20 -22.08
C SER B 509 8.40 2.50 -22.94
N VAL B 510 9.51 2.93 -22.32
CA VAL B 510 10.69 3.26 -23.11
C VAL B 510 11.25 2.03 -23.81
N ILE B 511 11.16 0.86 -23.18
CA ILE B 511 11.59 -0.35 -23.89
C ILE B 511 10.61 -0.68 -25.00
N ARG B 512 9.34 -0.25 -24.86
CA ARG B 512 8.34 -0.51 -25.90
C ARG B 512 8.46 0.49 -27.05
N VAL B 513 8.95 1.70 -26.78
CA VAL B 513 9.21 2.66 -27.85
C VAL B 513 10.40 2.21 -28.69
N ARG B 514 11.49 1.80 -28.04
CA ARG B 514 12.65 1.33 -28.79
C ARG B 514 12.30 0.13 -29.67
N ASN B 515 11.35 -0.71 -29.26
CA ASN B 515 10.92 -1.80 -30.12
C ASN B 515 10.24 -1.29 -31.39
N THR B 516 9.53 -0.16 -31.29
CA THR B 516 8.79 0.39 -32.42
C THR B 516 9.62 1.36 -33.27
N PHE B 517 10.40 2.25 -32.64
CA PHE B 517 10.99 3.38 -33.35
C PHE B 517 12.50 3.34 -33.48
N GLY B 518 13.18 2.51 -32.69
CA GLY B 518 14.62 2.40 -32.79
C GLY B 518 15.26 1.76 -31.58
N ARG B 519 15.83 0.57 -31.79
CA ARG B 519 16.43 -0.21 -30.70
C ARG B 519 17.54 0.55 -29.99
N TYR B 520 18.23 1.45 -30.68
CA TYR B 520 19.34 2.19 -30.08
C TYR B 520 19.03 3.66 -29.86
N LEU B 521 17.77 4.06 -29.93
CA LEU B 521 17.43 5.46 -29.74
C LEU B 521 17.84 5.93 -28.34
N THR B 522 18.20 7.20 -28.24
CA THR B 522 18.61 7.78 -26.97
C THR B 522 17.40 8.01 -26.06
N ASP B 523 17.68 8.08 -24.75
CA ASP B 523 16.64 8.33 -23.76
C ASP B 523 15.98 9.69 -23.94
N GLN B 524 16.66 10.64 -24.61
CA GLN B 524 16.04 11.92 -24.95
C GLN B 524 15.06 11.77 -26.11
N VAL B 525 15.50 11.12 -27.20
CA VAL B 525 14.64 10.90 -28.36
C VAL B 525 13.38 10.15 -27.95
N VAL B 526 13.51 9.13 -27.10
CA VAL B 526 12.34 8.40 -26.61
C VAL B 526 11.45 9.32 -25.80
N ALA B 527 12.05 10.12 -24.91
CA ALA B 527 11.29 11.13 -24.19
C ALA B 527 10.58 12.06 -25.16
N THR B 528 11.29 12.55 -26.17
CA THR B 528 10.68 13.42 -27.18
C THR B 528 9.48 12.75 -27.83
N LEU B 529 9.58 11.45 -28.12
CA LEU B 529 8.52 10.77 -28.84
C LEU B 529 7.30 10.50 -27.97
N LEU B 530 7.51 10.20 -26.68
CA LEU B 530 6.37 9.93 -25.80
C LEU B 530 5.45 11.14 -25.66
N GLU B 531 6.01 12.34 -25.75
CA GLU B 531 5.21 13.56 -25.59
C GLU B 531 4.36 13.87 -26.81
N ASN B 532 4.75 13.42 -28.00
CA ASN B 532 4.09 13.79 -29.24
C ASN B 532 3.70 12.53 -30.00
N PRO B 533 2.72 11.78 -29.48
CA PRO B 533 2.38 10.49 -30.11
C PRO B 533 1.83 10.62 -31.51
N GLU B 534 1.20 11.75 -31.84
CA GLU B 534 0.59 11.93 -33.14
C GLU B 534 1.56 12.65 -34.08
N GLY B 535 1.19 12.68 -35.36
CA GLY B 535 2.02 13.20 -36.42
C GLY B 535 2.81 12.14 -37.16
N LEU B 536 2.80 10.90 -36.69
CA LEU B 536 3.68 9.88 -37.23
C LEU B 536 3.04 9.06 -38.34
N LYS B 537 1.71 9.05 -38.44
CA LYS B 537 0.99 8.47 -39.57
C LYS B 537 1.39 7.01 -39.81
N MET B 538 1.11 6.19 -38.79
CA MET B 538 1.45 4.77 -38.81
C MET B 538 0.84 4.04 -40.01
N GLY B 539 -0.28 4.50 -40.51
CA GLY B 539 -0.98 3.77 -41.55
C GLY B 539 -0.36 3.96 -42.91
N GLY B 540 0.77 4.68 -42.97
CA GLY B 540 1.48 4.82 -44.22
C GLY B 540 1.59 6.24 -44.72
N ASP B 541 2.74 6.60 -45.28
CA ASP B 541 3.02 7.94 -45.74
C ASP B 541 4.27 7.90 -46.60
N ARG B 542 4.29 8.72 -47.65
CA ARG B 542 5.44 8.84 -48.54
C ARG B 542 6.05 10.22 -48.33
N ARG B 543 7.34 10.26 -48.02
CA ARG B 543 8.02 11.53 -47.79
C ARG B 543 9.53 11.31 -47.94
N PRO B 544 10.30 12.40 -48.08
CA PRO B 544 11.75 12.23 -48.27
C PRO B 544 12.48 11.93 -46.97
N ILE B 545 13.38 10.97 -47.05
CA ILE B 545 14.35 10.72 -45.99
C ILE B 545 15.70 10.39 -46.63
N THR B 546 16.76 10.53 -45.83
CA THR B 546 18.11 10.19 -46.25
C THR B 546 18.50 8.88 -45.58
N ILE B 547 19.07 7.99 -46.36
CA ILE B 547 19.43 6.65 -45.89
C ILE B 547 20.93 6.49 -46.03
N LEU B 548 21.56 5.96 -44.97
CA LEU B 548 22.99 5.66 -44.95
C LEU B 548 23.19 4.20 -44.64
N THR B 549 23.98 3.51 -45.48
CA THR B 549 24.35 2.13 -45.21
C THR B 549 25.87 2.03 -45.18
N SER B 550 26.38 1.18 -44.29
CA SER B 550 27.80 0.88 -44.20
C SER B 550 27.99 -0.63 -44.11
N ASP B 551 29.18 -1.08 -44.48
CA ASP B 551 29.56 -2.47 -44.27
C ASP B 551 31.05 -2.56 -44.02
N LEU B 552 31.46 -3.57 -43.27
CA LEU B 552 32.86 -3.85 -43.02
C LEU B 552 33.34 -4.83 -44.09
N ARG B 553 34.22 -4.37 -44.98
CA ARG B 553 34.51 -5.11 -46.20
C ARG B 553 35.32 -6.37 -45.87
N GLY B 554 34.72 -7.53 -46.10
CA GLY B 554 35.42 -8.78 -45.87
C GLY B 554 35.64 -9.17 -44.42
N PHE B 555 35.00 -8.48 -43.47
CA PHE B 555 35.19 -8.86 -42.08
C PHE B 555 34.47 -10.17 -41.79
N THR B 556 33.31 -10.37 -42.40
CA THR B 556 32.60 -11.65 -42.29
C THR B 556 33.47 -12.82 -42.75
N SER B 557 34.37 -12.61 -43.70
CA SER B 557 35.26 -13.69 -44.09
C SER B 557 36.43 -13.84 -43.15
N THR B 558 37.04 -12.73 -42.72
CA THR B 558 38.14 -12.86 -41.76
C THR B 558 37.67 -13.37 -40.41
N SER B 559 36.37 -13.30 -40.13
CA SER B 559 35.84 -13.77 -38.85
C SER B 559 35.69 -15.28 -38.76
N GLU B 560 35.86 -16.01 -39.86
CA GLU B 560 35.86 -17.47 -39.82
C GLU B 560 37.14 -18.05 -39.25
N GLY B 561 38.16 -17.23 -39.01
CA GLY B 561 39.41 -17.68 -38.42
C GLY B 561 39.76 -17.04 -37.10
N LEU B 562 38.79 -16.37 -36.46
CA LEU B 562 38.96 -15.80 -35.13
C LEU B 562 38.22 -16.62 -34.08
N ASN B 563 38.62 -16.44 -32.82
CA ASN B 563 37.81 -16.92 -31.69
C ASN B 563 36.40 -16.35 -31.80
N PRO B 564 35.39 -17.12 -31.43
CA PRO B 564 34.03 -16.55 -31.38
C PRO B 564 33.94 -15.37 -30.41
N GLU B 565 34.75 -15.38 -29.36
CA GLU B 565 34.79 -14.25 -28.43
C GLU B 565 35.54 -13.06 -29.00
N GLU B 566 36.53 -13.28 -29.88
CA GLU B 566 37.18 -12.17 -30.58
C GLU B 566 36.22 -11.47 -31.53
N VAL B 567 35.43 -12.23 -32.29
CA VAL B 567 34.43 -11.63 -33.17
C VAL B 567 33.49 -10.72 -32.37
N VAL B 568 32.88 -11.27 -31.32
CA VAL B 568 31.92 -10.51 -30.53
C VAL B 568 32.57 -9.28 -29.92
N LYS B 569 33.78 -9.43 -29.38
CA LYS B 569 34.52 -8.29 -28.86
C LYS B 569 34.78 -7.24 -29.93
N VAL B 570 35.18 -7.67 -31.13
CA VAL B 570 35.46 -6.71 -32.19
C VAL B 570 34.18 -6.01 -32.63
N LEU B 571 33.10 -6.77 -32.82
CA LEU B 571 31.85 -6.13 -33.23
C LEU B 571 31.32 -5.19 -32.15
N ASN B 572 31.48 -5.56 -30.87
CA ASN B 572 31.02 -4.69 -29.79
C ASN B 572 31.78 -3.36 -29.80
N ILE B 573 33.11 -3.44 -29.93
CA ILE B 573 33.90 -2.21 -30.03
C ILE B 573 33.41 -1.37 -31.20
N TYR B 574 33.32 -1.98 -32.39
CA TYR B 574 32.95 -1.24 -33.59
C TYR B 574 31.57 -0.56 -33.43
N PHE B 575 30.54 -1.34 -33.08
CA PHE B 575 29.19 -0.78 -32.98
C PHE B 575 29.09 0.28 -31.88
N GLY B 576 29.82 0.10 -30.78
CA GLY B 576 29.85 1.11 -29.75
C GLY B 576 30.26 2.47 -30.29
N LYS B 577 31.43 2.54 -30.93
CA LYS B 577 31.90 3.82 -31.45
C LYS B 577 31.01 4.31 -32.59
N MET B 578 30.58 3.40 -33.48
CA MET B 578 29.68 3.80 -34.57
C MET B 578 28.38 4.38 -34.02
N ALA B 579 27.78 3.73 -33.01
CA ALA B 579 26.52 4.22 -32.45
C ALA B 579 26.69 5.57 -31.76
N ASP B 580 27.84 5.78 -31.10
CA ASP B 580 28.10 7.10 -30.50
C ASP B 580 28.12 8.18 -31.56
N VAL B 581 28.83 7.94 -32.67
CA VAL B 581 28.92 8.92 -33.73
C VAL B 581 27.53 9.21 -34.31
N ILE B 582 26.80 8.15 -34.70
CA ILE B 582 25.50 8.32 -35.35
C ILE B 582 24.53 9.07 -34.44
N THR B 583 24.51 8.71 -33.16
CA THR B 583 23.69 9.42 -32.18
C THR B 583 24.01 10.92 -32.17
N HIS B 584 25.30 11.25 -32.15
CA HIS B 584 25.70 12.65 -32.13
C HIS B 584 25.13 13.42 -33.31
N HIS B 585 24.85 12.74 -34.43
CA HIS B 585 24.32 13.36 -35.64
C HIS B 585 22.82 13.17 -35.80
N GLY B 586 22.13 12.67 -34.76
CA GLY B 586 20.68 12.54 -34.82
C GLY B 586 20.16 11.45 -35.73
N GLY B 587 21.00 10.48 -36.08
CA GLY B 587 20.53 9.41 -36.95
C GLY B 587 19.83 8.31 -36.17
N THR B 588 18.83 7.71 -36.80
CA THR B 588 18.11 6.57 -36.22
C THR B 588 18.73 5.28 -36.74
N ILE B 589 19.47 4.58 -35.87
CA ILE B 589 19.94 3.25 -36.26
C ILE B 589 18.74 2.34 -36.42
N ASP B 590 18.58 1.78 -37.63
CA ASP B 590 17.44 0.93 -37.94
C ASP B 590 17.76 -0.56 -37.89
N LYS B 591 18.99 -0.96 -38.21
CA LYS B 591 19.37 -2.38 -38.23
C LYS B 591 20.87 -2.52 -38.04
N PHE B 592 21.27 -3.50 -37.22
CA PHE B 592 22.65 -3.99 -37.13
C PHE B 592 22.78 -5.34 -37.85
N MET B 593 22.55 -5.33 -39.17
CA MET B 593 22.59 -6.55 -39.97
C MET B 593 24.02 -7.06 -40.08
N GLY B 594 24.36 -8.05 -39.26
CA GLY B 594 25.68 -8.62 -39.26
C GLY B 594 26.76 -7.61 -38.93
N ASP B 595 27.60 -7.30 -39.92
CA ASP B 595 28.61 -6.25 -39.83
C ASP B 595 28.19 -4.98 -40.57
N GLY B 596 26.91 -4.81 -40.82
CA GLY B 596 26.42 -3.70 -41.62
C GLY B 596 25.44 -2.89 -40.82
N ILE B 597 25.40 -1.59 -41.11
CA ILE B 597 24.57 -0.64 -40.38
C ILE B 597 23.68 0.09 -41.39
N LEU B 598 22.40 0.20 -41.06
CA LEU B 598 21.47 1.05 -41.80
C LEU B 598 21.02 2.17 -40.88
N VAL B 599 21.08 3.41 -41.37
CA VAL B 599 20.73 4.58 -40.56
C VAL B 599 19.75 5.45 -41.35
N LEU B 600 18.69 5.90 -40.70
CA LEU B 600 17.71 6.81 -41.29
C LEU B 600 17.86 8.20 -40.70
N PHE B 601 17.85 9.23 -41.56
CA PHE B 601 17.79 10.63 -41.15
C PHE B 601 16.48 11.21 -41.68
N GLY B 602 15.55 11.50 -40.77
CA GLY B 602 14.20 11.91 -41.10
C GLY B 602 13.11 10.99 -40.59
N ALA B 603 13.46 9.81 -40.08
CA ALA B 603 12.51 8.94 -39.39
C ALA B 603 13.12 8.62 -38.04
N PRO B 604 12.35 8.70 -36.94
CA PRO B 604 10.91 8.97 -36.96
C PRO B 604 10.53 10.43 -37.18
N THR B 605 11.46 11.39 -37.02
CA THR B 605 11.13 12.79 -37.26
C THR B 605 12.19 13.44 -38.14
N SER B 606 11.75 14.39 -38.98
CA SER B 606 12.60 15.01 -39.95
C SER B 606 13.00 16.41 -39.53
N GLN B 607 14.07 16.92 -40.16
CA GLN B 607 14.51 18.30 -40.08
C GLN B 607 15.07 18.69 -41.44
N GLN B 608 15.25 19.99 -41.66
CA GLN B 608 15.62 20.45 -42.99
C GLN B 608 17.03 20.03 -43.40
N ASP B 609 17.90 19.73 -42.43
CA ASP B 609 19.28 19.33 -42.70
C ASP B 609 19.50 17.82 -42.58
N ASP B 610 18.50 17.00 -42.88
CA ASP B 610 18.70 15.55 -42.77
C ASP B 610 19.88 15.10 -43.63
N ALA B 611 19.93 15.55 -44.89
CA ALA B 611 20.99 15.07 -45.78
C ALA B 611 22.36 15.50 -45.28
N LEU B 612 22.49 16.76 -44.85
CA LEU B 612 23.78 17.25 -44.41
C LEU B 612 24.28 16.49 -43.20
N ARG B 613 23.39 16.20 -42.24
CA ARG B 613 23.82 15.44 -41.08
C ARG B 613 24.24 14.03 -41.46
N ALA B 614 23.54 13.40 -42.41
CA ALA B 614 23.94 12.06 -42.85
C ALA B 614 25.32 12.06 -43.47
N VAL B 615 25.62 13.06 -44.32
CA VAL B 615 26.93 13.11 -44.93
C VAL B 615 28.00 13.32 -43.86
N ALA B 616 27.82 14.30 -42.99
CA ALA B 616 28.76 14.52 -41.89
C ALA B 616 28.91 13.26 -41.04
N CYS B 617 27.79 12.61 -40.70
CA CYS B 617 27.85 11.34 -39.98
C CYS B 617 28.75 10.34 -40.69
N GLY B 618 28.56 10.20 -42.01
CA GLY B 618 29.40 9.28 -42.77
C GLY B 618 30.89 9.59 -42.66
N VAL B 619 31.24 10.87 -42.71
CA VAL B 619 32.66 11.25 -42.62
C VAL B 619 33.22 10.89 -41.25
N GLU B 620 32.48 11.24 -40.19
CA GLU B 620 32.98 11.00 -38.84
C GLU B 620 33.02 9.52 -38.51
N MET B 621 32.03 8.75 -39.01
CA MET B 621 32.11 7.30 -38.88
C MET B 621 33.42 6.76 -39.41
N GLN B 622 33.84 7.26 -40.59
CA GLN B 622 35.11 6.80 -41.15
C GLN B 622 36.28 7.20 -40.27
N LEU B 623 36.27 8.45 -39.78
CA LEU B 623 37.31 8.91 -38.86
C LEU B 623 37.26 8.12 -37.56
N ALA B 624 36.06 7.82 -37.07
CA ALA B 624 35.95 7.04 -35.83
C ALA B 624 36.56 5.66 -35.97
N LEU B 625 36.54 5.09 -37.18
CA LEU B 625 37.11 3.75 -37.39
C LEU B 625 38.60 3.72 -37.09
N ARG B 626 39.28 4.87 -37.20
CA ARG B 626 40.71 4.92 -36.85
C ARG B 626 40.92 4.67 -35.37
N GLU B 627 40.11 5.30 -34.51
CA GLU B 627 40.15 4.97 -33.09
C GLU B 627 39.82 3.50 -32.86
N VAL B 628 38.78 3.00 -33.53
CA VAL B 628 38.38 1.60 -33.35
C VAL B 628 39.52 0.66 -33.75
N ASN B 629 40.18 0.93 -34.87
CA ASN B 629 41.23 0.04 -35.33
C ASN B 629 42.46 0.04 -34.43
N GLN B 630 42.57 0.99 -33.51
CA GLN B 630 43.64 0.89 -32.53
C GLN B 630 43.42 -0.30 -31.62
N GLN B 631 42.19 -0.46 -31.10
CA GLN B 631 41.90 -1.58 -30.22
C GLN B 631 41.94 -2.90 -30.97
N VAL B 632 41.37 -2.94 -32.18
CA VAL B 632 41.34 -4.18 -32.94
C VAL B 632 42.75 -4.66 -33.22
N THR B 633 43.60 -3.79 -33.77
CA THR B 633 45.00 -4.16 -33.96
C THR B 633 45.75 -4.26 -32.63
N GLY B 634 45.23 -3.62 -31.58
CA GLY B 634 45.74 -3.89 -30.25
C GLY B 634 45.50 -5.33 -29.83
N LEU B 635 44.30 -5.85 -30.10
CA LEU B 635 43.99 -7.25 -29.81
C LEU B 635 44.77 -8.22 -30.69
N GLY B 636 45.49 -7.73 -31.71
CA GLY B 636 46.27 -8.58 -32.58
C GLY B 636 45.65 -8.90 -33.91
N LEU B 637 44.58 -8.20 -34.30
CA LEU B 637 43.79 -8.50 -35.49
C LEU B 637 44.07 -7.48 -36.57
N GLN B 638 43.66 -7.81 -37.79
CA GLN B 638 43.92 -6.90 -38.89
C GLN B 638 42.97 -5.71 -38.81
N PRO B 639 43.37 -4.56 -39.37
CA PRO B 639 42.47 -3.40 -39.34
C PRO B 639 41.18 -3.67 -40.08
N LEU B 640 40.11 -3.03 -39.61
CA LEU B 640 38.84 -3.05 -40.31
C LEU B 640 38.81 -1.97 -41.38
N GLU B 641 38.05 -2.22 -42.44
CA GLU B 641 37.82 -1.27 -43.52
C GLU B 641 36.32 -1.13 -43.75
N MET B 642 35.89 0.06 -44.16
CA MET B 642 34.46 0.37 -44.20
C MET B 642 34.12 1.22 -45.41
N GLY B 643 33.07 0.82 -46.14
CA GLY B 643 32.51 1.63 -47.21
C GLY B 643 31.13 2.10 -46.83
N ILE B 644 30.76 3.32 -47.25
CA ILE B 644 29.48 3.91 -46.90
C ILE B 644 28.81 4.47 -48.15
N GLY B 645 27.52 4.17 -48.31
CA GLY B 645 26.70 4.81 -49.33
C GLY B 645 25.57 5.57 -48.67
N ILE B 646 25.17 6.69 -49.30
CA ILE B 646 24.08 7.53 -48.83
C ILE B 646 23.17 7.91 -50.00
N ASN B 647 21.86 7.70 -49.84
CA ASN B 647 20.88 8.11 -50.84
C ASN B 647 19.80 8.94 -50.16
N THR B 648 19.11 9.76 -50.95
CA THR B 648 18.02 10.62 -50.49
C THR B 648 16.85 10.52 -51.46
N GLY B 649 15.63 10.30 -50.96
CA GLY B 649 14.51 10.21 -51.87
C GLY B 649 13.21 9.94 -51.15
N GLU B 650 12.14 9.88 -51.94
CA GLU B 650 10.82 9.52 -51.42
C GLU B 650 10.82 8.04 -51.05
N VAL B 651 10.40 7.72 -49.83
CA VAL B 651 10.15 6.35 -49.46
C VAL B 651 8.78 6.29 -48.78
N VAL B 652 8.25 5.08 -48.65
CA VAL B 652 7.06 4.87 -47.86
C VAL B 652 7.46 4.65 -46.40
N VAL B 653 6.89 5.45 -45.49
CA VAL B 653 7.11 5.34 -44.06
C VAL B 653 5.83 4.86 -43.39
N GLY B 654 5.97 4.04 -42.36
CA GLY B 654 4.82 3.61 -41.58
C GLY B 654 5.13 2.36 -40.76
N ASN B 655 4.08 1.80 -40.18
CA ASN B 655 4.21 0.49 -39.55
C ASN B 655 4.45 -0.56 -40.60
N ILE B 656 5.72 -0.76 -40.97
CA ILE B 656 6.09 -1.82 -41.91
C ILE B 656 6.21 -3.18 -41.27
N GLY B 657 5.88 -3.33 -39.98
CA GLY B 657 5.91 -4.62 -39.32
C GLY B 657 4.62 -5.38 -39.51
N SER B 658 4.22 -6.13 -38.48
CA SER B 658 2.90 -6.74 -38.45
C SER B 658 1.97 -5.86 -37.62
N GLU B 659 0.69 -6.25 -37.54
CA GLU B 659 -0.26 -5.49 -36.77
C GLU B 659 -0.02 -5.65 -35.26
N LYS B 660 0.26 -6.88 -34.83
CA LYS B 660 0.40 -7.15 -33.39
C LYS B 660 1.73 -6.68 -32.82
N ARG B 661 2.77 -6.52 -33.65
CA ARG B 661 4.09 -6.10 -33.16
C ARG B 661 4.70 -5.14 -34.20
N THR B 662 4.42 -3.86 -34.01
CA THR B 662 4.65 -2.82 -34.99
C THR B 662 6.12 -2.40 -35.04
N LYS B 663 6.53 -1.88 -36.19
CA LYS B 663 7.86 -1.31 -36.34
C LYS B 663 7.77 -0.16 -37.34
N TYR B 664 8.20 1.02 -36.92
CA TYR B 664 8.24 2.21 -37.77
C TYR B 664 9.46 2.09 -38.66
N GLY B 665 9.24 1.92 -39.96
CA GLY B 665 10.35 1.71 -40.86
C GLY B 665 10.02 2.29 -42.22
N VAL B 666 10.95 2.11 -43.16
CA VAL B 666 10.81 2.68 -44.49
C VAL B 666 10.97 1.59 -45.52
N VAL B 667 10.30 1.77 -46.66
CA VAL B 667 10.23 0.79 -47.74
C VAL B 667 10.24 1.53 -49.07
N GLY B 668 10.96 0.98 -50.05
CA GLY B 668 10.91 1.53 -51.39
C GLY B 668 12.22 1.49 -52.14
N ALA B 669 12.16 1.76 -53.45
CA ALA B 669 13.32 1.69 -54.33
C ALA B 669 14.48 2.55 -53.84
N GLN B 670 14.19 3.69 -53.22
CA GLN B 670 15.27 4.56 -52.73
C GLN B 670 16.02 3.93 -51.57
N VAL B 671 15.38 3.04 -50.80
CA VAL B 671 16.13 2.29 -49.80
C VAL B 671 17.12 1.35 -50.48
N ASN B 672 16.62 0.54 -51.40
CA ASN B 672 17.47 -0.43 -52.08
C ASN B 672 18.60 0.26 -52.82
N LEU B 673 18.32 1.44 -53.40
CA LEU B 673 19.35 2.17 -54.12
C LEU B 673 20.56 2.46 -53.23
N THR B 674 20.33 2.70 -51.93
CA THR B 674 21.46 3.03 -51.05
C THR B 674 22.46 1.90 -51.02
N TYR B 675 21.98 0.65 -51.01
CA TYR B 675 22.89 -0.49 -50.98
C TYR B 675 23.69 -0.58 -52.26
N ARG B 676 23.05 -0.35 -53.41
CA ARG B 676 23.80 -0.38 -54.66
C ARG B 676 24.88 0.71 -54.67
N ILE B 677 24.56 1.88 -54.12
CA ILE B 677 25.55 2.96 -54.09
C ILE B 677 26.72 2.58 -53.20
N GLU B 678 26.44 1.99 -52.03
CA GLU B 678 27.52 1.59 -51.14
C GLU B 678 28.40 0.51 -51.76
N SER B 679 27.81 -0.32 -52.65
CA SER B 679 28.56 -1.40 -53.29
C SER B 679 29.66 -0.91 -54.24
N TYR B 680 29.67 0.35 -54.63
CA TYR B 680 30.75 0.84 -55.48
C TYR B 680 31.94 1.38 -54.70
N THR B 681 31.90 1.41 -53.37
CA THR B 681 32.98 1.98 -52.56
C THR B 681 34.08 0.94 -52.31
N THR B 682 35.29 1.44 -52.02
CA THR B 682 36.31 0.65 -51.34
C THR B 682 36.48 1.17 -49.92
N GLY B 683 37.40 0.55 -49.17
CA GLY B 683 37.66 0.93 -47.80
C GLY B 683 37.98 2.39 -47.63
N GLY B 684 37.33 3.04 -46.65
CA GLY B 684 37.54 4.44 -46.38
C GLY B 684 36.73 5.38 -47.23
N GLN B 685 36.03 4.87 -48.23
CA GLN B 685 35.32 5.68 -49.21
C GLN B 685 33.86 5.88 -48.83
N ILE B 686 33.31 7.00 -49.29
CA ILE B 686 31.90 7.34 -49.16
C ILE B 686 31.39 7.78 -50.52
N PHE B 687 30.38 7.09 -51.04
CA PHE B 687 29.67 7.50 -52.23
C PHE B 687 28.27 7.97 -51.82
N ILE B 688 27.86 9.13 -52.33
CA ILE B 688 26.52 9.64 -52.09
C ILE B 688 25.85 9.88 -53.43
N SER B 689 24.53 9.92 -53.41
CA SER B 689 23.73 10.12 -54.61
C SER B 689 23.62 11.61 -54.95
N SER B 690 23.10 11.88 -56.14
CA SER B 690 22.97 13.28 -56.54
C SER B 690 21.92 14.00 -55.71
N THR B 691 20.83 13.32 -55.36
CA THR B 691 19.82 13.94 -54.51
C THR B 691 20.36 14.24 -53.12
N THR B 692 21.23 13.39 -52.58
CA THR B 692 21.84 13.68 -51.28
C THR B 692 22.78 14.89 -51.37
N LEU B 693 23.67 14.89 -52.37
CA LEU B 693 24.59 16.02 -52.53
C LEU B 693 23.81 17.32 -52.72
N GLU B 694 22.77 17.29 -53.54
CA GLU B 694 21.93 18.47 -53.75
C GLU B 694 21.28 18.93 -52.44
N ALA B 695 20.69 17.99 -51.71
CA ALA B 695 20.01 18.33 -50.47
C ALA B 695 20.98 18.75 -49.38
N ALA B 696 22.19 18.17 -49.35
CA ALA B 696 23.14 18.49 -48.30
C ALA B 696 23.68 19.91 -48.43
N GLY B 697 24.02 20.35 -49.63
CA GLY B 697 24.40 21.72 -49.88
C GLY B 697 25.89 21.88 -50.20
N ASP B 698 26.29 23.14 -50.37
CA ASP B 698 27.67 23.47 -50.72
C ASP B 698 28.68 23.15 -49.63
N ARG B 699 28.25 22.78 -48.43
CA ARG B 699 29.21 22.43 -47.40
C ARG B 699 29.82 21.04 -47.62
N VAL B 700 29.31 20.26 -48.54
CA VAL B 700 29.87 18.95 -48.86
C VAL B 700 30.96 19.15 -49.89
N HIS B 701 32.12 18.57 -49.61
CA HIS B 701 33.31 18.61 -50.45
C HIS B 701 33.48 17.26 -51.13
N VAL B 702 33.44 17.26 -52.46
CA VAL B 702 33.47 16.03 -53.25
C VAL B 702 34.84 15.86 -53.93
N ASN B 703 35.18 14.60 -54.21
CA ASN B 703 36.47 14.23 -54.80
C ASN B 703 36.39 13.95 -56.29
N GLY B 704 35.22 13.82 -56.84
CA GLY B 704 35.07 13.20 -58.15
C GLY B 704 33.76 12.44 -58.16
N ASN B 705 33.43 11.89 -59.32
CA ASN B 705 32.12 11.30 -59.54
C ASN B 705 32.25 10.08 -60.44
N ARG B 706 31.16 9.34 -60.56
CA ARG B 706 31.06 8.20 -61.48
C ARG B 706 29.61 8.08 -61.94
N THR B 707 29.44 7.82 -63.23
CA THR B 707 28.15 7.40 -63.77
C THR B 707 28.10 5.88 -63.69
N VAL B 708 27.05 5.37 -63.06
CA VAL B 708 26.83 3.94 -62.86
C VAL B 708 25.40 3.62 -63.24
N GLN B 709 25.17 2.36 -63.64
CA GLN B 709 23.81 1.88 -63.91
C GLN B 709 23.58 0.64 -63.08
N PRO B 710 23.26 0.80 -61.80
CA PRO B 710 23.09 -0.37 -60.94
C PRO B 710 21.94 -1.24 -61.43
N LYS B 711 22.09 -2.55 -61.25
CA LYS B 711 21.00 -3.46 -61.56
C LYS B 711 19.84 -3.17 -60.61
N GLY B 712 18.67 -2.90 -61.18
CA GLY B 712 17.53 -2.42 -60.43
C GLY B 712 17.01 -1.06 -60.86
N VAL B 713 17.79 -0.29 -61.64
CA VAL B 713 17.42 1.06 -62.07
C VAL B 713 17.35 1.08 -63.58
N LYS B 714 16.40 1.84 -64.14
CA LYS B 714 16.29 1.93 -65.58
C LYS B 714 17.29 2.92 -66.19
N ASP B 715 17.62 3.99 -65.47
CA ASP B 715 18.47 5.05 -66.01
C ASP B 715 19.79 5.13 -65.26
N PRO B 716 20.85 5.52 -65.94
CA PRO B 716 22.13 5.73 -65.25
C PRO B 716 22.05 6.91 -64.31
N VAL B 717 22.88 6.89 -63.28
CA VAL B 717 22.84 7.89 -62.23
C VAL B 717 24.29 8.25 -61.90
N VAL B 718 24.49 9.46 -61.40
CA VAL B 718 25.82 9.93 -61.03
C VAL B 718 25.95 9.80 -59.52
N ILE B 719 27.02 9.15 -59.05
CA ILE B 719 27.33 9.09 -57.63
C ILE B 719 28.59 9.90 -57.37
N TRP B 720 28.71 10.40 -56.15
CA TRP B 720 29.73 11.39 -55.83
C TRP B 720 30.56 10.90 -54.65
N ASP B 721 31.88 11.05 -54.78
CA ASP B 721 32.81 10.66 -53.73
C ASP B 721 32.99 11.84 -52.78
N VAL B 722 32.75 11.60 -51.48
CA VAL B 722 32.82 12.65 -50.47
C VAL B 722 34.22 12.69 -49.87
N ALA B 723 34.79 13.90 -49.83
CA ALA B 723 36.07 14.14 -49.14
C ALA B 723 35.88 14.72 -47.75
N GLY B 724 34.78 15.43 -47.50
CA GLY B 724 34.62 16.08 -46.21
C GLY B 724 33.39 16.97 -46.20
N VAL B 725 33.16 17.55 -45.02
CA VAL B 725 32.10 18.53 -44.81
C VAL B 725 32.69 19.74 -44.09
N GLY B 726 32.19 20.92 -44.44
CA GLY B 726 32.75 22.15 -43.91
C GLY B 726 32.04 22.64 -42.67
N GLU B 727 31.75 23.95 -42.62
CA GLU B 727 31.13 24.55 -41.46
C GLU B 727 29.71 24.03 -41.27
N PRO B 728 29.31 23.66 -40.05
CA PRO B 728 30.10 23.80 -38.82
C PRO B 728 30.84 22.52 -38.40
N TYR B 729 30.88 21.53 -39.29
CA TYR B 729 31.47 20.24 -38.93
C TYR B 729 32.98 20.25 -39.05
N ASN B 730 33.52 20.86 -40.11
CA ASN B 730 34.96 20.88 -40.38
C ASN B 730 35.56 19.48 -40.29
N LEU B 731 34.93 18.53 -40.98
CA LEU B 731 35.34 17.14 -40.94
C LEU B 731 35.87 16.77 -42.32
N SER B 732 37.00 16.06 -42.34
CA SER B 732 37.69 15.74 -43.58
C SER B 732 38.30 14.35 -43.51
N LEU B 733 38.14 13.60 -44.60
CA LEU B 733 38.79 12.30 -44.71
C LEU B 733 40.27 12.47 -45.03
N ALA B 734 41.08 11.59 -44.46
CA ALA B 734 42.54 11.71 -44.61
C ALA B 734 42.97 11.25 -46.00
N VAL B 735 43.99 11.94 -46.54
CA VAL B 735 44.57 11.58 -47.83
C VAL B 735 46.10 11.64 -47.75
#